data_5E10
# 
_entry.id   5E10 
# 
_audit_conform.dict_name       mmcif_pdbx.dic 
_audit_conform.dict_version    5.387 
_audit_conform.dict_location   http://mmcif.pdb.org/dictionaries/ascii/mmcif_pdbx.dic 
# 
loop_
_database_2.database_id 
_database_2.database_code 
_database_2.pdbx_database_accession 
_database_2.pdbx_DOI 
PDB   5E10         pdb_00005e10 10.2210/pdb5e10/pdb 
WWPDB D_1000214034 ?            ?                   
# 
loop_
_pdbx_audit_revision_history.ordinal 
_pdbx_audit_revision_history.data_content_type 
_pdbx_audit_revision_history.major_revision 
_pdbx_audit_revision_history.minor_revision 
_pdbx_audit_revision_history.revision_date 
1 'Structure model' 1 0 2016-09-14 
2 'Structure model' 1 1 2016-09-21 
3 'Structure model' 1 2 2016-11-09 
4 'Structure model' 1 3 2017-09-13 
5 'Structure model' 1 4 2019-12-25 
6 'Structure model' 1 5 2024-03-06 
# 
_pdbx_audit_revision_details.ordinal             1 
_pdbx_audit_revision_details.revision_ordinal    1 
_pdbx_audit_revision_details.data_content_type   'Structure model' 
_pdbx_audit_revision_details.provider            repository 
_pdbx_audit_revision_details.type                'Initial release' 
_pdbx_audit_revision_details.description         ? 
_pdbx_audit_revision_details.details             ? 
# 
loop_
_pdbx_audit_revision_group.ordinal 
_pdbx_audit_revision_group.revision_ordinal 
_pdbx_audit_revision_group.data_content_type 
_pdbx_audit_revision_group.group 
1 2 'Structure model' 'Database references'        
2 3 'Structure model' 'Database references'        
3 4 'Structure model' 'Author supporting evidence' 
4 4 'Structure model' 'Database references'        
5 4 'Structure model' 'Derived calculations'       
6 5 'Structure model' 'Author supporting evidence' 
7 6 'Structure model' 'Data collection'            
8 6 'Structure model' 'Database references'        
# 
loop_
_pdbx_audit_revision_category.ordinal 
_pdbx_audit_revision_category.revision_ordinal 
_pdbx_audit_revision_category.data_content_type 
_pdbx_audit_revision_category.category 
1 4 'Structure model' citation              
2 4 'Structure model' pdbx_audit_support    
3 4 'Structure model' pdbx_struct_oper_list 
4 5 'Structure model' pdbx_audit_support    
5 6 'Structure model' chem_comp_atom        
6 6 'Structure model' chem_comp_bond        
7 6 'Structure model' database_2            
# 
loop_
_pdbx_audit_revision_item.ordinal 
_pdbx_audit_revision_item.revision_ordinal 
_pdbx_audit_revision_item.data_content_type 
_pdbx_audit_revision_item.item 
1 4 'Structure model' '_citation.journal_id_CSD'                  
2 4 'Structure model' '_pdbx_audit_support.funding_organization'  
3 4 'Structure model' '_pdbx_struct_oper_list.symmetry_operation' 
4 5 'Structure model' '_pdbx_audit_support.funding_organization'  
5 6 'Structure model' '_database_2.pdbx_DOI'                      
6 6 'Structure model' '_database_2.pdbx_database_accession'       
# 
_pdbx_database_status.status_code                     REL 
_pdbx_database_status.status_code_sf                  REL 
_pdbx_database_status.status_code_mr                  ? 
_pdbx_database_status.entry_id                        5E10 
_pdbx_database_status.recvd_initial_deposition_date   2015-09-29 
_pdbx_database_status.SG_entry                        Y 
_pdbx_database_status.deposit_site                    RCSB 
_pdbx_database_status.process_site                    RCSB 
_pdbx_database_status.status_code_cs                  ? 
_pdbx_database_status.methods_development_category    ? 
_pdbx_database_status.pdb_format_compatible           Y 
_pdbx_database_status.status_code_nmr_data            ? 
# 
loop_
_pdbx_database_related.db_name 
_pdbx_database_related.details 
_pdbx_database_related.db_id 
_pdbx_database_related.content_type 
PDB . 3ouv unspecified 
PDB . 5E0Y unspecified 
PDB . 5E0Z unspecified 
PDB . 5E12 unspecified 
# 
loop_
_audit_author.name 
_audit_author.pdbx_ordinal 
'Prigozhin, D.M.'                           1 
'TB Structural Genomics Consortium (TBSGC)' 2 
# 
_citation.abstract                  ? 
_citation.abstract_id_CAS           ? 
_citation.book_id_ISBN              ? 
_citation.book_publisher            ? 
_citation.book_publisher_city       ? 
_citation.book_title                ? 
_citation.coordinate_linkage        ? 
_citation.country                   US 
_citation.database_id_Medline       ? 
_citation.details                   ? 
_citation.id                        primary 
_citation.journal_abbrev            J.Biol.Chem. 
_citation.journal_id_ASTM           JBCHA3 
_citation.journal_id_CSD            0071 
_citation.journal_id_ISSN           1083-351X 
_citation.journal_full              ? 
_citation.journal_issue             ? 
_citation.journal_volume            291 
_citation.language                  ? 
_citation.page_first                22961 
_citation.page_last                 22969 
_citation.title                     
;Structural and Genetic Analyses of the Mycobacterium tuberculosis Protein Kinase B Sensor Domain Identify a Potential Ligand-binding Site.
;
_citation.year                      2016 
_citation.database_id_CSD           ? 
_citation.pdbx_database_id_DOI      10.1074/jbc.M116.731760 
_citation.pdbx_database_id_PubMed   27601474 
_citation.unpublished_flag          ? 
# 
loop_
_citation_author.citation_id 
_citation_author.name 
_citation_author.ordinal 
_citation_author.identifier_ORCID 
primary 'Prigozhin, D.M.'          1 ? 
primary 'Papavinasasundaram, K.G.' 2 ? 
primary 'Baer, C.E.'               3 ? 
primary 'Murphy, K.C.'             4 ? 
primary 'Moskaleva, A.'            5 ? 
primary 'Chen, T.Y.'               6 ? 
primary 'Alber, T.'                7 ? 
primary 'Sassetti, C.M.'           8 ? 
# 
loop_
_entity.id 
_entity.type 
_entity.src_method 
_entity.pdbx_description 
_entity.formula_weight 
_entity.pdbx_number_of_molecules 
_entity.pdbx_ec 
_entity.pdbx_mutation 
_entity.pdbx_fragment 
_entity.details 
1 polymer man 'Serine/threonine-protein kinase PknB' 13717.271 1   2.7.11.1 ? 'UNP residues 360-491' ? 
2 water   nat water                                  18.015    135 ?        ? ?                      ? 
# 
_entity_poly.entity_id                      1 
_entity_poly.type                           'polypeptide(L)' 
_entity_poly.nstd_linkage                   no 
_entity_poly.nstd_monomer                   no 
_entity_poly.pdbx_seq_one_letter_code       
;GVQVPDVRGQSSADAIATLQNRGFKIRTLQKPDSTIPPDHVIGTDPAANTSVSAGDEITVNVSTGPEQREIPDVSTLTYA
EAVKKLTAAGFGRFKQANSPSTPELVGKVIGTNPPANQTSAITNVVIIIVGSG
;
_entity_poly.pdbx_seq_one_letter_code_can   
;GVQVPDVRGQSSADAIATLQNRGFKIRTLQKPDSTIPPDHVIGTDPAANTSVSAGDEITVNVSTGPEQREIPDVSTLTYA
EAVKKLTAAGFGRFKQANSPSTPELVGKVIGTNPPANQTSAITNVVIIIVGSG
;
_entity_poly.pdbx_strand_id                 A 
_entity_poly.pdbx_target_identifier         ? 
# 
_pdbx_entity_nonpoly.entity_id   2 
_pdbx_entity_nonpoly.name        water 
_pdbx_entity_nonpoly.comp_id     HOH 
# 
loop_
_entity_poly_seq.entity_id 
_entity_poly_seq.num 
_entity_poly_seq.mon_id 
_entity_poly_seq.hetero 
1 1   GLY n 
1 2   VAL n 
1 3   GLN n 
1 4   VAL n 
1 5   PRO n 
1 6   ASP n 
1 7   VAL n 
1 8   ARG n 
1 9   GLY n 
1 10  GLN n 
1 11  SER n 
1 12  SER n 
1 13  ALA n 
1 14  ASP n 
1 15  ALA n 
1 16  ILE n 
1 17  ALA n 
1 18  THR n 
1 19  LEU n 
1 20  GLN n 
1 21  ASN n 
1 22  ARG n 
1 23  GLY n 
1 24  PHE n 
1 25  LYS n 
1 26  ILE n 
1 27  ARG n 
1 28  THR n 
1 29  LEU n 
1 30  GLN n 
1 31  LYS n 
1 32  PRO n 
1 33  ASP n 
1 34  SER n 
1 35  THR n 
1 36  ILE n 
1 37  PRO n 
1 38  PRO n 
1 39  ASP n 
1 40  HIS n 
1 41  VAL n 
1 42  ILE n 
1 43  GLY n 
1 44  THR n 
1 45  ASP n 
1 46  PRO n 
1 47  ALA n 
1 48  ALA n 
1 49  ASN n 
1 50  THR n 
1 51  SER n 
1 52  VAL n 
1 53  SER n 
1 54  ALA n 
1 55  GLY n 
1 56  ASP n 
1 57  GLU n 
1 58  ILE n 
1 59  THR n 
1 60  VAL n 
1 61  ASN n 
1 62  VAL n 
1 63  SER n 
1 64  THR n 
1 65  GLY n 
1 66  PRO n 
1 67  GLU n 
1 68  GLN n 
1 69  ARG n 
1 70  GLU n 
1 71  ILE n 
1 72  PRO n 
1 73  ASP n 
1 74  VAL n 
1 75  SER n 
1 76  THR n 
1 77  LEU n 
1 78  THR n 
1 79  TYR n 
1 80  ALA n 
1 81  GLU n 
1 82  ALA n 
1 83  VAL n 
1 84  LYS n 
1 85  LYS n 
1 86  LEU n 
1 87  THR n 
1 88  ALA n 
1 89  ALA n 
1 90  GLY n 
1 91  PHE n 
1 92  GLY n 
1 93  ARG n 
1 94  PHE n 
1 95  LYS n 
1 96  GLN n 
1 97  ALA n 
1 98  ASN n 
1 99  SER n 
1 100 PRO n 
1 101 SER n 
1 102 THR n 
1 103 PRO n 
1 104 GLU n 
1 105 LEU n 
1 106 VAL n 
1 107 GLY n 
1 108 LYS n 
1 109 VAL n 
1 110 ILE n 
1 111 GLY n 
1 112 THR n 
1 113 ASN n 
1 114 PRO n 
1 115 PRO n 
1 116 ALA n 
1 117 ASN n 
1 118 GLN n 
1 119 THR n 
1 120 SER n 
1 121 ALA n 
1 122 ILE n 
1 123 THR n 
1 124 ASN n 
1 125 VAL n 
1 126 VAL n 
1 127 ILE n 
1 128 ILE n 
1 129 ILE n 
1 130 VAL n 
1 131 GLY n 
1 132 SER n 
1 133 GLY n 
# 
_entity_src_gen.entity_id                          1 
_entity_src_gen.pdbx_src_id                        1 
_entity_src_gen.pdbx_alt_source_flag               sample 
_entity_src_gen.pdbx_seq_type                      'Biological sequence' 
_entity_src_gen.pdbx_beg_seq_num                   1 
_entity_src_gen.pdbx_end_seq_num                   133 
_entity_src_gen.gene_src_common_name               ? 
_entity_src_gen.gene_src_genus                     ? 
_entity_src_gen.pdbx_gene_src_gene                 'pknB, Rv0014c, MTCY10H4.14c' 
_entity_src_gen.gene_src_species                   ? 
_entity_src_gen.gene_src_strain                    'ATCC 25618 / H37Rv' 
_entity_src_gen.gene_src_tissue                    ? 
_entity_src_gen.gene_src_tissue_fraction           ? 
_entity_src_gen.gene_src_details                   ? 
_entity_src_gen.pdbx_gene_src_fragment             ? 
_entity_src_gen.pdbx_gene_src_scientific_name      'Mycobacterium tuberculosis (strain ATCC 25618 / H37Rv)' 
_entity_src_gen.pdbx_gene_src_ncbi_taxonomy_id     83332 
_entity_src_gen.pdbx_gene_src_variant              ? 
_entity_src_gen.pdbx_gene_src_cell_line            ? 
_entity_src_gen.pdbx_gene_src_atcc                 ? 
_entity_src_gen.pdbx_gene_src_organ                ? 
_entity_src_gen.pdbx_gene_src_organelle            ? 
_entity_src_gen.pdbx_gene_src_cell                 ? 
_entity_src_gen.pdbx_gene_src_cellular_location    ? 
_entity_src_gen.host_org_common_name               ? 
_entity_src_gen.pdbx_host_org_scientific_name      'Escherichia coli' 
_entity_src_gen.pdbx_host_org_ncbi_taxonomy_id     562 
_entity_src_gen.host_org_genus                     ? 
_entity_src_gen.pdbx_host_org_gene                 ? 
_entity_src_gen.pdbx_host_org_organ                ? 
_entity_src_gen.host_org_species                   ? 
_entity_src_gen.pdbx_host_org_tissue               ? 
_entity_src_gen.pdbx_host_org_tissue_fraction      ? 
_entity_src_gen.pdbx_host_org_strain               ? 
_entity_src_gen.pdbx_host_org_variant              ? 
_entity_src_gen.pdbx_host_org_cell_line            ? 
_entity_src_gen.pdbx_host_org_atcc                 ? 
_entity_src_gen.pdbx_host_org_culture_collection   ? 
_entity_src_gen.pdbx_host_org_cell                 ? 
_entity_src_gen.pdbx_host_org_organelle            ? 
_entity_src_gen.pdbx_host_org_cellular_location    ? 
_entity_src_gen.pdbx_host_org_vector_type          ? 
_entity_src_gen.pdbx_host_org_vector               ? 
_entity_src_gen.host_org_details                   ? 
_entity_src_gen.expression_system_id               ? 
_entity_src_gen.plasmid_name                       ? 
_entity_src_gen.plasmid_details                    ? 
_entity_src_gen.pdbx_description                   ? 
# 
loop_
_chem_comp.id 
_chem_comp.type 
_chem_comp.mon_nstd_flag 
_chem_comp.name 
_chem_comp.pdbx_synonyms 
_chem_comp.formula 
_chem_comp.formula_weight 
ALA 'L-peptide linking' y ALANINE         ? 'C3 H7 N O2'     89.093  
ARG 'L-peptide linking' y ARGININE        ? 'C6 H15 N4 O2 1' 175.209 
ASN 'L-peptide linking' y ASPARAGINE      ? 'C4 H8 N2 O3'    132.118 
ASP 'L-peptide linking' y 'ASPARTIC ACID' ? 'C4 H7 N O4'     133.103 
GLN 'L-peptide linking' y GLUTAMINE       ? 'C5 H10 N2 O3'   146.144 
GLU 'L-peptide linking' y 'GLUTAMIC ACID' ? 'C5 H9 N O4'     147.129 
GLY 'peptide linking'   y GLYCINE         ? 'C2 H5 N O2'     75.067  
HIS 'L-peptide linking' y HISTIDINE       ? 'C6 H10 N3 O2 1' 156.162 
HOH non-polymer         . WATER           ? 'H2 O'           18.015  
ILE 'L-peptide linking' y ISOLEUCINE      ? 'C6 H13 N O2'    131.173 
LEU 'L-peptide linking' y LEUCINE         ? 'C6 H13 N O2'    131.173 
LYS 'L-peptide linking' y LYSINE          ? 'C6 H15 N2 O2 1' 147.195 
PHE 'L-peptide linking' y PHENYLALANINE   ? 'C9 H11 N O2'    165.189 
PRO 'L-peptide linking' y PROLINE         ? 'C5 H9 N O2'     115.130 
SER 'L-peptide linking' y SERINE          ? 'C3 H7 N O3'     105.093 
THR 'L-peptide linking' y THREONINE       ? 'C4 H9 N O3'     119.119 
TYR 'L-peptide linking' y TYROSINE        ? 'C9 H11 N O3'    181.189 
VAL 'L-peptide linking' y VALINE          ? 'C5 H11 N O2'    117.146 
# 
loop_
_pdbx_poly_seq_scheme.asym_id 
_pdbx_poly_seq_scheme.entity_id 
_pdbx_poly_seq_scheme.seq_id 
_pdbx_poly_seq_scheme.mon_id 
_pdbx_poly_seq_scheme.ndb_seq_num 
_pdbx_poly_seq_scheme.pdb_seq_num 
_pdbx_poly_seq_scheme.auth_seq_num 
_pdbx_poly_seq_scheme.pdb_mon_id 
_pdbx_poly_seq_scheme.auth_mon_id 
_pdbx_poly_seq_scheme.pdb_strand_id 
_pdbx_poly_seq_scheme.pdb_ins_code 
_pdbx_poly_seq_scheme.hetero 
A 1 1   GLY 1   359 359 GLY GLY A . n 
A 1 2   VAL 2   360 360 VAL VAL A . n 
A 1 3   GLN 3   361 361 GLN GLN A . n 
A 1 4   VAL 4   362 362 VAL VAL A . n 
A 1 5   PRO 5   363 363 PRO PRO A . n 
A 1 6   ASP 6   364 364 ASP ASP A . n 
A 1 7   VAL 7   365 365 VAL VAL A . n 
A 1 8   ARG 8   366 366 ARG ARG A . n 
A 1 9   GLY 9   367 367 GLY GLY A . n 
A 1 10  GLN 10  368 368 GLN GLN A . n 
A 1 11  SER 11  369 369 SER SER A . n 
A 1 12  SER 12  370 370 SER SER A . n 
A 1 13  ALA 13  371 371 ALA ALA A . n 
A 1 14  ASP 14  372 372 ASP ASP A . n 
A 1 15  ALA 15  373 373 ALA ALA A . n 
A 1 16  ILE 16  374 374 ILE ILE A . n 
A 1 17  ALA 17  375 375 ALA ALA A . n 
A 1 18  THR 18  376 376 THR THR A . n 
A 1 19  LEU 19  377 377 LEU LEU A . n 
A 1 20  GLN 20  378 378 GLN GLN A . n 
A 1 21  ASN 21  379 379 ASN ASN A . n 
A 1 22  ARG 22  380 380 ARG ARG A . n 
A 1 23  GLY 23  381 381 GLY GLY A . n 
A 1 24  PHE 24  382 382 PHE PHE A . n 
A 1 25  LYS 25  383 383 LYS LYS A . n 
A 1 26  ILE 26  384 384 ILE ILE A . n 
A 1 27  ARG 27  385 385 ARG ARG A . n 
A 1 28  THR 28  386 386 THR THR A . n 
A 1 29  LEU 29  387 387 LEU LEU A . n 
A 1 30  GLN 30  388 388 GLN GLN A . n 
A 1 31  LYS 31  389 389 LYS LYS A . n 
A 1 32  PRO 32  390 390 PRO PRO A . n 
A 1 33  ASP 33  391 391 ASP ASP A . n 
A 1 34  SER 34  392 392 SER SER A . n 
A 1 35  THR 35  393 393 THR THR A . n 
A 1 36  ILE 36  394 394 ILE ILE A . n 
A 1 37  PRO 37  395 395 PRO PRO A . n 
A 1 38  PRO 38  396 396 PRO PRO A . n 
A 1 39  ASP 39  397 397 ASP ASP A . n 
A 1 40  HIS 40  398 398 HIS HIS A . n 
A 1 41  VAL 41  399 399 VAL VAL A . n 
A 1 42  ILE 42  400 400 ILE ILE A . n 
A 1 43  GLY 43  401 401 GLY GLY A . n 
A 1 44  THR 44  402 402 THR THR A . n 
A 1 45  ASP 45  403 403 ASP ASP A . n 
A 1 46  PRO 46  404 404 PRO PRO A . n 
A 1 47  ALA 47  405 405 ALA ALA A . n 
A 1 48  ALA 48  406 406 ALA ALA A . n 
A 1 49  ASN 49  407 407 ASN ASN A . n 
A 1 50  THR 50  408 408 THR THR A . n 
A 1 51  SER 51  409 409 SER SER A . n 
A 1 52  VAL 52  410 410 VAL VAL A . n 
A 1 53  SER 53  411 411 SER SER A . n 
A 1 54  ALA 54  412 412 ALA ALA A . n 
A 1 55  GLY 55  413 413 GLY GLY A . n 
A 1 56  ASP 56  414 414 ASP ASP A . n 
A 1 57  GLU 57  415 415 GLU GLU A . n 
A 1 58  ILE 58  416 416 ILE ILE A . n 
A 1 59  THR 59  417 417 THR THR A . n 
A 1 60  VAL 60  418 418 VAL VAL A . n 
A 1 61  ASN 61  419 419 ASN ASN A . n 
A 1 62  VAL 62  420 420 VAL VAL A . n 
A 1 63  SER 63  421 421 SER SER A . n 
A 1 64  THR 64  422 422 THR THR A . n 
A 1 65  GLY 65  423 423 GLY GLY A . n 
A 1 66  PRO 66  424 424 PRO PRO A . n 
A 1 67  GLU 67  425 425 GLU GLU A . n 
A 1 68  GLN 68  426 426 GLN GLN A . n 
A 1 69  ARG 69  427 427 ARG ARG A . n 
A 1 70  GLU 70  428 428 GLU GLU A . n 
A 1 71  ILE 71  429 429 ILE ILE A . n 
A 1 72  PRO 72  430 430 PRO PRO A . n 
A 1 73  ASP 73  431 431 ASP ASP A . n 
A 1 74  VAL 74  432 432 VAL VAL A . n 
A 1 75  SER 75  433 433 SER SER A . n 
A 1 76  THR 76  434 434 THR THR A . n 
A 1 77  LEU 77  435 435 LEU LEU A . n 
A 1 78  THR 78  436 436 THR THR A . n 
A 1 79  TYR 79  437 437 TYR TYR A . n 
A 1 80  ALA 80  438 438 ALA ALA A . n 
A 1 81  GLU 81  439 439 GLU GLU A . n 
A 1 82  ALA 82  440 440 ALA ALA A . n 
A 1 83  VAL 83  441 441 VAL VAL A . n 
A 1 84  LYS 84  442 442 LYS LYS A . n 
A 1 85  LYS 85  443 443 LYS LYS A . n 
A 1 86  LEU 86  444 444 LEU LEU A . n 
A 1 87  THR 87  445 445 THR THR A . n 
A 1 88  ALA 88  446 446 ALA ALA A . n 
A 1 89  ALA 89  447 447 ALA ALA A . n 
A 1 90  GLY 90  448 448 GLY GLY A . n 
A 1 91  PHE 91  449 449 PHE PHE A . n 
A 1 92  GLY 92  450 450 GLY GLY A . n 
A 1 93  ARG 93  451 451 ARG ARG A . n 
A 1 94  PHE 94  452 452 PHE PHE A . n 
A 1 95  LYS 95  453 453 LYS LYS A . n 
A 1 96  GLN 96  454 454 GLN GLN A . n 
A 1 97  ALA 97  455 455 ALA ALA A . n 
A 1 98  ASN 98  456 456 ASN ASN A . n 
A 1 99  SER 99  457 457 SER SER A . n 
A 1 100 PRO 100 458 458 PRO PRO A . n 
A 1 101 SER 101 459 459 SER SER A . n 
A 1 102 THR 102 460 460 THR THR A . n 
A 1 103 PRO 103 461 461 PRO PRO A . n 
A 1 104 GLU 104 462 462 GLU GLU A . n 
A 1 105 LEU 105 463 463 LEU LEU A . n 
A 1 106 VAL 106 464 464 VAL VAL A . n 
A 1 107 GLY 107 465 465 GLY GLY A . n 
A 1 108 LYS 108 466 466 LYS LYS A . n 
A 1 109 VAL 109 467 467 VAL VAL A . n 
A 1 110 ILE 110 468 468 ILE ILE A . n 
A 1 111 GLY 111 469 469 GLY GLY A . n 
A 1 112 THR 112 470 470 THR THR A . n 
A 1 113 ASN 113 471 471 ASN ASN A . n 
A 1 114 PRO 114 472 472 PRO PRO A . n 
A 1 115 PRO 115 473 473 PRO PRO A . n 
A 1 116 ALA 116 474 474 ALA ALA A . n 
A 1 117 ASN 117 475 475 ASN ASN A . n 
A 1 118 GLN 118 476 476 GLN GLN A . n 
A 1 119 THR 119 477 477 THR THR A . n 
A 1 120 SER 120 478 478 SER SER A . n 
A 1 121 ALA 121 479 479 ALA ALA A . n 
A 1 122 ILE 122 480 480 ILE ILE A . n 
A 1 123 THR 123 481 481 THR THR A . n 
A 1 124 ASN 124 482 482 ASN ASN A . n 
A 1 125 VAL 125 483 483 VAL VAL A . n 
A 1 126 VAL 126 484 484 VAL VAL A . n 
A 1 127 ILE 127 485 485 ILE ILE A . n 
A 1 128 ILE 128 486 486 ILE ILE A . n 
A 1 129 ILE 129 487 487 ILE ILE A . n 
A 1 130 VAL 130 488 488 VAL VAL A . n 
A 1 131 GLY 131 489 489 GLY GLY A . n 
A 1 132 SER 132 490 490 SER SER A . n 
A 1 133 GLY 133 491 491 GLY GLY A . n 
# 
loop_
_pdbx_nonpoly_scheme.asym_id 
_pdbx_nonpoly_scheme.entity_id 
_pdbx_nonpoly_scheme.mon_id 
_pdbx_nonpoly_scheme.ndb_seq_num 
_pdbx_nonpoly_scheme.pdb_seq_num 
_pdbx_nonpoly_scheme.auth_seq_num 
_pdbx_nonpoly_scheme.pdb_mon_id 
_pdbx_nonpoly_scheme.auth_mon_id 
_pdbx_nonpoly_scheme.pdb_strand_id 
_pdbx_nonpoly_scheme.pdb_ins_code 
B 2 HOH 1   501 62  HOH HOH A . 
B 2 HOH 2   502 77  HOH HOH A . 
B 2 HOH 3   503 81  HOH HOH A . 
B 2 HOH 4   504 1   HOH HOH A . 
B 2 HOH 5   505 10  HOH HOH A . 
B 2 HOH 6   506 61  HOH HOH A . 
B 2 HOH 7   507 42  HOH HOH A . 
B 2 HOH 8   508 39  HOH HOH A . 
B 2 HOH 9   509 7   HOH HOH A . 
B 2 HOH 10  510 57  HOH HOH A . 
B 2 HOH 11  511 59  HOH HOH A . 
B 2 HOH 12  512 102 HOH HOH A . 
B 2 HOH 13  513 22  HOH HOH A . 
B 2 HOH 14  514 38  HOH HOH A . 
B 2 HOH 15  515 26  HOH HOH A . 
B 2 HOH 16  516 8   HOH HOH A . 
B 2 HOH 17  517 27  HOH HOH A . 
B 2 HOH 18  518 36  HOH HOH A . 
B 2 HOH 19  519 93  HOH HOH A . 
B 2 HOH 20  520 30  HOH HOH A . 
B 2 HOH 21  521 88  HOH HOH A . 
B 2 HOH 22  522 46  HOH HOH A . 
B 2 HOH 23  523 3   HOH HOH A . 
B 2 HOH 24  524 23  HOH HOH A . 
B 2 HOH 25  525 33  HOH HOH A . 
B 2 HOH 26  526 51  HOH HOH A . 
B 2 HOH 27  527 21  HOH HOH A . 
B 2 HOH 28  528 17  HOH HOH A . 
B 2 HOH 29  529 25  HOH HOH A . 
B 2 HOH 30  530 2   HOH HOH A . 
B 2 HOH 31  531 31  HOH HOH A . 
B 2 HOH 32  532 4   HOH HOH A . 
B 2 HOH 33  533 53  HOH HOH A . 
B 2 HOH 34  534 37  HOH HOH A . 
B 2 HOH 35  535 40  HOH HOH A . 
B 2 HOH 36  536 86  HOH HOH A . 
B 2 HOH 37  537 11  HOH HOH A . 
B 2 HOH 38  538 131 HOH HOH A . 
B 2 HOH 39  539 103 HOH HOH A . 
B 2 HOH 40  540 13  HOH HOH A . 
B 2 HOH 41  541 91  HOH HOH A . 
B 2 HOH 42  542 65  HOH HOH A . 
B 2 HOH 43  543 19  HOH HOH A . 
B 2 HOH 44  544 55  HOH HOH A . 
B 2 HOH 45  545 15  HOH HOH A . 
B 2 HOH 46  546 50  HOH HOH A . 
B 2 HOH 47  547 69  HOH HOH A . 
B 2 HOH 48  548 127 HOH HOH A . 
B 2 HOH 49  549 94  HOH HOH A . 
B 2 HOH 50  550 85  HOH HOH A . 
B 2 HOH 51  551 110 HOH HOH A . 
B 2 HOH 52  552 122 HOH HOH A . 
B 2 HOH 53  553 90  HOH HOH A . 
B 2 HOH 54  554 67  HOH HOH A . 
B 2 HOH 55  555 29  HOH HOH A . 
B 2 HOH 56  556 52  HOH HOH A . 
B 2 HOH 57  557 14  HOH HOH A . 
B 2 HOH 58  558 49  HOH HOH A . 
B 2 HOH 59  559 100 HOH HOH A . 
B 2 HOH 60  560 73  HOH HOH A . 
B 2 HOH 61  561 12  HOH HOH A . 
B 2 HOH 62  562 121 HOH HOH A . 
B 2 HOH 63  563 66  HOH HOH A . 
B 2 HOH 64  564 70  HOH HOH A . 
B 2 HOH 65  565 24  HOH HOH A . 
B 2 HOH 66  566 9   HOH HOH A . 
B 2 HOH 67  567 97  HOH HOH A . 
B 2 HOH 68  568 134 HOH HOH A . 
B 2 HOH 69  569 99  HOH HOH A . 
B 2 HOH 70  570 16  HOH HOH A . 
B 2 HOH 71  571 44  HOH HOH A . 
B 2 HOH 72  572 20  HOH HOH A . 
B 2 HOH 73  573 80  HOH HOH A . 
B 2 HOH 74  574 28  HOH HOH A . 
B 2 HOH 75  575 47  HOH HOH A . 
B 2 HOH 76  576 32  HOH HOH A . 
B 2 HOH 77  577 41  HOH HOH A . 
B 2 HOH 78  578 95  HOH HOH A . 
B 2 HOH 79  579 75  HOH HOH A . 
B 2 HOH 80  580 112 HOH HOH A . 
B 2 HOH 81  581 60  HOH HOH A . 
B 2 HOH 82  582 133 HOH HOH A . 
B 2 HOH 83  583 125 HOH HOH A . 
B 2 HOH 84  584 68  HOH HOH A . 
B 2 HOH 85  585 35  HOH HOH A . 
B 2 HOH 86  586 34  HOH HOH A . 
B 2 HOH 87  587 18  HOH HOH A . 
B 2 HOH 88  588 56  HOH HOH A . 
B 2 HOH 89  589 123 HOH HOH A . 
B 2 HOH 90  590 114 HOH HOH A . 
B 2 HOH 91  591 117 HOH HOH A . 
B 2 HOH 92  592 63  HOH HOH A . 
B 2 HOH 93  593 48  HOH HOH A . 
B 2 HOH 94  594 5   HOH HOH A . 
B 2 HOH 95  595 126 HOH HOH A . 
B 2 HOH 96  596 6   HOH HOH A . 
B 2 HOH 97  597 106 HOH HOH A . 
B 2 HOH 98  598 58  HOH HOH A . 
B 2 HOH 99  599 45  HOH HOH A . 
B 2 HOH 100 600 118 HOH HOH A . 
B 2 HOH 101 601 129 HOH HOH A . 
B 2 HOH 102 602 101 HOH HOH A . 
B 2 HOH 103 603 83  HOH HOH A . 
B 2 HOH 104 604 98  HOH HOH A . 
B 2 HOH 105 605 89  HOH HOH A . 
B 2 HOH 106 606 78  HOH HOH A . 
B 2 HOH 107 607 136 HOH HOH A . 
B 2 HOH 108 608 124 HOH HOH A . 
B 2 HOH 109 609 79  HOH HOH A . 
B 2 HOH 110 610 104 HOH HOH A . 
B 2 HOH 111 611 119 HOH HOH A . 
B 2 HOH 112 612 92  HOH HOH A . 
B 2 HOH 113 613 107 HOH HOH A . 
B 2 HOH 114 614 76  HOH HOH A . 
B 2 HOH 115 615 115 HOH HOH A . 
B 2 HOH 116 616 130 HOH HOH A . 
B 2 HOH 117 617 43  HOH HOH A . 
B 2 HOH 118 618 64  HOH HOH A . 
B 2 HOH 119 619 116 HOH HOH A . 
B 2 HOH 120 620 105 HOH HOH A . 
B 2 HOH 121 621 132 HOH HOH A . 
B 2 HOH 122 622 109 HOH HOH A . 
B 2 HOH 123 623 74  HOH HOH A . 
B 2 HOH 124 624 71  HOH HOH A . 
B 2 HOH 125 625 54  HOH HOH A . 
B 2 HOH 126 626 96  HOH HOH A . 
B 2 HOH 127 627 113 HOH HOH A . 
B 2 HOH 128 628 135 HOH HOH A . 
B 2 HOH 129 629 87  HOH HOH A . 
B 2 HOH 130 630 108 HOH HOH A . 
B 2 HOH 131 631 82  HOH HOH A . 
B 2 HOH 132 632 128 HOH HOH A . 
B 2 HOH 133 633 84  HOH HOH A . 
B 2 HOH 134 634 111 HOH HOH A . 
B 2 HOH 135 635 120 HOH HOH A . 
# 
loop_
_software.citation_id 
_software.classification 
_software.compiler_name 
_software.compiler_version 
_software.contact_author 
_software.contact_author_email 
_software.date 
_software.description 
_software.dependencies 
_software.hardware 
_software.language 
_software.location 
_software.mods 
_software.name 
_software.os 
_software.os_version 
_software.type 
_software.version 
_software.pdbx_ordinal 
? 'data reduction'  ? ? ? ? ? ? ? ? ? ? ? HKL-2000    ? ? ? .        1 
? 'data scaling'    ? ? ? ? ? ? ? ? ? ? ? HKL-2000    ? ? ? .        2 
? phasing           ? ? ? ? ? ? ? ? ? ? ? PHASER      ? ? ? .        3 
? refinement        ? ? ? ? ? ? ? ? ? ? ? PHENIX      ? ? ? 1.9_1692 4 
? 'data extraction' ? ? ? ? ? ? ? ? ? ? ? PDB_EXTRACT ? ? ? 3.15     5 
# 
_cell.angle_alpha                  90.000 
_cell.angle_alpha_esd              ? 
_cell.angle_beta                   106.280 
_cell.angle_beta_esd               ? 
_cell.angle_gamma                  90.000 
_cell.angle_gamma_esd              ? 
_cell.entry_id                     5E10 
_cell.details                      ? 
_cell.formula_units_Z              ? 
_cell.length_a                     80.721 
_cell.length_a_esd                 ? 
_cell.length_b                     43.163 
_cell.length_b_esd                 ? 
_cell.length_c                     43.749 
_cell.length_c_esd                 ? 
_cell.volume                       ? 
_cell.volume_esd                   ? 
_cell.Z_PDB                        4 
_cell.reciprocal_angle_alpha       ? 
_cell.reciprocal_angle_beta        ? 
_cell.reciprocal_angle_gamma       ? 
_cell.reciprocal_angle_alpha_esd   ? 
_cell.reciprocal_angle_beta_esd    ? 
_cell.reciprocal_angle_gamma_esd   ? 
_cell.reciprocal_length_a          ? 
_cell.reciprocal_length_b          ? 
_cell.reciprocal_length_c          ? 
_cell.reciprocal_length_a_esd      ? 
_cell.reciprocal_length_b_esd      ? 
_cell.reciprocal_length_c_esd      ? 
_cell.pdbx_unique_axis             ? 
# 
_symmetry.entry_id                         5E10 
_symmetry.cell_setting                     ? 
_symmetry.Int_Tables_number                5 
_symmetry.space_group_name_Hall            ? 
_symmetry.space_group_name_H-M             'C 1 2 1' 
_symmetry.pdbx_full_space_group_name_H-M   ? 
# 
_exptl.absorpt_coefficient_mu     ? 
_exptl.absorpt_correction_T_max   ? 
_exptl.absorpt_correction_T_min   ? 
_exptl.absorpt_correction_type    ? 
_exptl.absorpt_process_details    ? 
_exptl.entry_id                   5E10 
_exptl.crystals_number            1 
_exptl.details                    ? 
_exptl.method                     'X-RAY DIFFRACTION' 
_exptl.method_details             ? 
# 
_exptl_crystal.colour                      ? 
_exptl_crystal.density_diffrn              ? 
_exptl_crystal.density_Matthews            2.67 
_exptl_crystal.density_method              ? 
_exptl_crystal.density_percent_sol         53.87 
_exptl_crystal.description                 ? 
_exptl_crystal.F_000                       ? 
_exptl_crystal.id                          1 
_exptl_crystal.preparation                 ? 
_exptl_crystal.size_max                    ? 
_exptl_crystal.size_mid                    ? 
_exptl_crystal.size_min                    ? 
_exptl_crystal.size_rad                    ? 
_exptl_crystal.colour_lustre               ? 
_exptl_crystal.colour_modifier             ? 
_exptl_crystal.colour_primary              ? 
_exptl_crystal.density_meas                ? 
_exptl_crystal.density_meas_esd            ? 
_exptl_crystal.density_meas_gt             ? 
_exptl_crystal.density_meas_lt             ? 
_exptl_crystal.density_meas_temp           ? 
_exptl_crystal.density_meas_temp_esd       ? 
_exptl_crystal.density_meas_temp_gt        ? 
_exptl_crystal.density_meas_temp_lt        ? 
_exptl_crystal.pdbx_crystal_image_url      ? 
_exptl_crystal.pdbx_crystal_image_format   ? 
_exptl_crystal.pdbx_mosaicity              ? 
_exptl_crystal.pdbx_mosaicity_esd          ? 
# 
_exptl_crystal_grow.apparatus       ? 
_exptl_crystal_grow.atmosphere      ? 
_exptl_crystal_grow.crystal_id      1 
_exptl_crystal_grow.details         ? 
_exptl_crystal_grow.method          'VAPOR DIFFUSION' 
_exptl_crystal_grow.method_ref      ? 
_exptl_crystal_grow.pH              ? 
_exptl_crystal_grow.pressure        ? 
_exptl_crystal_grow.pressure_esd    ? 
_exptl_crystal_grow.seeding         ? 
_exptl_crystal_grow.seeding_ref     ? 
_exptl_crystal_grow.temp            291 
_exptl_crystal_grow.temp_details    ? 
_exptl_crystal_grow.temp_esd        ? 
_exptl_crystal_grow.time            ? 
_exptl_crystal_grow.pdbx_details    '0.1 M CHES pH 9.5, 30% isopropanol, 30% PEG 3350' 
_exptl_crystal_grow.pdbx_pH_range   ? 
# 
_diffrn.ambient_environment    ? 
_diffrn.ambient_temp           100 
_diffrn.ambient_temp_details   ? 
_diffrn.ambient_temp_esd       ? 
_diffrn.crystal_id             1 
_diffrn.crystal_support        ? 
_diffrn.crystal_treatment      ? 
_diffrn.details                ? 
_diffrn.id                     1 
_diffrn.ambient_pressure       ? 
_diffrn.ambient_pressure_esd   ? 
_diffrn.ambient_pressure_gt    ? 
_diffrn.ambient_pressure_lt    ? 
_diffrn.ambient_temp_gt        ? 
_diffrn.ambient_temp_lt        ? 
# 
_diffrn_detector.details                      ? 
_diffrn_detector.detector                     CCD 
_diffrn_detector.diffrn_id                    1 
_diffrn_detector.type                         'ADSC QUANTUM 315r' 
_diffrn_detector.area_resol_mean              ? 
_diffrn_detector.dtime                        ? 
_diffrn_detector.pdbx_frames_total            ? 
_diffrn_detector.pdbx_collection_time_total   ? 
_diffrn_detector.pdbx_collection_date         2011-08-27 
# 
_diffrn_radiation.collimation                      ? 
_diffrn_radiation.diffrn_id                        1 
_diffrn_radiation.filter_edge                      ? 
_diffrn_radiation.inhomogeneity                    ? 
_diffrn_radiation.monochromator                    'Double flat crystal, Si(111)' 
_diffrn_radiation.polarisn_norm                    ? 
_diffrn_radiation.polarisn_ratio                   ? 
_diffrn_radiation.probe                            ? 
_diffrn_radiation.type                             ? 
_diffrn_radiation.xray_symbol                      ? 
_diffrn_radiation.wavelength_id                    1 
_diffrn_radiation.pdbx_monochromatic_or_laue_m_l   M 
_diffrn_radiation.pdbx_wavelength_list             ? 
_diffrn_radiation.pdbx_wavelength                  ? 
_diffrn_radiation.pdbx_diffrn_protocol             'SINGLE WAVELENGTH' 
_diffrn_radiation.pdbx_analyzer                    ? 
_diffrn_radiation.pdbx_scattering_type             x-ray 
# 
_diffrn_radiation_wavelength.id           1 
_diffrn_radiation_wavelength.wavelength   1.116 
_diffrn_radiation_wavelength.wt           1.0 
# 
_diffrn_source.current                     ? 
_diffrn_source.details                     ? 
_diffrn_source.diffrn_id                   1 
_diffrn_source.power                       ? 
_diffrn_source.size                        ? 
_diffrn_source.source                      SYNCHROTRON 
_diffrn_source.target                      ? 
_diffrn_source.type                        'ALS BEAMLINE 8.3.1' 
_diffrn_source.voltage                     ? 
_diffrn_source.take-off_angle              ? 
_diffrn_source.pdbx_wavelength_list        1.116 
_diffrn_source.pdbx_wavelength             ? 
_diffrn_source.pdbx_synchrotron_beamline   8.3.1 
_diffrn_source.pdbx_synchrotron_site       ALS 
# 
_reflns.B_iso_Wilson_estimate            20.280 
_reflns.entry_id                         5E10 
_reflns.data_reduction_details           ? 
_reflns.data_reduction_method            ? 
_reflns.d_resolution_high                1.800 
_reflns.d_resolution_low                 41.995 
_reflns.details                          ? 
_reflns.limit_h_max                      ? 
_reflns.limit_h_min                      ? 
_reflns.limit_k_max                      ? 
_reflns.limit_k_min                      ? 
_reflns.limit_l_max                      ? 
_reflns.limit_l_min                      ? 
_reflns.number_all                       ? 
_reflns.number_obs                       13502 
_reflns.observed_criterion               ? 
_reflns.observed_criterion_F_max         ? 
_reflns.observed_criterion_F_min         ? 
_reflns.observed_criterion_I_max         ? 
_reflns.observed_criterion_I_min         ? 
_reflns.observed_criterion_sigma_F       ? 
_reflns.observed_criterion_sigma_I       ? 
_reflns.percent_possible_obs             100.000 
_reflns.R_free_details                   ? 
_reflns.Rmerge_F_all                     ? 
_reflns.Rmerge_F_obs                     ? 
_reflns.Friedel_coverage                 ? 
_reflns.number_gt                        ? 
_reflns.threshold_expression             ? 
_reflns.pdbx_redundancy                  3.900 
_reflns.pdbx_Rmerge_I_obs                0.090 
_reflns.pdbx_Rmerge_I_all                ? 
_reflns.pdbx_Rsym_value                  ? 
_reflns.pdbx_netI_over_av_sigmaI         14.797 
_reflns.pdbx_netI_over_sigmaI            7.300 
_reflns.pdbx_res_netI_over_av_sigmaI_2   ? 
_reflns.pdbx_res_netI_over_sigmaI_2      ? 
_reflns.pdbx_chi_squared                 0.980 
_reflns.pdbx_scaling_rejects             ? 
_reflns.pdbx_d_res_high_opt              ? 
_reflns.pdbx_d_res_low_opt               ? 
_reflns.pdbx_d_res_opt_method            ? 
_reflns.phase_calculation_details        ? 
_reflns.pdbx_Rrim_I_all                  ? 
_reflns.pdbx_Rpim_I_all                  ? 
_reflns.pdbx_d_opt                       ? 
_reflns.pdbx_number_measured_all         52681 
_reflns.pdbx_diffrn_id                   1 
_reflns.pdbx_ordinal                     1 
_reflns.pdbx_CC_half                     ? 
_reflns.pdbx_R_split                     ? 
# 
loop_
_reflns_shell.d_res_high 
_reflns_shell.d_res_low 
_reflns_shell.meanI_over_sigI_all 
_reflns_shell.meanI_over_sigI_obs 
_reflns_shell.number_measured_all 
_reflns_shell.number_measured_obs 
_reflns_shell.number_possible 
_reflns_shell.number_unique_all 
_reflns_shell.number_unique_obs 
_reflns_shell.percent_possible_all 
_reflns_shell.percent_possible_obs 
_reflns_shell.Rmerge_F_all 
_reflns_shell.Rmerge_F_obs 
_reflns_shell.Rmerge_I_all 
_reflns_shell.Rmerge_I_obs 
_reflns_shell.meanI_over_sigI_gt 
_reflns_shell.meanI_over_uI_all 
_reflns_shell.meanI_over_uI_gt 
_reflns_shell.number_measured_gt 
_reflns_shell.number_unique_gt 
_reflns_shell.percent_possible_gt 
_reflns_shell.Rmerge_F_gt 
_reflns_shell.Rmerge_I_gt 
_reflns_shell.pdbx_redundancy 
_reflns_shell.pdbx_Rsym_value 
_reflns_shell.pdbx_chi_squared 
_reflns_shell.pdbx_netI_over_sigmaI_all 
_reflns_shell.pdbx_netI_over_sigmaI_obs 
_reflns_shell.pdbx_Rrim_I_all 
_reflns_shell.pdbx_Rpim_I_all 
_reflns_shell.pdbx_rejects 
_reflns_shell.pdbx_ordinal 
_reflns_shell.pdbx_diffrn_id 
_reflns_shell.pdbx_CC_half 
_reflns_shell.pdbx_R_split 
1.800 1.860  ? ? ? ? ? 1345 ? 100.000 ? ? ? ? 0.571 ? ? ? ? ? ? ? ? 3.900 ? 0.763 ? ? ? ? 0 1  1 ? ? 
1.860 1.940  ? ? ? ? ? 1328 ? 100.000 ? ? ? ? 0.437 ? ? ? ? ? ? ? ? 3.900 ? 0.905 ? ? ? ? 0 2  1 ? ? 
1.940 2.030  ? ? ? ? ? 1341 ? 100.000 ? ? ? ? 0.323 ? ? ? ? ? ? ? ? 3.900 ? 1.037 ? ? ? ? 0 3  1 ? ? 
2.030 2.130  ? ? ? ? ? 1328 ? 100.000 ? ? ? ? 0.238 ? ? ? ? ? ? ? ? 3.900 ? 1.020 ? ? ? ? 0 4  1 ? ? 
2.130 2.270  ? ? ? ? ? 1373 ? 100.000 ? ? ? ? 0.179 ? ? ? ? ? ? ? ? 3.900 ? 0.937 ? ? ? ? 0 5  1 ? ? 
2.270 2.440  ? ? ? ? ? 1339 ? 100.000 ? ? ? ? 0.149 ? ? ? ? ? ? ? ? 3.900 ? 1.138 ? ? ? ? 0 6  1 ? ? 
2.440 2.690  ? ? ? ? ? 1349 ? 100.000 ? ? ? ? 0.115 ? ? ? ? ? ? ? ? 3.900 ? 1.024 ? ? ? ? 0 7  1 ? ? 
2.690 3.080  ? ? ? ? ? 1344 ? 99.900  ? ? ? ? 0.084 ? ? ? ? ? ? ? ? 3.900 ? 1.038 ? ? ? ? 0 8  1 ? ? 
3.080 3.880  ? ? ? ? ? 1356 ? 99.900  ? ? ? ? 0.061 ? ? ? ? ? ? ? ? 3.900 ? 0.971 ? ? ? ? 0 9  1 ? ? 
3.880 50.000 ? ? ? ? ? 1399 ? 99.900  ? ? ? ? 0.044 ? ? ? ? ? ? ? ? 3.800 ? 0.969 ? ? ? ? 0 10 1 ? ? 
# 
_refine.aniso_B[1][1]                            ? 
_refine.aniso_B[1][2]                            ? 
_refine.aniso_B[1][3]                            ? 
_refine.aniso_B[2][2]                            ? 
_refine.aniso_B[2][3]                            ? 
_refine.aniso_B[3][3]                            ? 
_refine.B_iso_max                                70.600 
_refine.B_iso_mean                               22.9223 
_refine.B_iso_min                                9.930 
_refine.correlation_coeff_Fo_to_Fc               ? 
_refine.correlation_coeff_Fo_to_Fc_free          ? 
_refine.details                                  ? 
_refine.diff_density_max                         ? 
_refine.diff_density_max_esd                     ? 
_refine.diff_density_min                         ? 
_refine.diff_density_min_esd                     ? 
_refine.diff_density_rms                         ? 
_refine.diff_density_rms_esd                     ? 
_refine.entry_id                                 5E10 
_refine.pdbx_refine_id                           'X-RAY DIFFRACTION' 
_refine.ls_abs_structure_details                 ? 
_refine.ls_abs_structure_Flack                   ? 
_refine.ls_abs_structure_Flack_esd               ? 
_refine.ls_abs_structure_Rogers                  ? 
_refine.ls_abs_structure_Rogers_esd              ? 
_refine.ls_d_res_high                            1.8010 
_refine.ls_d_res_low                             41.9950 
_refine.ls_extinction_coef                       ? 
_refine.ls_extinction_coef_esd                   ? 
_refine.ls_extinction_expression                 ? 
_refine.ls_extinction_method                     ? 
_refine.ls_goodness_of_fit_all                   ? 
_refine.ls_goodness_of_fit_all_esd               ? 
_refine.ls_goodness_of_fit_obs                   ? 
_refine.ls_goodness_of_fit_obs_esd               ? 
_refine.ls_hydrogen_treatment                    ? 
_refine.ls_matrix_type                           ? 
_refine.ls_number_constraints                    ? 
_refine.ls_number_parameters                     ? 
_refine.ls_number_reflns_all                     ? 
_refine.ls_number_reflns_obs                     13498 
_refine.ls_number_reflns_R_free                  673 
_refine.ls_number_reflns_R_work                  12825 
_refine.ls_number_restraints                     ? 
_refine.ls_percent_reflns_obs                    99.7500 
_refine.ls_percent_reflns_R_free                 4.9900 
_refine.ls_R_factor_all                          ? 
_refine.ls_R_factor_obs                          0.1712 
_refine.ls_R_factor_R_free                       0.2073 
_refine.ls_R_factor_R_free_error                 ? 
_refine.ls_R_factor_R_free_error_details         ? 
_refine.ls_R_factor_R_work                       0.1693 
_refine.ls_R_Fsqd_factor_obs                     ? 
_refine.ls_R_I_factor_obs                        ? 
_refine.ls_redundancy_reflns_all                 ? 
_refine.ls_redundancy_reflns_obs                 ? 
_refine.ls_restrained_S_all                      ? 
_refine.ls_restrained_S_obs                      ? 
_refine.ls_shift_over_esd_max                    ? 
_refine.ls_shift_over_esd_mean                   ? 
_refine.ls_structure_factor_coef                 ? 
_refine.ls_weighting_details                     ? 
_refine.ls_weighting_scheme                      ? 
_refine.ls_wR_factor_all                         ? 
_refine.ls_wR_factor_obs                         ? 
_refine.ls_wR_factor_R_free                      ? 
_refine.ls_wR_factor_R_work                      ? 
_refine.occupancy_max                            ? 
_refine.occupancy_min                            ? 
_refine.solvent_model_details                    'FLAT BULK SOLVENT MODEL' 
_refine.solvent_model_param_bsol                 ? 
_refine.solvent_model_param_ksol                 ? 
_refine.ls_R_factor_gt                           ? 
_refine.ls_goodness_of_fit_gt                    ? 
_refine.ls_goodness_of_fit_ref                   ? 
_refine.ls_shift_over_su_max                     ? 
_refine.ls_shift_over_su_max_lt                  ? 
_refine.ls_shift_over_su_mean                    ? 
_refine.ls_shift_over_su_mean_lt                 ? 
_refine.pdbx_ls_sigma_I                          ? 
_refine.pdbx_ls_sigma_F                          1.370 
_refine.pdbx_ls_sigma_Fsqd                       ? 
_refine.pdbx_data_cutoff_high_absF               ? 
_refine.pdbx_data_cutoff_high_rms_absF           ? 
_refine.pdbx_data_cutoff_low_absF                ? 
_refine.pdbx_isotropic_thermal_model             ? 
_refine.pdbx_ls_cross_valid_method               'FREE R-VALUE' 
_refine.pdbx_method_to_determine_struct          'MOLECULAR REPLACEMENT' 
_refine.pdbx_starting_model                      ? 
_refine.pdbx_stereochemistry_target_values       ML 
_refine.pdbx_R_Free_selection_details            ? 
_refine.pdbx_stereochem_target_val_spec_case     ? 
_refine.pdbx_overall_ESU_R                       ? 
_refine.pdbx_overall_ESU_R_Free                  ? 
_refine.pdbx_solvent_vdw_probe_radii             1.0000 
_refine.pdbx_solvent_ion_probe_radii             ? 
_refine.pdbx_solvent_shrinkage_radii             0.7000 
_refine.pdbx_real_space_R                        ? 
_refine.pdbx_density_correlation                 ? 
_refine.pdbx_pd_number_of_powder_patterns        ? 
_refine.pdbx_pd_number_of_points                 ? 
_refine.pdbx_pd_meas_number_of_points            ? 
_refine.pdbx_pd_proc_ls_prof_R_factor            ? 
_refine.pdbx_pd_proc_ls_prof_wR_factor           ? 
_refine.pdbx_pd_Marquardt_correlation_coeff      ? 
_refine.pdbx_pd_Fsqrd_R_factor                   ? 
_refine.pdbx_pd_ls_matrix_band_width             ? 
_refine.pdbx_overall_phase_error                 20.7500 
_refine.pdbx_overall_SU_R_free_Cruickshank_DPI   ? 
_refine.pdbx_overall_SU_R_free_Blow_DPI          ? 
_refine.pdbx_overall_SU_R_Blow_DPI               ? 
_refine.pdbx_TLS_residual_ADP_flag               ? 
_refine.pdbx_diffrn_id                           1 
_refine.overall_SU_B                             ? 
_refine.overall_SU_ML                            0.1700 
_refine.overall_SU_R_Cruickshank_DPI             ? 
_refine.overall_SU_R_free                        ? 
_refine.overall_FOM_free_R_set                   ? 
_refine.overall_FOM_work_R_set                   ? 
_refine.pdbx_average_fsc_overall                 ? 
_refine.pdbx_average_fsc_work                    ? 
_refine.pdbx_average_fsc_free                    ? 
# 
_refine_hist.cycle_id                         final 
_refine_hist.pdbx_refine_id                   'X-RAY DIFFRACTION' 
_refine_hist.d_res_high                       1.8010 
_refine_hist.d_res_low                        41.9950 
_refine_hist.pdbx_number_atoms_ligand         0 
_refine_hist.number_atoms_solvent             135 
_refine_hist.number_atoms_total               1100 
_refine_hist.pdbx_number_residues_total       133 
_refine_hist.pdbx_B_iso_mean_solvent          33.45 
_refine_hist.pdbx_number_atoms_protein        965 
_refine_hist.pdbx_number_atoms_nucleic_acid   0 
# 
loop_
_refine_ls_restr.pdbx_refine_id 
_refine_ls_restr.criterion 
_refine_ls_restr.dev_ideal 
_refine_ls_restr.dev_ideal_target 
_refine_ls_restr.number 
_refine_ls_restr.rejects 
_refine_ls_restr.type 
_refine_ls_restr.weight 
_refine_ls_restr.pdbx_restraint_function 
'X-RAY DIFFRACTION' ? 0.008  ? 1052 ? f_bond_d           ? ? 
'X-RAY DIFFRACTION' ? 1.212  ? 1454 ? f_angle_d          ? ? 
'X-RAY DIFFRACTION' ? 0.049  ? 175  ? f_chiral_restr     ? ? 
'X-RAY DIFFRACTION' ? 0.006  ? 202  ? f_plane_restr      ? ? 
'X-RAY DIFFRACTION' ? 13.178 ? 393  ? f_dihedral_angle_d ? ? 
# 
loop_
_refine_ls_shell.pdbx_refine_id 
_refine_ls_shell.d_res_high 
_refine_ls_shell.d_res_low 
_refine_ls_shell.number_reflns_all 
_refine_ls_shell.number_reflns_obs 
_refine_ls_shell.number_reflns_R_free 
_refine_ls_shell.number_reflns_R_work 
_refine_ls_shell.percent_reflns_obs 
_refine_ls_shell.percent_reflns_R_free 
_refine_ls_shell.R_factor_all 
_refine_ls_shell.R_factor_obs 
_refine_ls_shell.R_factor_R_free 
_refine_ls_shell.R_factor_R_free_error 
_refine_ls_shell.R_factor_R_work 
_refine_ls_shell.redundancy_reflns_all 
_refine_ls_shell.redundancy_reflns_obs 
_refine_ls_shell.wR_factor_all 
_refine_ls_shell.wR_factor_obs 
_refine_ls_shell.wR_factor_R_free 
_refine_ls_shell.wR_factor_R_work 
_refine_ls_shell.pdbx_total_number_of_bins_used 
_refine_ls_shell.pdbx_phase_error 
_refine_ls_shell.pdbx_fsc_work 
_refine_ls_shell.pdbx_fsc_free 
'X-RAY DIFFRACTION' 1.8010 1.9401  2643 . 132 2511 99.0000  . . . 0.2640 . 0.2095 . . . . . . 5 . . . 
'X-RAY DIFFRACTION' 1.9401 2.1353  2679 . 134 2545 100.0000 . . . 0.2376 . 0.1744 . . . . . . 5 . . . 
'X-RAY DIFFRACTION' 2.1353 2.4443  2712 . 135 2577 100.0000 . . . 0.2092 . 0.1606 . . . . . . 5 . . . 
'X-RAY DIFFRACTION' 2.4443 3.0794  2708 . 135 2573 100.0000 . . . 0.1942 . 0.1722 . . . . . . 5 . . . 
'X-RAY DIFFRACTION' 3.0794 42.0062 2756 . 137 2619 100.0000 . . . 0.1949 . 0.1624 . . . . . . 5 . . . 
# 
_struct.entry_id                     5E10 
_struct.title                        'Crystal Structure of PASTA Domains 1 and 2 of Mycobacterium tuberculosis Protein Kinase B' 
_struct.pdbx_model_details           ? 
_struct.pdbx_formula_weight          ? 
_struct.pdbx_formula_weight_method   ? 
_struct.pdbx_model_type_details      ? 
_struct.pdbx_CASP_flag               ? 
# 
_struct_keywords.entry_id        5E10 
_struct_keywords.text            
;kinase, extracellular sensor domain, peptidoglycan binding, Structural Genomics, TB Structural Genomics Consortium, TBSGC, TRANSFERASE
;
_struct_keywords.pdbx_keywords   TRANSFERASE 
# 
loop_
_struct_asym.id 
_struct_asym.pdbx_blank_PDB_chainid_flag 
_struct_asym.pdbx_modified 
_struct_asym.entity_id 
_struct_asym.details 
A N N 1 ? 
B N N 2 ? 
# 
_struct_ref.id                         1 
_struct_ref.db_name                    UNP 
_struct_ref.db_code                    PKNB_MYCTU 
_struct_ref.pdbx_db_accession          P9WI81 
_struct_ref.pdbx_db_isoform            ? 
_struct_ref.entity_id                  1 
_struct_ref.pdbx_seq_one_letter_code   
;VQVPDVRGQSSADAIATLQNRGFKIRTLQKPDSTIPPDHVIGTDPAANTSVSAGDEITVNVSTGPEQREIPDVSTLTYAE
AVKKLTAAGFGRFKQANSPSTPELVGKVIGTNPPANQTSAITNVVIIIVGSG
;
_struct_ref.pdbx_align_begin           360 
# 
_struct_ref_seq.align_id                      1 
_struct_ref_seq.ref_id                        1 
_struct_ref_seq.pdbx_PDB_id_code              5E10 
_struct_ref_seq.pdbx_strand_id                A 
_struct_ref_seq.seq_align_beg                 2 
_struct_ref_seq.pdbx_seq_align_beg_ins_code   ? 
_struct_ref_seq.seq_align_end                 133 
_struct_ref_seq.pdbx_seq_align_end_ins_code   ? 
_struct_ref_seq.pdbx_db_accession             P9WI81 
_struct_ref_seq.db_align_beg                  360 
_struct_ref_seq.pdbx_db_align_beg_ins_code    ? 
_struct_ref_seq.db_align_end                  491 
_struct_ref_seq.pdbx_db_align_end_ins_code    ? 
_struct_ref_seq.pdbx_auth_seq_align_beg       360 
_struct_ref_seq.pdbx_auth_seq_align_end       491 
# 
_struct_ref_seq_dif.align_id                     1 
_struct_ref_seq_dif.pdbx_pdb_id_code             5E10 
_struct_ref_seq_dif.mon_id                       GLY 
_struct_ref_seq_dif.pdbx_pdb_strand_id           A 
_struct_ref_seq_dif.seq_num                      1 
_struct_ref_seq_dif.pdbx_pdb_ins_code            ? 
_struct_ref_seq_dif.pdbx_seq_db_name             UNP 
_struct_ref_seq_dif.pdbx_seq_db_accession_code   P9WI81 
_struct_ref_seq_dif.db_mon_id                    ? 
_struct_ref_seq_dif.pdbx_seq_db_seq_num          ? 
_struct_ref_seq_dif.details                      'expression tag' 
_struct_ref_seq_dif.pdbx_auth_seq_num            359 
_struct_ref_seq_dif.pdbx_ordinal                 1 
# 
_pdbx_struct_assembly.id                   1 
_pdbx_struct_assembly.details              author_and_software_defined_assembly 
_pdbx_struct_assembly.method_details       PISA 
_pdbx_struct_assembly.oligomeric_details   monomeric 
_pdbx_struct_assembly.oligomeric_count     1 
# 
loop_
_pdbx_struct_assembly_prop.biol_id 
_pdbx_struct_assembly_prop.type 
_pdbx_struct_assembly_prop.value 
_pdbx_struct_assembly_prop.details 
1 'ABSA (A^2)' 0    ? 
1 MORE         0    ? 
1 'SSA (A^2)'  7400 ? 
# 
_pdbx_struct_assembly_gen.assembly_id       1 
_pdbx_struct_assembly_gen.oper_expression   1 
_pdbx_struct_assembly_gen.asym_id_list      A,B 
# 
_pdbx_struct_oper_list.id                   1 
_pdbx_struct_oper_list.type                 'identity operation' 
_pdbx_struct_oper_list.name                 1_555 
_pdbx_struct_oper_list.symmetry_operation   x,y,z 
_pdbx_struct_oper_list.matrix[1][1]         1.0000000000 
_pdbx_struct_oper_list.matrix[1][2]         0.0000000000 
_pdbx_struct_oper_list.matrix[1][3]         0.0000000000 
_pdbx_struct_oper_list.vector[1]            0.0000000000 
_pdbx_struct_oper_list.matrix[2][1]         0.0000000000 
_pdbx_struct_oper_list.matrix[2][2]         1.0000000000 
_pdbx_struct_oper_list.matrix[2][3]         0.0000000000 
_pdbx_struct_oper_list.vector[2]            0.0000000000 
_pdbx_struct_oper_list.matrix[3][1]         0.0000000000 
_pdbx_struct_oper_list.matrix[3][2]         0.0000000000 
_pdbx_struct_oper_list.matrix[3][3]         1.0000000000 
_pdbx_struct_oper_list.vector[3]            0.0000000000 
# 
loop_
_struct_conf.conf_type_id 
_struct_conf.id 
_struct_conf.pdbx_PDB_helix_id 
_struct_conf.beg_label_comp_id 
_struct_conf.beg_label_asym_id 
_struct_conf.beg_label_seq_id 
_struct_conf.pdbx_beg_PDB_ins_code 
_struct_conf.end_label_comp_id 
_struct_conf.end_label_asym_id 
_struct_conf.end_label_seq_id 
_struct_conf.pdbx_end_PDB_ins_code 
_struct_conf.beg_auth_comp_id 
_struct_conf.beg_auth_asym_id 
_struct_conf.beg_auth_seq_id 
_struct_conf.end_auth_comp_id 
_struct_conf.end_auth_asym_id 
_struct_conf.end_auth_seq_id 
_struct_conf.pdbx_PDB_helix_class 
_struct_conf.details 
_struct_conf.pdbx_PDB_helix_length 
HELX_P HELX_P1 AA1 SER A 11  ? ARG A 22  ? SER A 369 ARG A 380 1 ? 12 
HELX_P HELX_P2 AA2 THR A 78  ? ALA A 89  ? THR A 436 ALA A 447 1 ? 12 
HELX_P HELX_P3 AA3 THR A 102 ? VAL A 106 ? THR A 460 VAL A 464 5 ? 5  
# 
_struct_conf_type.id          HELX_P 
_struct_conf_type.criteria    ? 
_struct_conf_type.reference   ? 
# 
loop_
_struct_mon_prot_cis.pdbx_id 
_struct_mon_prot_cis.label_comp_id 
_struct_mon_prot_cis.label_seq_id 
_struct_mon_prot_cis.label_asym_id 
_struct_mon_prot_cis.label_alt_id 
_struct_mon_prot_cis.pdbx_PDB_ins_code 
_struct_mon_prot_cis.auth_comp_id 
_struct_mon_prot_cis.auth_seq_id 
_struct_mon_prot_cis.auth_asym_id 
_struct_mon_prot_cis.pdbx_label_comp_id_2 
_struct_mon_prot_cis.pdbx_label_seq_id_2 
_struct_mon_prot_cis.pdbx_label_asym_id_2 
_struct_mon_prot_cis.pdbx_PDB_ins_code_2 
_struct_mon_prot_cis.pdbx_auth_comp_id_2 
_struct_mon_prot_cis.pdbx_auth_seq_id_2 
_struct_mon_prot_cis.pdbx_auth_asym_id_2 
_struct_mon_prot_cis.pdbx_PDB_model_num 
_struct_mon_prot_cis.pdbx_omega_angle 
1 ASP 45  A . ? ASP 403 A PRO 46  A ? PRO 404 A 1 0.88  
2 ASP 45  A . ? ASP 403 A PRO 46  A ? PRO 404 A 1 -2.42 
3 ASN 113 A . ? ASN 471 A PRO 114 A ? PRO 472 A 1 7.17  
# 
loop_
_struct_sheet.id 
_struct_sheet.type 
_struct_sheet.number_strands 
_struct_sheet.details 
AA1 ? 2 ? 
AA2 ? 3 ? 
AA3 ? 2 ? 
AA4 ? 3 ? 
# 
loop_
_struct_sheet_order.sheet_id 
_struct_sheet_order.range_id_1 
_struct_sheet_order.range_id_2 
_struct_sheet_order.offset 
_struct_sheet_order.sense 
AA1 1 2 ? anti-parallel 
AA2 1 2 ? parallel      
AA2 2 3 ? anti-parallel 
AA3 1 2 ? anti-parallel 
AA4 1 2 ? parallel      
AA4 2 3 ? anti-parallel 
# 
loop_
_struct_sheet_range.sheet_id 
_struct_sheet_range.id 
_struct_sheet_range.beg_label_comp_id 
_struct_sheet_range.beg_label_asym_id 
_struct_sheet_range.beg_label_seq_id 
_struct_sheet_range.pdbx_beg_PDB_ins_code 
_struct_sheet_range.end_label_comp_id 
_struct_sheet_range.end_label_asym_id 
_struct_sheet_range.end_label_seq_id 
_struct_sheet_range.pdbx_end_PDB_ins_code 
_struct_sheet_range.beg_auth_comp_id 
_struct_sheet_range.beg_auth_asym_id 
_struct_sheet_range.beg_auth_seq_id 
_struct_sheet_range.end_auth_comp_id 
_struct_sheet_range.end_auth_asym_id 
_struct_sheet_range.end_auth_seq_id 
AA1 1 VAL A 2   ? GLN A 3   ? VAL A 360 GLN A 361 
AA1 2 SER A 51  ? VAL A 52  ? SER A 409 VAL A 410 
AA2 1 LYS A 25  ? LYS A 31  ? LYS A 383 LYS A 389 
AA2 2 GLU A 57  ? SER A 63  ? GLU A 415 SER A 421 
AA2 3 VAL A 41  ? ASP A 45  ? VAL A 399 ASP A 403 
AA3 1 GLN A 68  ? GLU A 70  ? GLN A 426 GLU A 428 
AA3 2 THR A 119 ? ALA A 121 ? THR A 477 ALA A 479 
AA4 1 PHE A 94  ? PRO A 100 ? PHE A 452 PRO A 458 
AA4 2 VAL A 126 ? SER A 132 ? VAL A 484 SER A 490 
AA4 3 VAL A 109 ? ASN A 113 ? VAL A 467 ASN A 471 
# 
loop_
_pdbx_struct_sheet_hbond.sheet_id 
_pdbx_struct_sheet_hbond.range_id_1 
_pdbx_struct_sheet_hbond.range_id_2 
_pdbx_struct_sheet_hbond.range_1_label_atom_id 
_pdbx_struct_sheet_hbond.range_1_label_comp_id 
_pdbx_struct_sheet_hbond.range_1_label_asym_id 
_pdbx_struct_sheet_hbond.range_1_label_seq_id 
_pdbx_struct_sheet_hbond.range_1_PDB_ins_code 
_pdbx_struct_sheet_hbond.range_1_auth_atom_id 
_pdbx_struct_sheet_hbond.range_1_auth_comp_id 
_pdbx_struct_sheet_hbond.range_1_auth_asym_id 
_pdbx_struct_sheet_hbond.range_1_auth_seq_id 
_pdbx_struct_sheet_hbond.range_2_label_atom_id 
_pdbx_struct_sheet_hbond.range_2_label_comp_id 
_pdbx_struct_sheet_hbond.range_2_label_asym_id 
_pdbx_struct_sheet_hbond.range_2_label_seq_id 
_pdbx_struct_sheet_hbond.range_2_PDB_ins_code 
_pdbx_struct_sheet_hbond.range_2_auth_atom_id 
_pdbx_struct_sheet_hbond.range_2_auth_comp_id 
_pdbx_struct_sheet_hbond.range_2_auth_asym_id 
_pdbx_struct_sheet_hbond.range_2_auth_seq_id 
AA1 1 2 N VAL A 2   ? N VAL A 360 O VAL A 52  ? O VAL A 410 
AA2 1 2 N LEU A 29  ? N LEU A 387 O VAL A 62  ? O VAL A 420 
AA2 2 3 O ASN A 61  ? O ASN A 419 N ILE A 42  ? N ILE A 400 
AA3 1 2 N ARG A 69  ? N ARG A 427 O SER A 120 ? O SER A 478 
AA4 1 2 N ALA A 97  ? N ALA A 455 O VAL A 130 ? O VAL A 488 
AA4 2 3 O ILE A 127 ? O ILE A 485 N ASN A 113 ? N ASN A 471 
# 
loop_
_pdbx_validate_close_contact.id 
_pdbx_validate_close_contact.PDB_model_num 
_pdbx_validate_close_contact.auth_atom_id_1 
_pdbx_validate_close_contact.auth_asym_id_1 
_pdbx_validate_close_contact.auth_comp_id_1 
_pdbx_validate_close_contact.auth_seq_id_1 
_pdbx_validate_close_contact.PDB_ins_code_1 
_pdbx_validate_close_contact.label_alt_id_1 
_pdbx_validate_close_contact.auth_atom_id_2 
_pdbx_validate_close_contact.auth_asym_id_2 
_pdbx_validate_close_contact.auth_comp_id_2 
_pdbx_validate_close_contact.auth_seq_id_2 
_pdbx_validate_close_contact.PDB_ins_code_2 
_pdbx_validate_close_contact.label_alt_id_2 
_pdbx_validate_close_contact.dist 
1 1 O   A HOH 505 ? ? O A HOH 615 ? ? 2.08 
2 1 O   A HOH 570 ? ? O A HOH 630 ? ? 2.08 
3 1 O   A HOH 533 ? ? O A HOH 574 ? ? 2.15 
4 1 OE1 A GLN 454 ? A O A HOH 501 ? ? 2.19 
# 
loop_
_pdbx_validate_torsion.id 
_pdbx_validate_torsion.PDB_model_num 
_pdbx_validate_torsion.auth_comp_id 
_pdbx_validate_torsion.auth_asym_id 
_pdbx_validate_torsion.auth_seq_id 
_pdbx_validate_torsion.PDB_ins_code 
_pdbx_validate_torsion.label_alt_id 
_pdbx_validate_torsion.phi 
_pdbx_validate_torsion.psi 
1 1 ASN A 407 ? ? 74.83 -5.55 
2 1 THR A 434 ? ? 67.74 -4.19 
3 1 ASN A 475 ? ? 72.97 -3.67 
# 
_pdbx_SG_project.id                    1 
_pdbx_SG_project.project_name          ? 
_pdbx_SG_project.full_name_of_center   'TB Structural Genomics Consortium' 
_pdbx_SG_project.initial_of_center     TBSGC 
# 
_pdbx_struct_special_symmetry.id              1 
_pdbx_struct_special_symmetry.PDB_model_num   1 
_pdbx_struct_special_symmetry.auth_asym_id    A 
_pdbx_struct_special_symmetry.auth_comp_id    HOH 
_pdbx_struct_special_symmetry.auth_seq_id     631 
_pdbx_struct_special_symmetry.PDB_ins_code    ? 
_pdbx_struct_special_symmetry.label_asym_id   B 
_pdbx_struct_special_symmetry.label_comp_id   HOH 
_pdbx_struct_special_symmetry.label_seq_id    . 
# 
_phasing.method   MR 
# 
loop_
_chem_comp_atom.comp_id 
_chem_comp_atom.atom_id 
_chem_comp_atom.type_symbol 
_chem_comp_atom.pdbx_aromatic_flag 
_chem_comp_atom.pdbx_stereo_config 
_chem_comp_atom.pdbx_ordinal 
ALA N    N N N 1   
ALA CA   C N S 2   
ALA C    C N N 3   
ALA O    O N N 4   
ALA CB   C N N 5   
ALA OXT  O N N 6   
ALA H    H N N 7   
ALA H2   H N N 8   
ALA HA   H N N 9   
ALA HB1  H N N 10  
ALA HB2  H N N 11  
ALA HB3  H N N 12  
ALA HXT  H N N 13  
ARG N    N N N 14  
ARG CA   C N S 15  
ARG C    C N N 16  
ARG O    O N N 17  
ARG CB   C N N 18  
ARG CG   C N N 19  
ARG CD   C N N 20  
ARG NE   N N N 21  
ARG CZ   C N N 22  
ARG NH1  N N N 23  
ARG NH2  N N N 24  
ARG OXT  O N N 25  
ARG H    H N N 26  
ARG H2   H N N 27  
ARG HA   H N N 28  
ARG HB2  H N N 29  
ARG HB3  H N N 30  
ARG HG2  H N N 31  
ARG HG3  H N N 32  
ARG HD2  H N N 33  
ARG HD3  H N N 34  
ARG HE   H N N 35  
ARG HH11 H N N 36  
ARG HH12 H N N 37  
ARG HH21 H N N 38  
ARG HH22 H N N 39  
ARG HXT  H N N 40  
ASN N    N N N 41  
ASN CA   C N S 42  
ASN C    C N N 43  
ASN O    O N N 44  
ASN CB   C N N 45  
ASN CG   C N N 46  
ASN OD1  O N N 47  
ASN ND2  N N N 48  
ASN OXT  O N N 49  
ASN H    H N N 50  
ASN H2   H N N 51  
ASN HA   H N N 52  
ASN HB2  H N N 53  
ASN HB3  H N N 54  
ASN HD21 H N N 55  
ASN HD22 H N N 56  
ASN HXT  H N N 57  
ASP N    N N N 58  
ASP CA   C N S 59  
ASP C    C N N 60  
ASP O    O N N 61  
ASP CB   C N N 62  
ASP CG   C N N 63  
ASP OD1  O N N 64  
ASP OD2  O N N 65  
ASP OXT  O N N 66  
ASP H    H N N 67  
ASP H2   H N N 68  
ASP HA   H N N 69  
ASP HB2  H N N 70  
ASP HB3  H N N 71  
ASP HD2  H N N 72  
ASP HXT  H N N 73  
GLN N    N N N 74  
GLN CA   C N S 75  
GLN C    C N N 76  
GLN O    O N N 77  
GLN CB   C N N 78  
GLN CG   C N N 79  
GLN CD   C N N 80  
GLN OE1  O N N 81  
GLN NE2  N N N 82  
GLN OXT  O N N 83  
GLN H    H N N 84  
GLN H2   H N N 85  
GLN HA   H N N 86  
GLN HB2  H N N 87  
GLN HB3  H N N 88  
GLN HG2  H N N 89  
GLN HG3  H N N 90  
GLN HE21 H N N 91  
GLN HE22 H N N 92  
GLN HXT  H N N 93  
GLU N    N N N 94  
GLU CA   C N S 95  
GLU C    C N N 96  
GLU O    O N N 97  
GLU CB   C N N 98  
GLU CG   C N N 99  
GLU CD   C N N 100 
GLU OE1  O N N 101 
GLU OE2  O N N 102 
GLU OXT  O N N 103 
GLU H    H N N 104 
GLU H2   H N N 105 
GLU HA   H N N 106 
GLU HB2  H N N 107 
GLU HB3  H N N 108 
GLU HG2  H N N 109 
GLU HG3  H N N 110 
GLU HE2  H N N 111 
GLU HXT  H N N 112 
GLY N    N N N 113 
GLY CA   C N N 114 
GLY C    C N N 115 
GLY O    O N N 116 
GLY OXT  O N N 117 
GLY H    H N N 118 
GLY H2   H N N 119 
GLY HA2  H N N 120 
GLY HA3  H N N 121 
GLY HXT  H N N 122 
HIS N    N N N 123 
HIS CA   C N S 124 
HIS C    C N N 125 
HIS O    O N N 126 
HIS CB   C N N 127 
HIS CG   C Y N 128 
HIS ND1  N Y N 129 
HIS CD2  C Y N 130 
HIS CE1  C Y N 131 
HIS NE2  N Y N 132 
HIS OXT  O N N 133 
HIS H    H N N 134 
HIS H2   H N N 135 
HIS HA   H N N 136 
HIS HB2  H N N 137 
HIS HB3  H N N 138 
HIS HD1  H N N 139 
HIS HD2  H N N 140 
HIS HE1  H N N 141 
HIS HE2  H N N 142 
HIS HXT  H N N 143 
HOH O    O N N 144 
HOH H1   H N N 145 
HOH H2   H N N 146 
ILE N    N N N 147 
ILE CA   C N S 148 
ILE C    C N N 149 
ILE O    O N N 150 
ILE CB   C N S 151 
ILE CG1  C N N 152 
ILE CG2  C N N 153 
ILE CD1  C N N 154 
ILE OXT  O N N 155 
ILE H    H N N 156 
ILE H2   H N N 157 
ILE HA   H N N 158 
ILE HB   H N N 159 
ILE HG12 H N N 160 
ILE HG13 H N N 161 
ILE HG21 H N N 162 
ILE HG22 H N N 163 
ILE HG23 H N N 164 
ILE HD11 H N N 165 
ILE HD12 H N N 166 
ILE HD13 H N N 167 
ILE HXT  H N N 168 
LEU N    N N N 169 
LEU CA   C N S 170 
LEU C    C N N 171 
LEU O    O N N 172 
LEU CB   C N N 173 
LEU CG   C N N 174 
LEU CD1  C N N 175 
LEU CD2  C N N 176 
LEU OXT  O N N 177 
LEU H    H N N 178 
LEU H2   H N N 179 
LEU HA   H N N 180 
LEU HB2  H N N 181 
LEU HB3  H N N 182 
LEU HG   H N N 183 
LEU HD11 H N N 184 
LEU HD12 H N N 185 
LEU HD13 H N N 186 
LEU HD21 H N N 187 
LEU HD22 H N N 188 
LEU HD23 H N N 189 
LEU HXT  H N N 190 
LYS N    N N N 191 
LYS CA   C N S 192 
LYS C    C N N 193 
LYS O    O N N 194 
LYS CB   C N N 195 
LYS CG   C N N 196 
LYS CD   C N N 197 
LYS CE   C N N 198 
LYS NZ   N N N 199 
LYS OXT  O N N 200 
LYS H    H N N 201 
LYS H2   H N N 202 
LYS HA   H N N 203 
LYS HB2  H N N 204 
LYS HB3  H N N 205 
LYS HG2  H N N 206 
LYS HG3  H N N 207 
LYS HD2  H N N 208 
LYS HD3  H N N 209 
LYS HE2  H N N 210 
LYS HE3  H N N 211 
LYS HZ1  H N N 212 
LYS HZ2  H N N 213 
LYS HZ3  H N N 214 
LYS HXT  H N N 215 
PHE N    N N N 216 
PHE CA   C N S 217 
PHE C    C N N 218 
PHE O    O N N 219 
PHE CB   C N N 220 
PHE CG   C Y N 221 
PHE CD1  C Y N 222 
PHE CD2  C Y N 223 
PHE CE1  C Y N 224 
PHE CE2  C Y N 225 
PHE CZ   C Y N 226 
PHE OXT  O N N 227 
PHE H    H N N 228 
PHE H2   H N N 229 
PHE HA   H N N 230 
PHE HB2  H N N 231 
PHE HB3  H N N 232 
PHE HD1  H N N 233 
PHE HD2  H N N 234 
PHE HE1  H N N 235 
PHE HE2  H N N 236 
PHE HZ   H N N 237 
PHE HXT  H N N 238 
PRO N    N N N 239 
PRO CA   C N S 240 
PRO C    C N N 241 
PRO O    O N N 242 
PRO CB   C N N 243 
PRO CG   C N N 244 
PRO CD   C N N 245 
PRO OXT  O N N 246 
PRO H    H N N 247 
PRO HA   H N N 248 
PRO HB2  H N N 249 
PRO HB3  H N N 250 
PRO HG2  H N N 251 
PRO HG3  H N N 252 
PRO HD2  H N N 253 
PRO HD3  H N N 254 
PRO HXT  H N N 255 
SER N    N N N 256 
SER CA   C N S 257 
SER C    C N N 258 
SER O    O N N 259 
SER CB   C N N 260 
SER OG   O N N 261 
SER OXT  O N N 262 
SER H    H N N 263 
SER H2   H N N 264 
SER HA   H N N 265 
SER HB2  H N N 266 
SER HB3  H N N 267 
SER HG   H N N 268 
SER HXT  H N N 269 
THR N    N N N 270 
THR CA   C N S 271 
THR C    C N N 272 
THR O    O N N 273 
THR CB   C N R 274 
THR OG1  O N N 275 
THR CG2  C N N 276 
THR OXT  O N N 277 
THR H    H N N 278 
THR H2   H N N 279 
THR HA   H N N 280 
THR HB   H N N 281 
THR HG1  H N N 282 
THR HG21 H N N 283 
THR HG22 H N N 284 
THR HG23 H N N 285 
THR HXT  H N N 286 
TYR N    N N N 287 
TYR CA   C N S 288 
TYR C    C N N 289 
TYR O    O N N 290 
TYR CB   C N N 291 
TYR CG   C Y N 292 
TYR CD1  C Y N 293 
TYR CD2  C Y N 294 
TYR CE1  C Y N 295 
TYR CE2  C Y N 296 
TYR CZ   C Y N 297 
TYR OH   O N N 298 
TYR OXT  O N N 299 
TYR H    H N N 300 
TYR H2   H N N 301 
TYR HA   H N N 302 
TYR HB2  H N N 303 
TYR HB3  H N N 304 
TYR HD1  H N N 305 
TYR HD2  H N N 306 
TYR HE1  H N N 307 
TYR HE2  H N N 308 
TYR HH   H N N 309 
TYR HXT  H N N 310 
VAL N    N N N 311 
VAL CA   C N S 312 
VAL C    C N N 313 
VAL O    O N N 314 
VAL CB   C N N 315 
VAL CG1  C N N 316 
VAL CG2  C N N 317 
VAL OXT  O N N 318 
VAL H    H N N 319 
VAL H2   H N N 320 
VAL HA   H N N 321 
VAL HB   H N N 322 
VAL HG11 H N N 323 
VAL HG12 H N N 324 
VAL HG13 H N N 325 
VAL HG21 H N N 326 
VAL HG22 H N N 327 
VAL HG23 H N N 328 
VAL HXT  H N N 329 
# 
loop_
_chem_comp_bond.comp_id 
_chem_comp_bond.atom_id_1 
_chem_comp_bond.atom_id_2 
_chem_comp_bond.value_order 
_chem_comp_bond.pdbx_aromatic_flag 
_chem_comp_bond.pdbx_stereo_config 
_chem_comp_bond.pdbx_ordinal 
ALA N   CA   sing N N 1   
ALA N   H    sing N N 2   
ALA N   H2   sing N N 3   
ALA CA  C    sing N N 4   
ALA CA  CB   sing N N 5   
ALA CA  HA   sing N N 6   
ALA C   O    doub N N 7   
ALA C   OXT  sing N N 8   
ALA CB  HB1  sing N N 9   
ALA CB  HB2  sing N N 10  
ALA CB  HB3  sing N N 11  
ALA OXT HXT  sing N N 12  
ARG N   CA   sing N N 13  
ARG N   H    sing N N 14  
ARG N   H2   sing N N 15  
ARG CA  C    sing N N 16  
ARG CA  CB   sing N N 17  
ARG CA  HA   sing N N 18  
ARG C   O    doub N N 19  
ARG C   OXT  sing N N 20  
ARG CB  CG   sing N N 21  
ARG CB  HB2  sing N N 22  
ARG CB  HB3  sing N N 23  
ARG CG  CD   sing N N 24  
ARG CG  HG2  sing N N 25  
ARG CG  HG3  sing N N 26  
ARG CD  NE   sing N N 27  
ARG CD  HD2  sing N N 28  
ARG CD  HD3  sing N N 29  
ARG NE  CZ   sing N N 30  
ARG NE  HE   sing N N 31  
ARG CZ  NH1  sing N N 32  
ARG CZ  NH2  doub N N 33  
ARG NH1 HH11 sing N N 34  
ARG NH1 HH12 sing N N 35  
ARG NH2 HH21 sing N N 36  
ARG NH2 HH22 sing N N 37  
ARG OXT HXT  sing N N 38  
ASN N   CA   sing N N 39  
ASN N   H    sing N N 40  
ASN N   H2   sing N N 41  
ASN CA  C    sing N N 42  
ASN CA  CB   sing N N 43  
ASN CA  HA   sing N N 44  
ASN C   O    doub N N 45  
ASN C   OXT  sing N N 46  
ASN CB  CG   sing N N 47  
ASN CB  HB2  sing N N 48  
ASN CB  HB3  sing N N 49  
ASN CG  OD1  doub N N 50  
ASN CG  ND2  sing N N 51  
ASN ND2 HD21 sing N N 52  
ASN ND2 HD22 sing N N 53  
ASN OXT HXT  sing N N 54  
ASP N   CA   sing N N 55  
ASP N   H    sing N N 56  
ASP N   H2   sing N N 57  
ASP CA  C    sing N N 58  
ASP CA  CB   sing N N 59  
ASP CA  HA   sing N N 60  
ASP C   O    doub N N 61  
ASP C   OXT  sing N N 62  
ASP CB  CG   sing N N 63  
ASP CB  HB2  sing N N 64  
ASP CB  HB3  sing N N 65  
ASP CG  OD1  doub N N 66  
ASP CG  OD2  sing N N 67  
ASP OD2 HD2  sing N N 68  
ASP OXT HXT  sing N N 69  
GLN N   CA   sing N N 70  
GLN N   H    sing N N 71  
GLN N   H2   sing N N 72  
GLN CA  C    sing N N 73  
GLN CA  CB   sing N N 74  
GLN CA  HA   sing N N 75  
GLN C   O    doub N N 76  
GLN C   OXT  sing N N 77  
GLN CB  CG   sing N N 78  
GLN CB  HB2  sing N N 79  
GLN CB  HB3  sing N N 80  
GLN CG  CD   sing N N 81  
GLN CG  HG2  sing N N 82  
GLN CG  HG3  sing N N 83  
GLN CD  OE1  doub N N 84  
GLN CD  NE2  sing N N 85  
GLN NE2 HE21 sing N N 86  
GLN NE2 HE22 sing N N 87  
GLN OXT HXT  sing N N 88  
GLU N   CA   sing N N 89  
GLU N   H    sing N N 90  
GLU N   H2   sing N N 91  
GLU CA  C    sing N N 92  
GLU CA  CB   sing N N 93  
GLU CA  HA   sing N N 94  
GLU C   O    doub N N 95  
GLU C   OXT  sing N N 96  
GLU CB  CG   sing N N 97  
GLU CB  HB2  sing N N 98  
GLU CB  HB3  sing N N 99  
GLU CG  CD   sing N N 100 
GLU CG  HG2  sing N N 101 
GLU CG  HG3  sing N N 102 
GLU CD  OE1  doub N N 103 
GLU CD  OE2  sing N N 104 
GLU OE2 HE2  sing N N 105 
GLU OXT HXT  sing N N 106 
GLY N   CA   sing N N 107 
GLY N   H    sing N N 108 
GLY N   H2   sing N N 109 
GLY CA  C    sing N N 110 
GLY CA  HA2  sing N N 111 
GLY CA  HA3  sing N N 112 
GLY C   O    doub N N 113 
GLY C   OXT  sing N N 114 
GLY OXT HXT  sing N N 115 
HIS N   CA   sing N N 116 
HIS N   H    sing N N 117 
HIS N   H2   sing N N 118 
HIS CA  C    sing N N 119 
HIS CA  CB   sing N N 120 
HIS CA  HA   sing N N 121 
HIS C   O    doub N N 122 
HIS C   OXT  sing N N 123 
HIS CB  CG   sing N N 124 
HIS CB  HB2  sing N N 125 
HIS CB  HB3  sing N N 126 
HIS CG  ND1  sing Y N 127 
HIS CG  CD2  doub Y N 128 
HIS ND1 CE1  doub Y N 129 
HIS ND1 HD1  sing N N 130 
HIS CD2 NE2  sing Y N 131 
HIS CD2 HD2  sing N N 132 
HIS CE1 NE2  sing Y N 133 
HIS CE1 HE1  sing N N 134 
HIS NE2 HE2  sing N N 135 
HIS OXT HXT  sing N N 136 
HOH O   H1   sing N N 137 
HOH O   H2   sing N N 138 
ILE N   CA   sing N N 139 
ILE N   H    sing N N 140 
ILE N   H2   sing N N 141 
ILE CA  C    sing N N 142 
ILE CA  CB   sing N N 143 
ILE CA  HA   sing N N 144 
ILE C   O    doub N N 145 
ILE C   OXT  sing N N 146 
ILE CB  CG1  sing N N 147 
ILE CB  CG2  sing N N 148 
ILE CB  HB   sing N N 149 
ILE CG1 CD1  sing N N 150 
ILE CG1 HG12 sing N N 151 
ILE CG1 HG13 sing N N 152 
ILE CG2 HG21 sing N N 153 
ILE CG2 HG22 sing N N 154 
ILE CG2 HG23 sing N N 155 
ILE CD1 HD11 sing N N 156 
ILE CD1 HD12 sing N N 157 
ILE CD1 HD13 sing N N 158 
ILE OXT HXT  sing N N 159 
LEU N   CA   sing N N 160 
LEU N   H    sing N N 161 
LEU N   H2   sing N N 162 
LEU CA  C    sing N N 163 
LEU CA  CB   sing N N 164 
LEU CA  HA   sing N N 165 
LEU C   O    doub N N 166 
LEU C   OXT  sing N N 167 
LEU CB  CG   sing N N 168 
LEU CB  HB2  sing N N 169 
LEU CB  HB3  sing N N 170 
LEU CG  CD1  sing N N 171 
LEU CG  CD2  sing N N 172 
LEU CG  HG   sing N N 173 
LEU CD1 HD11 sing N N 174 
LEU CD1 HD12 sing N N 175 
LEU CD1 HD13 sing N N 176 
LEU CD2 HD21 sing N N 177 
LEU CD2 HD22 sing N N 178 
LEU CD2 HD23 sing N N 179 
LEU OXT HXT  sing N N 180 
LYS N   CA   sing N N 181 
LYS N   H    sing N N 182 
LYS N   H2   sing N N 183 
LYS CA  C    sing N N 184 
LYS CA  CB   sing N N 185 
LYS CA  HA   sing N N 186 
LYS C   O    doub N N 187 
LYS C   OXT  sing N N 188 
LYS CB  CG   sing N N 189 
LYS CB  HB2  sing N N 190 
LYS CB  HB3  sing N N 191 
LYS CG  CD   sing N N 192 
LYS CG  HG2  sing N N 193 
LYS CG  HG3  sing N N 194 
LYS CD  CE   sing N N 195 
LYS CD  HD2  sing N N 196 
LYS CD  HD3  sing N N 197 
LYS CE  NZ   sing N N 198 
LYS CE  HE2  sing N N 199 
LYS CE  HE3  sing N N 200 
LYS NZ  HZ1  sing N N 201 
LYS NZ  HZ2  sing N N 202 
LYS NZ  HZ3  sing N N 203 
LYS OXT HXT  sing N N 204 
PHE N   CA   sing N N 205 
PHE N   H    sing N N 206 
PHE N   H2   sing N N 207 
PHE CA  C    sing N N 208 
PHE CA  CB   sing N N 209 
PHE CA  HA   sing N N 210 
PHE C   O    doub N N 211 
PHE C   OXT  sing N N 212 
PHE CB  CG   sing N N 213 
PHE CB  HB2  sing N N 214 
PHE CB  HB3  sing N N 215 
PHE CG  CD1  doub Y N 216 
PHE CG  CD2  sing Y N 217 
PHE CD1 CE1  sing Y N 218 
PHE CD1 HD1  sing N N 219 
PHE CD2 CE2  doub Y N 220 
PHE CD2 HD2  sing N N 221 
PHE CE1 CZ   doub Y N 222 
PHE CE1 HE1  sing N N 223 
PHE CE2 CZ   sing Y N 224 
PHE CE2 HE2  sing N N 225 
PHE CZ  HZ   sing N N 226 
PHE OXT HXT  sing N N 227 
PRO N   CA   sing N N 228 
PRO N   CD   sing N N 229 
PRO N   H    sing N N 230 
PRO CA  C    sing N N 231 
PRO CA  CB   sing N N 232 
PRO CA  HA   sing N N 233 
PRO C   O    doub N N 234 
PRO C   OXT  sing N N 235 
PRO CB  CG   sing N N 236 
PRO CB  HB2  sing N N 237 
PRO CB  HB3  sing N N 238 
PRO CG  CD   sing N N 239 
PRO CG  HG2  sing N N 240 
PRO CG  HG3  sing N N 241 
PRO CD  HD2  sing N N 242 
PRO CD  HD3  sing N N 243 
PRO OXT HXT  sing N N 244 
SER N   CA   sing N N 245 
SER N   H    sing N N 246 
SER N   H2   sing N N 247 
SER CA  C    sing N N 248 
SER CA  CB   sing N N 249 
SER CA  HA   sing N N 250 
SER C   O    doub N N 251 
SER C   OXT  sing N N 252 
SER CB  OG   sing N N 253 
SER CB  HB2  sing N N 254 
SER CB  HB3  sing N N 255 
SER OG  HG   sing N N 256 
SER OXT HXT  sing N N 257 
THR N   CA   sing N N 258 
THR N   H    sing N N 259 
THR N   H2   sing N N 260 
THR CA  C    sing N N 261 
THR CA  CB   sing N N 262 
THR CA  HA   sing N N 263 
THR C   O    doub N N 264 
THR C   OXT  sing N N 265 
THR CB  OG1  sing N N 266 
THR CB  CG2  sing N N 267 
THR CB  HB   sing N N 268 
THR OG1 HG1  sing N N 269 
THR CG2 HG21 sing N N 270 
THR CG2 HG22 sing N N 271 
THR CG2 HG23 sing N N 272 
THR OXT HXT  sing N N 273 
TYR N   CA   sing N N 274 
TYR N   H    sing N N 275 
TYR N   H2   sing N N 276 
TYR CA  C    sing N N 277 
TYR CA  CB   sing N N 278 
TYR CA  HA   sing N N 279 
TYR C   O    doub N N 280 
TYR C   OXT  sing N N 281 
TYR CB  CG   sing N N 282 
TYR CB  HB2  sing N N 283 
TYR CB  HB3  sing N N 284 
TYR CG  CD1  doub Y N 285 
TYR CG  CD2  sing Y N 286 
TYR CD1 CE1  sing Y N 287 
TYR CD1 HD1  sing N N 288 
TYR CD2 CE2  doub Y N 289 
TYR CD2 HD2  sing N N 290 
TYR CE1 CZ   doub Y N 291 
TYR CE1 HE1  sing N N 292 
TYR CE2 CZ   sing Y N 293 
TYR CE2 HE2  sing N N 294 
TYR CZ  OH   sing N N 295 
TYR OH  HH   sing N N 296 
TYR OXT HXT  sing N N 297 
VAL N   CA   sing N N 298 
VAL N   H    sing N N 299 
VAL N   H2   sing N N 300 
VAL CA  C    sing N N 301 
VAL CA  CB   sing N N 302 
VAL CA  HA   sing N N 303 
VAL C   O    doub N N 304 
VAL C   OXT  sing N N 305 
VAL CB  CG1  sing N N 306 
VAL CB  CG2  sing N N 307 
VAL CB  HB   sing N N 308 
VAL CG1 HG11 sing N N 309 
VAL CG1 HG12 sing N N 310 
VAL CG1 HG13 sing N N 311 
VAL CG2 HG21 sing N N 312 
VAL CG2 HG22 sing N N 313 
VAL CG2 HG23 sing N N 314 
VAL OXT HXT  sing N N 315 
# 
_pdbx_audit_support.funding_organization   
'National Institutes of Health/National Institute of General Medical Sciences (NIH/NIGMS)' 
_pdbx_audit_support.country                'United States' 
_pdbx_audit_support.grant_number           GM70962 
_pdbx_audit_support.ordinal                1 
# 
_atom_sites.entry_id                    5E10 
_atom_sites.fract_transf_matrix[1][1]   0.00748981 
_atom_sites.fract_transf_matrix[1][2]   0.00967044 
_atom_sites.fract_transf_matrix[1][3]   0.00411556 
_atom_sites.fract_transf_matrix[2][1]   0.01886597 
_atom_sites.fract_transf_matrix[2][2]   -0.01227028 
_atom_sites.fract_transf_matrix[2][3]   -0.00550195 
_atom_sites.fract_transf_matrix[3][1]   0.00366726 
_atom_sites.fract_transf_matrix[3][2]   0.01408804 
_atom_sites.fract_transf_matrix[3][3]   -0.01884382 
_atom_sites.fract_transf_vector[1]      -0.207860 
_atom_sites.fract_transf_vector[2]      0.200815 
_atom_sites.fract_transf_vector[3]      0.208149 
# 
loop_
_atom_type.symbol 
C 
N 
O 
# 
loop_
_atom_site.group_PDB 
_atom_site.id 
_atom_site.type_symbol 
_atom_site.label_atom_id 
_atom_site.label_alt_id 
_atom_site.label_comp_id 
_atom_site.label_asym_id 
_atom_site.label_entity_id 
_atom_site.label_seq_id 
_atom_site.pdbx_PDB_ins_code 
_atom_site.Cartn_x 
_atom_site.Cartn_y 
_atom_site.Cartn_z 
_atom_site.occupancy 
_atom_site.B_iso_or_equiv 
_atom_site.pdbx_formal_charge 
_atom_site.auth_seq_id 
_atom_site.auth_comp_id 
_atom_site.auth_asym_id 
_atom_site.auth_atom_id 
_atom_site.pdbx_PDB_model_num 
ATOM   1    N N   A GLY A 1 1   ? 15.075  24.545  -19.812 0.29 34.79 ? 359 GLY A N   1 
ATOM   2    N N   B GLY A 1 1   ? 13.823  26.068  -20.830 0.71 34.79 ? 359 GLY A N   1 
ATOM   3    C CA  A GLY A 1 1   ? 13.678  24.841  -20.071 0.29 32.36 ? 359 GLY A CA  1 
ATOM   4    C CA  B GLY A 1 1   ? 13.613  24.858  -20.057 0.71 32.34 ? 359 GLY A CA  1 
ATOM   5    C C   A GLY A 1 1   ? 12.988  23.764  -20.888 0.29 32.57 ? 359 GLY A C   1 
ATOM   6    C C   B GLY A 1 1   ? 12.923  23.773  -20.865 0.71 32.65 ? 359 GLY A C   1 
ATOM   7    O O   A GLY A 1 1   ? 12.469  24.020  -21.976 0.29 29.38 ? 359 GLY A O   1 
ATOM   8    O O   B GLY A 1 1   ? 12.351  24.027  -21.930 0.71 29.36 ? 359 GLY A O   1 
ATOM   9    N N   . VAL A 1 2   ? 12.987  22.548  -20.355 1.00 25.75 ? 360 VAL A N   1 
ATOM   10   C CA  . VAL A 1 2   ? 12.349  21.411  -21.003 1.00 22.88 ? 360 VAL A CA  1 
ATOM   11   C C   . VAL A 1 2   ? 11.106  21.039  -20.195 1.00 22.83 ? 360 VAL A C   1 
ATOM   12   O O   . VAL A 1 2   ? 11.171  20.974  -18.970 1.00 23.19 ? 360 VAL A O   1 
ATOM   13   C CB  . VAL A 1 2   ? 13.303  20.203  -21.086 1.00 26.35 ? 360 VAL A CB  1 
ATOM   14   C CG1 . VAL A 1 2   ? 12.591  19.006  -21.682 1.00 23.38 ? 360 VAL A CG1 1 
ATOM   15   C CG2 . VAL A 1 2   ? 14.548  20.549  -21.891 1.00 21.45 ? 360 VAL A CG2 1 
ATOM   16   N N   . GLN A 1 3   ? 9.976   20.830  -20.858 1.00 22.87 ? 361 GLN A N   1 
ATOM   17   C CA  . GLN A 1 3   ? 8.760   20.506  -20.123 1.00 22.12 ? 361 GLN A CA  1 
ATOM   18   C C   . GLN A 1 3   ? 8.802   19.071  -19.673 1.00 21.41 ? 361 GLN A C   1 
ATOM   19   O O   . GLN A 1 3   ? 9.194   18.191  -20.444 1.00 19.37 ? 361 GLN A O   1 
ATOM   20   C CB  . GLN A 1 3   ? 7.514   20.708  -20.965 1.00 26.65 ? 361 GLN A CB  1 
ATOM   21   C CG  . GLN A 1 3   ? 7.516   21.965  -21.780 1.00 46.58 ? 361 GLN A CG  1 
ATOM   22   C CD  . GLN A 1 3   ? 6.798   21.747  -23.078 1.00 58.51 ? 361 GLN A CD  1 
ATOM   23   O OE1 . GLN A 1 3   ? 6.873   20.669  -23.665 1.00 70.60 ? 361 GLN A OE1 1 
ATOM   24   N NE2 . GLN A 1 3   ? 6.081   22.760  -23.533 1.00 57.44 ? 361 GLN A NE2 1 
ATOM   25   N N   . VAL A 1 4   ? 8.368   18.834  -18.439 1.00 20.24 ? 362 VAL A N   1 
ATOM   26   C CA  . VAL A 1 4   ? 8.232   17.470  -17.951 1.00 19.82 ? 362 VAL A CA  1 
ATOM   27   C C   . VAL A 1 4   ? 6.972   16.859  -18.560 1.00 16.44 ? 362 VAL A C   1 
ATOM   28   O O   . VAL A 1 4   ? 5.874   17.370  -18.365 1.00 19.86 ? 362 VAL A O   1 
ATOM   29   C CB  . VAL A 1 4   ? 8.160   17.432  -16.412 1.00 19.37 ? 362 VAL A CB  1 
ATOM   30   C CG1 . VAL A 1 4   ? 8.008   15.992  -15.894 1.00 19.29 ? 362 VAL A CG1 1 
ATOM   31   C CG2 . VAL A 1 4   ? 9.402   18.102  -15.804 1.00 22.97 ? 362 VAL A CG2 1 
ATOM   32   N N   . PRO A 1 5   ? 7.124   15.759  -19.298 1.00 17.62 ? 363 PRO A N   1 
ATOM   33   C CA  . PRO A 1 5   ? 5.933   15.160  -19.911 1.00 19.71 ? 363 PRO A CA  1 
ATOM   34   C C   . PRO A 1 5   ? 5.054   14.503  -18.852 1.00 21.62 ? 363 PRO A C   1 
ATOM   35   O O   . PRO A 1 5   ? 5.584   14.032  -17.832 1.00 16.62 ? 363 PRO A O   1 
ATOM   36   C CB  . PRO A 1 5   ? 6.516   14.131  -20.883 1.00 18.76 ? 363 PRO A CB  1 
ATOM   37   C CG  . PRO A 1 5   ? 7.851   13.763  -20.302 1.00 20.26 ? 363 PRO A CG  1 
ATOM   38   C CD  . PRO A 1 5   ? 8.363   15.018  -19.613 1.00 16.92 ? 363 PRO A CD  1 
ATOM   39   N N   . ASP A 1 6   ? 3.736   14.516  -19.077 1.00 19.73 ? 364 ASP A N   1 
ATOM   40   C CA  . ASP A 1 6   ? 2.772   13.877  -18.176 1.00 17.23 ? 364 ASP A CA  1 
ATOM   41   C C   . ASP A 1 6   ? 2.767   12.364  -18.386 1.00 19.14 ? 364 ASP A C   1 
ATOM   42   O O   . ASP A 1 6   ? 2.220   11.878  -19.377 1.00 21.04 ? 364 ASP A O   1 
ATOM   43   C CB  . ASP A 1 6   ? 1.366   14.445  -18.415 1.00 22.97 ? 364 ASP A CB  1 
ATOM   44   C CG  . ASP A 1 6   ? 0.399   14.100  -17.291 1.00 27.77 ? 364 ASP A CG  1 
ATOM   45   O OD1 . ASP A 1 6   ? 0.672   13.146  -16.533 1.00 23.34 ? 364 ASP A OD1 1 
ATOM   46   O OD2 . ASP A 1 6   ? -0.630  14.796  -17.163 1.00 32.42 ? 364 ASP A OD2 1 
ATOM   47   N N   . VAL A 1 7   ? 3.374   11.617  -17.468 1.00 14.26 ? 365 VAL A N   1 
ATOM   48   C CA  . VAL A 1 7   ? 3.495   10.181  -17.654 1.00 16.14 ? 365 VAL A CA  1 
ATOM   49   C C   . VAL A 1 7   ? 2.606   9.373   -16.698 1.00 10.95 ? 365 VAL A C   1 
ATOM   50   O O   . VAL A 1 7   ? 2.711   8.145   -16.654 1.00 11.76 ? 365 VAL A O   1 
ATOM   51   C CB  . VAL A 1 7   ? 4.969   9.715   -17.500 1.00 15.54 ? 365 VAL A CB  1 
ATOM   52   C CG1 . VAL A 1 7   ? 5.822   10.226  -18.681 1.00 15.43 ? 365 VAL A CG1 1 
ATOM   53   C CG2 . VAL A 1 7   ? 5.558   10.152  -16.156 1.00 14.40 ? 365 VAL A CG2 1 
ATOM   54   N N   . ARG A 1 8   ? 1.752   10.056  -15.936 1.00 13.80 ? 366 ARG A N   1 
ATOM   55   C CA  . ARG A 1 8   ? 0.772   9.355   -15.078 1.00 13.54 ? 366 ARG A CA  1 
ATOM   56   C C   . ARG A 1 8   ? 0.042   8.304   -15.893 1.00 13.70 ? 366 ARG A C   1 
ATOM   57   O O   . ARG A 1 8   ? -0.360  8.593   -17.015 1.00 14.88 ? 366 ARG A O   1 
ATOM   58   C CB  . ARG A 1 8   ? -0.245  10.335  -14.470 1.00 13.16 ? 366 ARG A CB  1 
ATOM   59   C CG  . ARG A 1 8   ? -1.318  9.629   -13.599 1.00 13.60 ? 366 ARG A CG  1 
ATOM   60   C CD  . ARG A 1 8   ? -2.266  10.640  -12.953 1.00 15.55 ? 366 ARG A CD  1 
ATOM   61   N NE  . ARG A 1 8   ? -3.432  10.029  -12.299 1.00 15.11 ? 366 ARG A NE  1 
ATOM   62   C CZ  . ARG A 1 8   ? -3.456  9.578   -11.050 1.00 19.86 ? 366 ARG A CZ  1 
ATOM   63   N NH1 . ARG A 1 8   ? -2.348  9.621   -10.311 1.00 17.49 ? 366 ARG A NH1 1 
ATOM   64   N NH2 . ARG A 1 8   ? -4.585  9.055   -10.541 1.00 16.12 ? 366 ARG A NH2 1 
ATOM   65   N N   . GLY A 1 9   ? -0.132  7.103   -15.332 1.00 13.15 ? 367 GLY A N   1 
ATOM   66   C CA  . GLY A 1 9   ? -0.794  6.017   -16.041 1.00 15.86 ? 367 GLY A CA  1 
ATOM   67   C C   . GLY A 1 9   ? 0.121   5.101   -16.848 1.00 16.57 ? 367 GLY A C   1 
ATOM   68   O O   . GLY A 1 9   ? -0.205  3.931   -17.062 1.00 17.62 ? 367 GLY A O   1 
ATOM   69   N N   . GLN A 1 10  ? 1.253   5.628   -17.329 1.00 16.46 ? 368 GLN A N   1 
ATOM   70   C CA  . GLN A 1 10  ? 2.162   4.817   -18.150 1.00 16.09 ? 368 GLN A CA  1 
ATOM   71   C C   . GLN A 1 10  ? 2.805   3.732   -17.297 1.00 17.41 ? 368 GLN A C   1 
ATOM   72   O O   . GLN A 1 10  ? 2.932   3.892   -16.085 1.00 15.38 ? 368 GLN A O   1 
ATOM   73   C CB  . GLN A 1 10  ? 3.234   5.692   -18.832 1.00 14.55 ? 368 GLN A CB  1 
ATOM   74   C CG  . GLN A 1 10  ? 2.603   6.604   -19.913 1.00 17.93 ? 368 GLN A CG  1 
ATOM   75   C CD  . GLN A 1 10  ? 3.578   7.563   -20.620 1.00 26.81 ? 368 GLN A CD  1 
ATOM   76   O OE1 . GLN A 1 10  ? 3.263   8.745   -20.815 1.00 34.76 ? 368 GLN A OE1 1 
ATOM   77   N NE2 . GLN A 1 10  ? 4.720   7.049   -21.058 1.00 22.07 ? 368 GLN A NE2 1 
ATOM   78   N N   . SER A 1 11  ? 3.195   2.620   -17.915 1.00 12.74 ? 369 SER A N   1 
ATOM   79   C CA  . SER A 1 11  ? 3.956   1.609   -17.180 1.00 16.47 ? 369 SER A CA  1 
ATOM   80   C C   . SER A 1 11  ? 5.290   2.249   -16.769 1.00 16.06 ? 369 SER A C   1 
ATOM   81   O O   . SER A 1 11  ? 5.716   3.221   -17.393 1.00 14.77 ? 369 SER A O   1 
ATOM   82   C CB  . SER A 1 11  ? 4.180   0.358   -18.038 1.00 19.16 ? 369 SER A CB  1 
ATOM   83   O OG  . SER A 1 11  ? 5.082   0.660   -19.086 1.00 17.14 ? 369 SER A OG  1 
ATOM   84   N N   . SER A 1 12  ? 5.951   1.742   -15.726 1.00 13.61 ? 370 SER A N   1 
ATOM   85   C CA  . SER A 1 12  ? 7.197   2.386   -15.295 1.00 12.24 ? 370 SER A CA  1 
ATOM   86   C C   . SER A 1 12  ? 8.218   2.402   -16.442 1.00 16.37 ? 370 SER A C   1 
ATOM   87   O O   . SER A 1 12  ? 8.849   3.426   -16.695 1.00 14.00 ? 370 SER A O   1 
ATOM   88   C CB  . SER A 1 12  ? 7.782   1.708   -14.035 1.00 18.44 ? 370 SER A CB  1 
ATOM   89   O OG  . SER A 1 12  ? 8.159   0.360   -14.279 1.00 16.93 ? 370 SER A OG  1 
ATOM   90   N N   . ALA A 1 13  ? 8.334   1.298   -17.177 1.00 17.11 ? 371 ALA A N   1 
ATOM   91   C CA  . ALA A 1 13  ? 9.278   1.234   -18.303 1.00 18.08 ? 371 ALA A CA  1 
ATOM   92   C C   . ALA A 1 13  ? 8.972   2.271   -19.382 1.00 16.57 ? 371 ALA A C   1 
ATOM   93   O O   . ALA A 1 13  ? 9.884   2.936   -19.925 1.00 17.29 ? 371 ALA A O   1 
ATOM   94   C CB  . ALA A 1 13  ? 9.263   -0.153  -18.919 1.00 19.44 ? 371 ALA A CB  1 
ATOM   95   N N   . ASP A 1 14  ? 7.687   2.386   -19.724 1.00 14.53 ? 372 ASP A N   1 
ATOM   96   C CA  . ASP A 1 14  ? 7.255   3.338   -20.755 1.00 17.06 ? 372 ASP A CA  1 
ATOM   97   C C   . ASP A 1 14  ? 7.443   4.782   -20.292 1.00 18.38 ? 372 ASP A C   1 
ATOM   98   O O   . ASP A 1 14  ? 7.869   5.650   -21.058 1.00 16.44 ? 372 ASP A O   1 
ATOM   99   C CB  . ASP A 1 14  ? 5.786   3.113   -21.133 1.00 14.63 ? 372 ASP A CB  1 
ATOM   100  C CG  . ASP A 1 14  ? 5.577   1.888   -22.026 1.00 25.43 ? 372 ASP A CG  1 
ATOM   101  O OD1 . ASP A 1 14  ? 6.568   1.303   -22.515 1.00 30.95 ? 372 ASP A OD1 1 
ATOM   102  O OD2 . ASP A 1 14  ? 4.404   1.510   -22.254 1.00 27.72 ? 372 ASP A OD2 1 
ATOM   103  N N   . ALA A 1 15  ? 7.108   5.050   -19.033 1.00 15.80 ? 373 ALA A N   1 
ATOM   104  C CA  . ALA A 1 15  ? 7.265   6.409   -18.511 1.00 16.26 ? 373 ALA A CA  1 
ATOM   105  C C   . ALA A 1 15  ? 8.733   6.787   -18.499 1.00 15.14 ? 373 ALA A C   1 
ATOM   106  O O   . ALA A 1 15  ? 9.119   7.906   -18.865 1.00 16.47 ? 373 ALA A O   1 
ATOM   107  C CB  . ALA A 1 15  ? 6.684   6.522   -17.098 1.00 16.04 ? 373 ALA A CB  1 
ATOM   108  N N   . ILE A 1 16  ? 9.563   5.839   -18.088 1.00 14.16 ? 374 ILE A N   1 
ATOM   109  C CA  . ILE A 1 16  ? 10.991  6.131   -17.982 1.00 16.34 ? 374 ILE A CA  1 
ATOM   110  C C   . ILE A 1 16  ? 11.568  6.363   -19.381 1.00 19.96 ? 374 ILE A C   1 
ATOM   111  O O   . ILE A 1 16  ? 12.351  7.298   -19.583 1.00 15.64 ? 374 ILE A O   1 
ATOM   112  C CB  . ILE A 1 16  ? 11.719  5.005   -17.222 1.00 16.61 ? 374 ILE A CB  1 
ATOM   113  C CG1 . ILE A 1 16  ? 11.493  5.193   -15.717 1.00 14.60 ? 374 ILE A CG1 1 
ATOM   114  C CG2 . ILE A 1 16  ? 13.221  5.018   -17.491 1.00 19.82 ? 374 ILE A CG2 1 
ATOM   115  C CD1 . ILE A 1 16  ? 11.873  3.972   -14.901 1.00 14.51 ? 374 ILE A CD1 1 
ATOM   116  N N   . ALA A 1 17  ? 11.139  5.563   -20.359 1.00 18.27 ? 375 ALA A N   1 
ATOM   117  C CA  . ALA A 1 17  ? 11.602  5.762   -21.734 1.00 21.21 ? 375 ALA A CA  1 
ATOM   118  C C   . ALA A 1 17  ? 11.191  7.143   -22.257 1.00 23.02 ? 375 ALA A C   1 
ATOM   119  O O   . ALA A 1 17  ? 11.994  7.843   -22.889 1.00 21.08 ? 375 ALA A O   1 
ATOM   120  C CB  . ALA A 1 17  ? 11.067  4.662   -22.647 1.00 21.26 ? 375 ALA A CB  1 
ATOM   121  N N   . THR A 1 18  ? 9.955   7.544   -21.968 1.00 18.43 ? 376 THR A N   1 
ATOM   122  C CA  . THR A 1 18  ? 9.460   8.862   -22.360 1.00 20.79 ? 376 THR A CA  1 
ATOM   123  C C   . THR A 1 18  ? 10.311  9.987   -21.762 1.00 23.06 ? 376 THR A C   1 
ATOM   124  O O   . THR A 1 18  ? 10.707  10.925  -22.455 1.00 19.18 ? 376 THR A O   1 
ATOM   125  C CB  . THR A 1 18  ? 7.985   9.056   -21.936 1.00 18.54 ? 376 THR A CB  1 
ATOM   126  O OG1 . THR A 1 18  ? 7.158   8.137   -22.662 1.00 21.92 ? 376 THR A OG1 1 
ATOM   127  C CG2 . THR A 1 18  ? 7.514   10.476  -22.211 1.00 23.61 ? 376 THR A CG2 1 
ATOM   128  N N   . LEU A 1 19  ? 10.604  9.883   -20.473 1.00 16.01 ? 377 LEU A N   1 
ATOM   129  C CA  . LEU A 1 19  ? 11.430  10.887  -19.798 1.00 18.44 ? 377 LEU A CA  1 
ATOM   130  C C   . LEU A 1 19  ? 12.871  10.884  -20.308 1.00 22.08 ? 377 LEU A C   1 
ATOM   131  O O   . LEU A 1 19  ? 13.484  11.954  -20.510 1.00 21.81 ? 377 LEU A O   1 
ATOM   132  C CB  . LEU A 1 19  ? 11.397  10.654  -18.281 1.00 16.10 ? 377 LEU A CB  1 
ATOM   133  C CG  . LEU A 1 19  ? 10.058  10.992  -17.602 1.00 13.64 ? 377 LEU A CG  1 
ATOM   134  C CD1 . LEU A 1 19  ? 9.931   10.338  -16.206 1.00 12.83 ? 377 LEU A CD1 1 
ATOM   135  C CD2 . LEU A 1 19  ? 9.913   12.504  -17.486 1.00 16.31 ? 377 LEU A CD2 1 
ATOM   136  N N   . GLN A 1 20  ? 13.419  9.692   -20.528 1.00 16.58 ? 378 GLN A N   1 
ATOM   137  C CA  . GLN A 1 20  ? 14.784  9.595   -21.051 1.00 19.22 ? 378 GLN A CA  1 
ATOM   138  C C   . GLN A 1 20  ? 14.874  10.217  -22.446 1.00 24.07 ? 378 GLN A C   1 
ATOM   139  O O   . GLN A 1 20  ? 15.869  10.855  -22.790 1.00 25.23 ? 378 GLN A O   1 
ATOM   140  C CB  . GLN A 1 20  ? 15.260  8.147   -21.104 1.00 20.06 ? 378 GLN A CB  1 
ATOM   141  C CG  . GLN A 1 20  ? 15.537  7.516   -19.743 1.00 24.49 ? 378 GLN A CG  1 
ATOM   142  C CD  . GLN A 1 20  ? 15.948  6.066   -19.893 1.00 23.65 ? 378 GLN A CD  1 
ATOM   143  O OE1 . GLN A 1 20  ? 15.437  5.359   -20.771 1.00 24.37 ? 378 GLN A OE1 1 
ATOM   144  N NE2 . GLN A 1 20  ? 16.898  5.626   -19.082 1.00 21.42 ? 378 GLN A NE2 1 
ATOM   145  N N   A ASN A 1 21  ? 13.821  10.017  -23.231 0.43 23.74 ? 379 ASN A N   1 
ATOM   146  N N   B ASN A 1 21  ? 13.836  10.028  -23.250 0.57 23.74 ? 379 ASN A N   1 
ATOM   147  C CA  A ASN A 1 21  ? 13.719  10.579  -24.573 0.43 26.89 ? 379 ASN A CA  1 
ATOM   148  C CA  B ASN A 1 21  ? 13.827  10.599  -24.592 0.57 26.88 ? 379 ASN A CA  1 
ATOM   149  C C   A ASN A 1 21  ? 13.812  12.101  -24.555 0.43 27.78 ? 379 ASN A C   1 
ATOM   150  C C   B ASN A 1 21  ? 13.842  12.123  -24.555 0.57 27.80 ? 379 ASN A C   1 
ATOM   151  O O   A ASN A 1 21  ? 14.255  12.723  -25.519 0.43 28.64 ? 379 ASN A O   1 
ATOM   152  O O   B ASN A 1 21  ? 14.266  12.769  -25.512 0.57 28.64 ? 379 ASN A O   1 
ATOM   153  C CB  A ASN A 1 21  ? 12.403  10.144  -25.221 0.43 27.35 ? 379 ASN A CB  1 
ATOM   154  C CB  B ASN A 1 21  ? 12.618  10.100  -25.377 0.57 27.43 ? 379 ASN A CB  1 
ATOM   155  C CG  A ASN A 1 21  ? 12.258  10.645  -26.641 0.43 29.26 ? 379 ASN A CG  1 
ATOM   156  C CG  B ASN A 1 21  ? 12.716  8.631   -25.708 0.57 27.52 ? 379 ASN A CG  1 
ATOM   157  O OD1 A ASN A 1 21  ? 13.152  10.471  -27.467 0.43 31.17 ? 379 ASN A OD1 1 
ATOM   158  O OD1 B ASN A 1 21  ? 13.784  8.030   -25.583 0.57 32.38 ? 379 ASN A OD1 1 
ATOM   159  N ND2 A ASN A 1 21  ? 11.129  11.287  -26.931 0.43 30.97 ? 379 ASN A ND2 1 
ATOM   160  N ND2 B ASN A 1 21  ? 11.608  8.040   -26.142 0.57 33.22 ? 379 ASN A ND2 1 
ATOM   161  N N   . ARG A 1 22  ? 13.388  12.696  -23.446 1.00 21.77 ? 380 ARG A N   1 
ATOM   162  C CA  . ARG A 1 22  ? 13.413  14.142  -23.292 1.00 23.75 ? 380 ARG A CA  1 
ATOM   163  C C   . ARG A 1 22  ? 14.708  14.592  -22.616 1.00 27.22 ? 380 ARG A C   1 
ATOM   164  O O   . ARG A 1 22  ? 14.875  15.775  -22.331 1.00 22.08 ? 380 ARG A O   1 
ATOM   165  C CB  . ARG A 1 22  ? 12.216  14.626  -22.478 1.00 20.70 ? 380 ARG A CB  1 
ATOM   166  C CG  . ARG A 1 22  ? 10.879  14.067  -22.916 1.00 32.08 ? 380 ARG A CG  1 
ATOM   167  C CD  . ARG A 1 22  ? 10.432  14.582  -24.267 1.00 32.08 ? 380 ARG A CD  1 
ATOM   168  N NE  . ARG A 1 22  ? 9.158   13.976  -24.658 1.00 35.94 ? 380 ARG A NE  1 
ATOM   169  C CZ  . ARG A 1 22  ? 7.976   14.586  -24.580 1.00 34.68 ? 380 ARG A CZ  1 
ATOM   170  N NH1 . ARG A 1 22  ? 7.888   15.833  -24.127 1.00 38.37 ? 380 ARG A NH1 1 
ATOM   171  N NH2 . ARG A 1 22  ? 6.875   13.947  -24.963 1.00 42.74 ? 380 ARG A NH2 1 
ATOM   172  N N   . GLY A 1 23  ? 15.603  13.646  -22.344 1.00 20.42 ? 381 GLY A N   1 
ATOM   173  C CA  . GLY A 1 23  ? 16.895  13.958  -21.754 1.00 23.82 ? 381 GLY A CA  1 
ATOM   174  C C   . GLY A 1 23  ? 16.981  13.963  -20.231 1.00 24.27 ? 381 GLY A C   1 
ATOM   175  O O   . GLY A 1 23  ? 18.007  14.350  -19.672 1.00 24.01 ? 381 GLY A O   1 
ATOM   176  N N   . PHE A 1 24  ? 15.919  13.544  -19.542 1.00 19.61 ? 382 PHE A N   1 
ATOM   177  C CA  . PHE A 1 24  ? 15.924  13.590  -18.080 1.00 17.82 ? 382 PHE A CA  1 
ATOM   178  C C   . PHE A 1 24  ? 16.659  12.413  -17.442 1.00 19.13 ? 382 PHE A C   1 
ATOM   179  O O   . PHE A 1 24  ? 16.761  11.345  -18.039 1.00 21.18 ? 382 PHE A O   1 
ATOM   180  C CB  . PHE A 1 24  ? 14.491  13.650  -17.552 1.00 17.86 ? 382 PHE A CB  1 
ATOM   181  C CG  . PHE A 1 24  ? 13.804  14.935  -17.867 1.00 18.51 ? 382 PHE A CG  1 
ATOM   182  C CD1 . PHE A 1 24  ? 14.278  16.122  -17.340 1.00 17.88 ? 382 PHE A CD1 1 
ATOM   183  C CD2 . PHE A 1 24  ? 12.712  14.963  -18.716 1.00 17.83 ? 382 PHE A CD2 1 
ATOM   184  C CE1 . PHE A 1 24  ? 13.650  17.317  -17.628 1.00 16.92 ? 382 PHE A CE1 1 
ATOM   185  C CE2 . PHE A 1 24  ? 12.079  16.156  -19.019 1.00 20.13 ? 382 PHE A CE2 1 
ATOM   186  C CZ  . PHE A 1 24  ? 12.548  17.330  -18.472 1.00 17.85 ? 382 PHE A CZ  1 
ATOM   187  N N   . LYS A 1 25  ? 17.198  12.634  -16.246 1.00 19.15 ? 383 LYS A N   1 
ATOM   188  C CA  . LYS A 1 25  ? 17.690  11.544  -15.414 1.00 18.94 ? 383 LYS A CA  1 
ATOM   189  C C   . LYS A 1 25  ? 16.518  11.088  -14.563 1.00 17.12 ? 383 LYS A C   1 
ATOM   190  O O   . LYS A 1 25  ? 15.547  11.817  -14.421 1.00 17.42 ? 383 LYS A O   1 
ATOM   191  C CB  . LYS A 1 25  ? 18.859  11.969  -14.528 1.00 26.11 ? 383 LYS A CB  1 
ATOM   192  C CG  . LYS A 1 25  ? 20.181  12.180  -15.268 1.00 34.79 ? 383 LYS A CG  1 
ATOM   193  C CD  . LYS A 1 25  ? 21.357  12.271  -14.297 1.00 54.47 ? 383 LYS A CD  1 
ATOM   194  C CE  . LYS A 1 25  ? 20.904  12.555  -12.860 1.00 70.57 ? 383 LYS A CE  1 
ATOM   195  N NZ  . LYS A 1 25  ? 21.939  12.204  -11.840 1.00 69.45 ? 383 LYS A NZ  1 
ATOM   196  N N   . ILE A 1 26  ? 16.618  9.899   -13.980 1.00 16.59 ? 384 ILE A N   1 
ATOM   197  C CA  . ILE A 1 26  ? 15.467  9.269   -13.351 1.00 16.29 ? 384 ILE A CA  1 
ATOM   198  C C   . ILE A 1 26  ? 15.805  8.732   -11.983 1.00 17.68 ? 384 ILE A C   1 
ATOM   199  O O   . ILE A 1 26  ? 16.843  8.089   -11.818 1.00 17.75 ? 384 ILE A O   1 
ATOM   200  C CB  . ILE A 1 26  ? 14.942  8.060   -14.172 1.00 22.98 ? 384 ILE A CB  1 
ATOM   201  C CG1 . ILE A 1 26  ? 14.662  8.437   -15.627 1.00 24.07 ? 384 ILE A CG1 1 
ATOM   202  C CG2 . ILE A 1 26  ? 13.703  7.453   -13.508 1.00 21.14 ? 384 ILE A CG2 1 
ATOM   203  C CD1 . ILE A 1 26  ? 13.522  9.355   -15.769 1.00 22.26 ? 384 ILE A CD1 1 
ATOM   204  N N   . ARG A 1 27  ? 14.935  8.985   -11.012 1.00 14.33 ? 385 ARG A N   1 
ATOM   205  C CA  . ARG A 1 27  ? 14.913  8.137   -9.819  1.00 14.56 ? 385 ARG A CA  1 
ATOM   206  C C   . ARG A 1 27  ? 13.483  7.678   -9.585  1.00 16.44 ? 385 ARG A C   1 
ATOM   207  O O   . ARG A 1 27  ? 12.541  8.422   -9.823  1.00 17.85 ? 385 ARG A O   1 
ATOM   208  C CB  . ARG A 1 27  ? 15.489  8.862   -8.597  1.00 20.91 ? 385 ARG A CB  1 
ATOM   209  C CG  . ARG A 1 27  ? 14.555  9.740   -7.805  1.00 27.38 ? 385 ARG A CG  1 
ATOM   210  C CD  . ARG A 1 27  ? 15.303  10.430  -6.623  1.00 23.97 ? 385 ARG A CD  1 
ATOM   211  N NE  . ARG A 1 27  ? 15.156  9.799   -5.309  1.00 19.86 ? 385 ARG A NE  1 
ATOM   212  C CZ  . ARG A 1 27  ? 14.175  10.085  -4.452  1.00 21.10 ? 385 ARG A CZ  1 
ATOM   213  N NH1 . ARG A 1 27  ? 13.224  10.961  -4.788  1.00 20.64 ? 385 ARG A NH1 1 
ATOM   214  N NH2 . ARG A 1 27  ? 14.121  9.487   -3.264  1.00 23.10 ? 385 ARG A NH2 1 
ATOM   215  N N   . THR A 1 28  ? 13.301  6.434   -9.155  1.00 17.04 ? 386 THR A N   1 
ATOM   216  C CA  . THR A 1 28  ? 11.940  5.963   -8.929  1.00 13.05 ? 386 THR A CA  1 
ATOM   217  C C   . THR A 1 28  ? 11.677  5.892   -7.440  1.00 14.43 ? 386 THR A C   1 
ATOM   218  O O   . THR A 1 28  ? 12.601  5.689   -6.643  1.00 17.77 ? 386 THR A O   1 
ATOM   219  C CB  . THR A 1 28  ? 11.684  4.578   -9.552  1.00 17.00 ? 386 THR A CB  1 
ATOM   220  O OG1 . THR A 1 28  ? 12.581  3.623   -8.980  1.00 18.56 ? 386 THR A OG1 1 
ATOM   221  C CG2 . THR A 1 28  ? 11.901  4.616   -11.052 1.00 15.07 ? 386 THR A CG2 1 
ATOM   222  N N   . LEU A 1 29  ? 10.417  6.068   -7.073  1.00 12.80 ? 387 LEU A N   1 
ATOM   223  C CA  . LEU A 1 29  ? 9.946   5.768   -5.719  1.00 16.07 ? 387 LEU A CA  1 
ATOM   224  C C   . LEU A 1 29  ? 8.744   4.862   -5.839  1.00 17.05 ? 387 LEU A C   1 
ATOM   225  O O   . LEU A 1 29  ? 7.873   5.110   -6.664  1.00 18.79 ? 387 LEU A O   1 
ATOM   226  C CB  . LEU A 1 29  ? 9.546   7.027   -4.956  1.00 21.69 ? 387 LEU A CB  1 
ATOM   227  C CG  . LEU A 1 29  ? 10.618  7.966   -4.426  1.00 28.34 ? 387 LEU A CG  1 
ATOM   228  C CD1 . LEU A 1 29  ? 9.935   9.024   -3.566  1.00 32.71 ? 387 LEU A CD1 1 
ATOM   229  C CD2 . LEU A 1 29  ? 11.658  7.183   -3.620  1.00 30.56 ? 387 LEU A CD2 1 
ATOM   230  N N   . GLN A 1 30  ? 8.666   3.842   -4.997  1.00 15.79 ? 388 GLN A N   1 
ATOM   231  C CA  . GLN A 1 30  ? 7.515   2.948   -5.007  1.00 15.92 ? 388 GLN A CA  1 
ATOM   232  C C   . GLN A 1 30  ? 6.526   3.334   -3.903  1.00 23.69 ? 388 GLN A C   1 
ATOM   233  O O   . GLN A 1 30  ? 6.873   3.335   -2.715  1.00 20.65 ? 388 GLN A O   1 
ATOM   234  C CB  . GLN A 1 30  ? 7.977   1.503   -4.823  1.00 20.35 ? 388 GLN A CB  1 
ATOM   235  C CG  . GLN A 1 30  ? 9.099   1.095   -5.755  1.00 19.36 ? 388 GLN A CG  1 
ATOM   236  C CD  . GLN A 1 30  ? 8.644   0.966   -7.209  1.00 21.82 ? 388 GLN A CD  1 
ATOM   237  O OE1 . GLN A 1 30  ? 7.516   0.575   -7.482  1.00 27.28 ? 388 GLN A OE1 1 
ATOM   238  N NE2 . GLN A 1 30  ? 9.530   1.285   -8.137  1.00 24.32 ? 388 GLN A NE2 1 
ATOM   239  N N   . LYS A 1 31  ? 5.291   3.635   -4.289  1.00 15.61 ? 389 LYS A N   1 
ATOM   240  C CA  . LYS A 1 31  ? 4.309   4.172   -3.347  1.00 20.36 ? 389 LYS A CA  1 
ATOM   241  C C   . LYS A 1 31  ? 2.955   3.527   -3.537  1.00 18.94 ? 389 LYS A C   1 
ATOM   242  O O   . LYS A 1 31  ? 2.574   3.200   -4.655  1.00 16.92 ? 389 LYS A O   1 
ATOM   243  C CB  . LYS A 1 31  ? 4.152   5.687   -3.529  1.00 23.69 ? 389 LYS A CB  1 
ATOM   244  C CG  . LYS A 1 31  ? 5.314   6.520   -3.033  1.00 35.57 ? 389 LYS A CG  1 
ATOM   245  C CD  . LYS A 1 31  ? 5.164   7.961   -3.503  1.00 36.67 ? 389 LYS A CD  1 
ATOM   246  C CE  . LYS A 1 31  ? 3.758   8.478   -3.258  1.00 41.11 ? 389 LYS A CE  1 
ATOM   247  N NZ  . LYS A 1 31  ? 3.638   9.948   -3.500  1.00 50.09 ? 389 LYS A NZ  1 
ATOM   248  N N   A PRO A 1 32  ? 2.200   3.368   -2.444  0.58 19.24 ? 390 PRO A N   1 
ATOM   249  N N   B PRO A 1 32  ? 2.214   3.326   -2.438  0.42 19.28 ? 390 PRO A N   1 
ATOM   250  C CA  A PRO A 1 32  ? 0.853   2.838   -2.640  0.58 19.75 ? 390 PRO A CA  1 
ATOM   251  C CA  B PRO A 1 32  ? 0.838   2.835   -2.584  0.42 19.80 ? 390 PRO A CA  1 
ATOM   252  C C   A PRO A 1 32  ? -0.002  3.867   -3.360  0.58 19.63 ? 390 PRO A C   1 
ATOM   253  C C   B PRO A 1 32  ? -0.056  3.867   -3.280  0.42 19.65 ? 390 PRO A C   1 
ATOM   254  O O   A PRO A 1 32  ? 0.284   5.066   -3.282  0.58 20.82 ? 390 PRO A O   1 
ATOM   255  O O   B PRO A 1 32  ? 0.150   5.070   -3.105  0.42 21.09 ? 390 PRO A O   1 
ATOM   256  C CB  A PRO A 1 32  ? 0.355   2.608   -1.209  0.58 20.94 ? 390 PRO A CB  1 
ATOM   257  C CB  B PRO A 1 32  ? 0.384   2.601   -1.132  0.42 20.93 ? 390 PRO A CB  1 
ATOM   258  C CG  A PRO A 1 32  ? 1.035   3.692   -0.441  0.58 18.48 ? 390 PRO A CG  1 
ATOM   259  C CG  B PRO A 1 32  ? 1.657   2.489   -0.336  0.42 19.45 ? 390 PRO A CG  1 
ATOM   260  C CD  A PRO A 1 32  ? 2.416   3.819   -1.058  0.58 20.35 ? 390 PRO A CD  1 
ATOM   261  C CD  B PRO A 1 32  ? 2.651   3.375   -1.032  0.42 20.23 ? 390 PRO A CD  1 
ATOM   262  N N   . ASP A 1 33  ? -1.020  3.401   -4.071  1.00 19.96 ? 391 ASP A N   1 
ATOM   263  C CA  . ASP A 1 33  ? -1.993  4.291   -4.689  1.00 21.81 ? 391 ASP A CA  1 
ATOM   264  C C   . ASP A 1 33  ? -3.304  3.546   -4.836  1.00 21.82 ? 391 ASP A C   1 
ATOM   265  O O   . ASP A 1 33  ? -3.311  2.368   -5.146  1.00 17.94 ? 391 ASP A O   1 
ATOM   266  C CB  . ASP A 1 33  ? -1.518  4.794   -6.054  1.00 18.40 ? 391 ASP A CB  1 
ATOM   267  C CG  . ASP A 1 33  ? -2.378  5.940   -6.569  1.00 23.16 ? 391 ASP A CG  1 
ATOM   268  O OD1 . ASP A 1 33  ? -2.112  7.102   -6.196  1.00 20.63 ? 391 ASP A OD1 1 
ATOM   269  O OD2 . ASP A 1 33  ? -3.342  5.667   -7.311  1.00 21.70 ? 391 ASP A OD2 1 
ATOM   270  N N   . SER A 1 34  ? -4.418  4.236   -4.640  1.00 26.29 ? 392 SER A N   1 
ATOM   271  C CA  . SER A 1 34  ? -5.704  3.551   -4.660  1.00 32.22 ? 392 SER A CA  1 
ATOM   272  C C   . SER A 1 34  ? -6.325  3.437   -6.048  1.00 32.11 ? 392 SER A C   1 
ATOM   273  O O   . SER A 1 34  ? -7.308  2.712   -6.235  1.00 29.54 ? 392 SER A O   1 
ATOM   274  C CB  . SER A 1 34  ? -6.672  4.273   -3.723  1.00 34.66 ? 392 SER A CB  1 
ATOM   275  O OG  . SER A 1 34  ? -6.725  5.653   -4.037  1.00 37.19 ? 392 SER A OG  1 
ATOM   276  N N   A THR A 1 35  ? -5.737  4.138   -7.011  0.45 24.84 ? 393 THR A N   1 
ATOM   277  N N   B THR A 1 35  ? -5.779  4.153   -7.030  0.55 24.81 ? 393 THR A N   1 
ATOM   278  C CA  A THR A 1 35  ? -6.357  4.324   -8.313  0.45 26.11 ? 393 THR A CA  1 
ATOM   279  C CA  B THR A 1 35  ? -6.413  4.195   -8.350  0.55 26.10 ? 393 THR A CA  1 
ATOM   280  C C   A THR A 1 35  ? -5.484  3.814   -9.462  0.45 30.21 ? 393 THR A C   1 
ATOM   281  C C   B THR A 1 35  ? -5.481  3.950   -9.540  0.55 30.31 ? 393 THR A C   1 
ATOM   282  O O   A THR A 1 35  ? -5.993  3.331   -10.466 0.45 28.62 ? 393 THR A O   1 
ATOM   283  O O   B THR A 1 35  ? -5.957  3.823   -10.672 0.55 28.15 ? 393 THR A O   1 
ATOM   284  C CB  A THR A 1 35  ? -6.680  5.820   -8.544  0.45 27.93 ? 393 THR A CB  1 
ATOM   285  C CB  B THR A 1 35  ? -7.109  5.549   -8.605  0.55 27.73 ? 393 THR A CB  1 
ATOM   286  O OG1 A THR A 1 35  ? -7.451  6.327   -7.445  0.45 30.08 ? 393 THR A OG1 1 
ATOM   287  O OG1 B THR A 1 35  ? -6.125  6.569   -8.826  0.55 31.90 ? 393 THR A OG1 1 
ATOM   288  C CG2 A THR A 1 35  ? -7.456  6.018   -9.819  0.45 27.72 ? 393 THR A CG2 1 
ATOM   289  C CG2 B THR A 1 35  ? -8.002  5.944   -7.425  0.55 30.77 ? 393 THR A CG2 1 
ATOM   290  N N   . ILE A 1 36  ? -4.171  3.922   -9.317  1.00 19.07 ? 394 ILE A N   1 
ATOM   291  C CA  . ILE A 1 36  ? -3.253  3.558   -10.399 1.00 17.64 ? 394 ILE A CA  1 
ATOM   292  C C   . ILE A 1 36  ? -2.760  2.157   -10.107 1.00 17.95 ? 394 ILE A C   1 
ATOM   293  O O   . ILE A 1 36  ? -2.371  1.875   -8.976  1.00 18.53 ? 394 ILE A O   1 
ATOM   294  C CB  . ILE A 1 36  ? -2.074  4.547   -10.520 1.00 16.07 ? 394 ILE A CB  1 
ATOM   295  C CG1 . ILE A 1 36  ? -2.598  5.942   -10.869 1.00 15.93 ? 394 ILE A CG1 1 
ATOM   296  C CG2 . ILE A 1 36  ? -1.039  4.069   -11.549 1.00 14.77 ? 394 ILE A CG2 1 
ATOM   297  C CD1 . ILE A 1 36  ? -3.201  6.051   -12.255 1.00 18.64 ? 394 ILE A CD1 1 
ATOM   298  N N   . PRO A 1 37  ? -2.821  1.262   -11.109 1.00 15.18 ? 395 PRO A N   1 
ATOM   299  C CA  . PRO A 1 37  ? -2.433  -0.141  -10.911 1.00 16.69 ? 395 PRO A CA  1 
ATOM   300  C C   . PRO A 1 37  ? -0.955  -0.329  -10.648 1.00 16.38 ? 395 PRO A C   1 
ATOM   301  O O   . PRO A 1 37  ? -0.148  0.536   -10.993 1.00 15.45 ? 395 PRO A O   1 
ATOM   302  C CB  . PRO A 1 37  ? -2.817  -0.811  -12.239 1.00 19.82 ? 395 PRO A CB  1 
ATOM   303  C CG  . PRO A 1 37  ? -3.793  0.099   -12.873 1.00 22.70 ? 395 PRO A CG  1 
ATOM   304  C CD  . PRO A 1 37  ? -3.411  1.488   -12.438 1.00 18.60 ? 395 PRO A CD  1 
ATOM   305  N N   . PRO A 1 38  ? -0.584  -1.472  -10.055 1.00 15.99 ? 396 PRO A N   1 
ATOM   306  C CA  . PRO A 1 38  ? 0.835   -1.694  -9.771  1.00 15.24 ? 396 PRO A CA  1 
ATOM   307  C C   . PRO A 1 38  ? 1.705   -1.572  -11.016 1.00 17.26 ? 396 PRO A C   1 
ATOM   308  O O   . PRO A 1 38  ? 1.305   -2.031  -12.088 1.00 15.57 ? 396 PRO A O   1 
ATOM   309  C CB  . PRO A 1 38  ? 0.856   -3.124  -9.199  1.00 17.24 ? 396 PRO A CB  1 
ATOM   310  C CG  . PRO A 1 38  ? -0.477  -3.285  -8.597  1.00 18.66 ? 396 PRO A CG  1 
ATOM   311  C CD  . PRO A 1 38  ? -1.432  -2.539  -9.488  1.00 18.20 ? 396 PRO A CD  1 
ATOM   312  N N   . ASP A 1 39  ? 2.851   -0.907  -10.845 1.00 14.21 ? 397 ASP A N   1 
ATOM   313  C CA  . ASP A 1 39  ? 3.872   -0.655  -11.868 1.00 16.79 ? 397 ASP A CA  1 
ATOM   314  C C   . ASP A 1 39  ? 3.454   0.433   -12.859 1.00 15.68 ? 397 ASP A C   1 
ATOM   315  O O   . ASP A 1 39  ? 4.146   0.704   -13.845 1.00 18.47 ? 397 ASP A O   1 
ATOM   316  C CB  . ASP A 1 39  ? 4.262   -1.926  -12.634 1.00 14.40 ? 397 ASP A CB  1 
ATOM   317  C CG  . ASP A 1 39  ? 5.476   -1.698  -13.523 1.00 18.54 ? 397 ASP A CG  1 
ATOM   318  O OD1 . ASP A 1 39  ? 6.521   -1.229  -13.011 1.00 15.44 ? 397 ASP A OD1 1 
ATOM   319  O OD2 . ASP A 1 39  ? 5.380   -1.916  -14.751 1.00 19.57 ? 397 ASP A OD2 1 
ATOM   320  N N   . HIS A 1 40  ? 2.355   1.106   -12.571 1.00 15.66 ? 398 HIS A N   1 
ATOM   321  C CA  . HIS A 1 40  ? 2.028   2.266   -13.370 1.00 14.00 ? 398 HIS A CA  1 
ATOM   322  C C   . HIS A 1 40  ? 2.262   3.561   -12.598 1.00 13.21 ? 398 HIS A C   1 
ATOM   323  O O   . HIS A 1 40  ? 2.257   3.584   -11.358 1.00 12.66 ? 398 HIS A O   1 
ATOM   324  C CB  . HIS A 1 40  ? 0.602   2.138   -13.894 1.00 13.51 ? 398 HIS A CB  1 
ATOM   325  C CG  . HIS A 1 40  ? 0.472   1.075   -14.938 1.00 14.53 ? 398 HIS A CG  1 
ATOM   326  N ND1 . HIS A 1 40  ? 0.412   1.357   -16.287 1.00 16.46 ? 398 HIS A ND1 1 
ATOM   327  C CD2 . HIS A 1 40  ? 0.467   -0.276  -14.839 1.00 18.18 ? 398 HIS A CD2 1 
ATOM   328  C CE1 . HIS A 1 40  ? 0.356   0.230   -16.971 1.00 18.51 ? 398 HIS A CE1 1 
ATOM   329  N NE2 . HIS A 1 40  ? 0.376   -0.778  -16.118 1.00 18.99 ? 398 HIS A NE2 1 
ATOM   330  N N   . VAL A 1 41  ? 2.522   4.632   -13.339 1.00 12.17 ? 399 VAL A N   1 
ATOM   331  C CA  . VAL A 1 41  ? 3.009   5.852   -12.717 1.00 14.29 ? 399 VAL A CA  1 
ATOM   332  C C   . VAL A 1 41  ? 1.893   6.724   -12.153 1.00 13.59 ? 399 VAL A C   1 
ATOM   333  O O   . VAL A 1 41  ? 0.889   7.002   -12.826 1.00 13.30 ? 399 VAL A O   1 
ATOM   334  C CB  . VAL A 1 41  ? 3.852   6.676   -13.726 1.00 14.09 ? 399 VAL A CB  1 
ATOM   335  C CG1 . VAL A 1 41  ? 4.258   8.015   -13.103 1.00 13.12 ? 399 VAL A CG1 1 
ATOM   336  C CG2 . VAL A 1 41  ? 5.079   5.865   -14.116 1.00 12.69 ? 399 VAL A CG2 1 
ATOM   337  N N   . ILE A 1 42  ? 2.104   7.162   -10.913 1.00 12.43 ? 400 ILE A N   1 
ATOM   338  C CA  . ILE A 1 42  ? 1.199   8.043   -10.190 1.00 12.22 ? 400 ILE A CA  1 
ATOM   339  C C   . ILE A 1 42  ? 1.401   9.475   -10.636 1.00 12.96 ? 400 ILE A C   1 
ATOM   340  O O   . ILE A 1 42  ? 0.449   10.229  -10.859 1.00 13.80 ? 400 ILE A O   1 
ATOM   341  C CB  . ILE A 1 42  ? 1.450   7.968   -8.674  1.00 13.82 ? 400 ILE A CB  1 
ATOM   342  C CG1 . ILE A 1 42  ? 1.270   6.534   -8.160  1.00 11.11 ? 400 ILE A CG1 1 
ATOM   343  C CG2 . ILE A 1 42  ? 0.535   8.937   -7.936  1.00 16.87 ? 400 ILE A CG2 1 
ATOM   344  C CD1 . ILE A 1 42  ? 1.994   6.268   -6.826  1.00 16.72 ? 400 ILE A CD1 1 
ATOM   345  N N   . GLY A 1 43  ? 2.662   9.855   -10.760 1.00 13.43 ? 401 GLY A N   1 
ATOM   346  C CA  . GLY A 1 43  ? 2.997   11.209  -11.154 1.00 14.44 ? 401 GLY A CA  1 
ATOM   347  C C   . GLY A 1 43  ? 4.486   11.372  -10.968 1.00 18.06 ? 401 GLY A C   1 
ATOM   348  O O   . GLY A 1 43  ? 5.167   10.401  -10.643 1.00 15.48 ? 401 GLY A O   1 
ATOM   349  N N   . THR A 1 44  ? 4.989   12.587  -11.191 1.00 15.99 ? 402 THR A N   1 
ATOM   350  C CA  . THR A 1 44  ? 6.410   12.855  -11.032 1.00 14.92 ? 402 THR A CA  1 
ATOM   351  C C   . THR A 1 44  ? 6.673   14.043  -10.090 1.00 18.53 ? 402 THR A C   1 
ATOM   352  O O   . THR A 1 44  ? 5.773   14.858  -9.809  1.00 16.41 ? 402 THR A O   1 
ATOM   353  C CB  . THR A 1 44  ? 7.074   13.154  -12.387 1.00 17.49 ? 402 THR A CB  1 
ATOM   354  O OG1 . THR A 1 44  ? 6.384   14.240  -13.010 1.00 16.94 ? 402 THR A OG1 1 
ATOM   355  C CG2 . THR A 1 44  ? 7.009   11.939  -13.326 1.00 16.06 ? 402 THR A CG2 1 
ATOM   356  N N   A ASP A 1 45  ? 7.907   14.133  -9.602  0.66 17.96 ? 403 ASP A N   1 
ATOM   357  N N   B ASP A 1 45  ? 7.906   14.107  -9.586  0.34 17.89 ? 403 ASP A N   1 
ATOM   358  C CA  A ASP A 1 45  ? 8.367   15.317  -8.887  0.66 17.78 ? 403 ASP A CA  1 
ATOM   359  C CA  B ASP A 1 45  ? 8.422   15.275  -8.871  0.34 18.11 ? 403 ASP A CA  1 
ATOM   360  C C   A ASP A 1 45  ? 9.731   15.691  -9.455  0.66 17.83 ? 403 ASP A C   1 
ATOM   361  C C   B ASP A 1 45  ? 9.760   15.672  -9.488  0.34 17.51 ? 403 ASP A C   1 
ATOM   362  O O   A ASP A 1 45  ? 10.688  14.935  -9.307  0.66 17.44 ? 403 ASP A O   1 
ATOM   363  O O   B ASP A 1 45  ? 10.726  14.917  -9.398  0.34 17.53 ? 403 ASP A O   1 
ATOM   364  C CB  A ASP A 1 45  ? 8.433   15.054  -7.380  0.66 19.21 ? 403 ASP A CB  1 
ATOM   365  C CB  B ASP A 1 45  ? 8.601   14.991  -7.374  0.34 19.21 ? 403 ASP A CB  1 
ATOM   366  C CG  A ASP A 1 45  ? 8.831   16.278  -6.585  0.66 18.76 ? 403 ASP A CG  1 
ATOM   367  C CG  B ASP A 1 45  ? 7.287   14.942  -6.627  0.34 19.23 ? 403 ASP A CG  1 
ATOM   368  O OD1 A ASP A 1 45  ? 8.794   17.405  -7.130  0.66 18.81 ? 403 ASP A OD1 1 
ATOM   369  O OD1 B ASP A 1 45  ? 6.633   16.001  -6.517  0.34 22.80 ? 403 ASP A OD1 1 
ATOM   370  O OD2 A ASP A 1 45  ? 9.151   16.107  -5.394  0.66 19.16 ? 403 ASP A OD2 1 
ATOM   371  O OD2 B ASP A 1 45  ? 6.917   13.855  -6.132  0.34 25.18 ? 403 ASP A OD2 1 
ATOM   372  N N   . PRO A 1 46  ? 9.829   16.852  -10.133 1.00 16.64 ? 404 PRO A N   1 
ATOM   373  C CA  . PRO A 1 46  ? 8.789   17.857  -10.405 1.00 18.21 ? 404 PRO A CA  1 
ATOM   374  C C   . PRO A 1 46  ? 7.618   17.335  -11.234 1.00 22.40 ? 404 PRO A C   1 
ATOM   375  O O   . PRO A 1 46  ? 7.779   16.372  -11.981 1.00 18.97 ? 404 PRO A O   1 
ATOM   376  C CB  . PRO A 1 46  ? 9.543   18.947  -11.189 1.00 21.25 ? 404 PRO A CB  1 
ATOM   377  C CG  . PRO A 1 46  ? 10.776  18.286  -11.691 1.00 28.15 ? 404 PRO A CG  1 
ATOM   378  C CD  . PRO A 1 46  ? 11.138  17.280  -10.645 1.00 16.08 ? 404 PRO A CD  1 
ATOM   379  N N   . ALA A 1 47  ? 6.461   17.971  -11.071 1.00 19.95 ? 405 ALA A N   1 
ATOM   380  C CA  . ALA A 1 47  ? 5.200   17.496  -11.628 1.00 19.78 ? 405 ALA A CA  1 
ATOM   381  C C   . ALA A 1 47  ? 5.096   17.666  -13.132 1.00 23.36 ? 405 ALA A C   1 
ATOM   382  O O   . ALA A 1 47  ? 5.833   18.450  -13.740 1.00 20.83 ? 405 ALA A O   1 
ATOM   383  C CB  . ALA A 1 47  ? 4.046   18.208  -10.951 1.00 20.05 ? 405 ALA A CB  1 
ATOM   384  N N   . ALA A 1 48  ? 4.165   16.926  -13.725 1.00 22.92 ? 406 ALA A N   1 
ATOM   385  C CA  . ALA A 1 48  ? 3.885   17.025  -15.149 1.00 20.54 ? 406 ALA A CA  1 
ATOM   386  C C   . ALA A 1 48  ? 3.723   18.475  -15.577 1.00 22.14 ? 406 ALA A C   1 
ATOM   387  O O   . ALA A 1 48  ? 3.150   19.276  -14.840 1.00 20.95 ? 406 ALA A O   1 
ATOM   388  C CB  . ALA A 1 48  ? 2.639   16.251  -15.492 1.00 19.90 ? 406 ALA A CB  1 
ATOM   389  N N   . ASN A 1 49  ? 4.244   18.782  -16.762 1.00 22.18 ? 407 ASN A N   1 
ATOM   390  C CA  . ASN A 1 49  ? 4.069   20.076  -17.417 1.00 25.85 ? 407 ASN A CA  1 
ATOM   391  C C   . ASN A 1 49  ? 4.894   21.215  -16.827 1.00 29.34 ? 407 ASN A C   1 
ATOM   392  O O   . ASN A 1 49  ? 4.909   22.315  -17.380 1.00 28.52 ? 407 ASN A O   1 
ATOM   393  C CB  . ASN A 1 49  ? 2.593   20.464  -17.424 1.00 24.89 ? 407 ASN A CB  1 
ATOM   394  C CG  . ASN A 1 49  ? 1.757   19.455  -18.130 1.00 22.34 ? 407 ASN A CG  1 
ATOM   395  O OD1 . ASN A 1 49  ? 2.151   18.946  -19.175 1.00 28.02 ? 407 ASN A OD1 1 
ATOM   396  N ND2 . ASN A 1 49  ? 0.602   19.135  -17.564 1.00 33.95 ? 407 ASN A ND2 1 
ATOM   397  N N   . THR A 1 50  ? 5.591   20.961  -15.727 1.00 22.79 ? 408 THR A N   1 
ATOM   398  C CA  . THR A 1 50  ? 6.537   21.945  -15.216 1.00 27.49 ? 408 THR A CA  1 
ATOM   399  C C   . THR A 1 50  ? 7.702   22.087  -16.193 1.00 28.57 ? 408 THR A C   1 
ATOM   400  O O   . THR A 1 50  ? 8.100   21.115  -16.830 1.00 28.31 ? 408 THR A O   1 
ATOM   401  C CB  . THR A 1 50  ? 7.098   21.561  -13.835 1.00 29.77 ? 408 THR A CB  1 
ATOM   402  O OG1 . THR A 1 50  ? 7.819   20.330  -13.939 1.00 38.80 ? 408 THR A OG1 1 
ATOM   403  C CG2 . THR A 1 50  ? 5.985   21.413  -12.806 1.00 28.45 ? 408 THR A CG2 1 
ATOM   404  N N   A SER A 1 51  ? 8.240   23.297  -16.305 0.63 24.34 ? 409 SER A N   1 
ATOM   405  N N   B SER A 1 51  ? 8.248   23.292  -16.310 0.37 24.40 ? 409 SER A N   1 
ATOM   406  C CA  A SER A 1 51  ? 9.434   23.534  -17.110 0.63 25.99 ? 409 SER A CA  1 
ATOM   407  C CA  B SER A 1 51  ? 9.430   23.502  -17.140 0.37 25.99 ? 409 SER A CA  1 
ATOM   408  C C   A SER A 1 51  ? 10.672  23.496  -16.220 0.63 25.98 ? 409 SER A C   1 
ATOM   409  C C   B SER A 1 51  ? 10.686  23.530  -16.268 0.37 25.95 ? 409 SER A C   1 
ATOM   410  O O   A SER A 1 51  ? 10.747  24.228  -15.230 0.63 24.18 ? 409 SER A O   1 
ATOM   411  O O   B SER A 1 51  ? 10.783  24.334  -15.339 0.37 24.27 ? 409 SER A O   1 
ATOM   412  C CB  A SER A 1 51  ? 9.346   24.884  -17.832 0.63 26.09 ? 409 SER A CB  1 
ATOM   413  C CB  B SER A 1 51  ? 9.302   24.801  -17.940 0.37 26.19 ? 409 SER A CB  1 
ATOM   414  O OG  A SER A 1 51  ? 10.491  25.099  -18.647 0.63 26.20 ? 409 SER A OG  1 
ATOM   415  O OG  B SER A 1 51  ? 8.651   24.579  -19.185 0.37 28.90 ? 409 SER A OG  1 
ATOM   416  N N   . VAL A 1 52  ? 11.636  22.642  -16.555 1.00 22.16 ? 410 VAL A N   1 
ATOM   417  C CA  . VAL A 1 52  ? 12.876  22.557  -15.772 1.00 21.29 ? 410 VAL A CA  1 
ATOM   418  C C   . VAL A 1 52  ? 14.117  22.478  -16.667 1.00 23.35 ? 410 VAL A C   1 
ATOM   419  O O   . VAL A 1 52  ? 14.013  22.410  -17.888 1.00 31.46 ? 410 VAL A O   1 
ATOM   420  C CB  . VAL A 1 52  ? 12.891  21.320  -14.813 1.00 26.63 ? 410 VAL A CB  1 
ATOM   421  C CG1 . VAL A 1 52  ? 11.660  21.288  -13.927 1.00 25.80 ? 410 VAL A CG1 1 
ATOM   422  C CG2 . VAL A 1 52  ? 12.987  20.045  -15.614 1.00 20.27 ? 410 VAL A CG2 1 
ATOM   423  N N   A SER A 1 53  ? 15.295  22.470  -16.051 0.60 23.70 ? 411 SER A N   1 
ATOM   424  N N   B SER A 1 53  ? 15.289  22.469  -16.043 0.40 23.68 ? 411 SER A N   1 
ATOM   425  C CA  A SER A 1 53  ? 16.545  22.428  -16.802 0.60 22.59 ? 411 SER A CA  1 
ATOM   426  C CA  B SER A 1 53  ? 16.544  22.407  -16.777 0.40 22.62 ? 411 SER A CA  1 
ATOM   427  C C   A SER A 1 53  ? 16.764  21.078  -17.470 0.60 25.70 ? 411 SER A C   1 
ATOM   428  C C   B SER A 1 53  ? 16.734  21.069  -17.482 0.40 25.68 ? 411 SER A C   1 
ATOM   429  O O   A SER A 1 53  ? 16.484  20.028  -16.887 0.60 23.59 ? 411 SER A O   1 
ATOM   430  O O   B SER A 1 53  ? 16.404  20.016  -16.933 0.40 23.62 ? 411 SER A O   1 
ATOM   431  C CB  A SER A 1 53  ? 17.730  22.753  -15.886 0.60 25.95 ? 411 SER A CB  1 
ATOM   432  C CB  B SER A 1 53  ? 17.720  22.665  -15.835 0.40 25.93 ? 411 SER A CB  1 
ATOM   433  O OG  A SER A 1 53  ? 17.520  23.987  -15.216 0.60 23.32 ? 411 SER A OG  1 
ATOM   434  O OG  B SER A 1 53  ? 18.945  22.565  -16.528 0.40 23.30 ? 411 SER A OG  1 
ATOM   435  N N   . ALA A 1 54  ? 17.266  21.116  -18.699 1.00 22.42 ? 412 ALA A N   1 
ATOM   436  C CA  . ALA A 1 54  ? 17.584  19.901  -19.441 1.00 26.71 ? 412 ALA A CA  1 
ATOM   437  C C   . ALA A 1 54  ? 18.511  19.024  -18.603 1.00 30.46 ? 412 ALA A C   1 
ATOM   438  O O   . ALA A 1 54  ? 19.462  19.520  -17.998 1.00 25.93 ? 412 ALA A O   1 
ATOM   439  C CB  . ALA A 1 54  ? 18.230  20.238  -20.782 1.00 34.50 ? 412 ALA A CB  1 
ATOM   440  N N   . GLY A 1 55  ? 18.205  17.736  -18.524 1.00 27.05 ? 413 GLY A N   1 
ATOM   441  C CA  . GLY A 1 55  ? 19.061  16.810  -17.809 1.00 29.43 ? 413 GLY A CA  1 
ATOM   442  C C   . GLY A 1 55  ? 18.782  16.690  -16.325 1.00 25.42 ? 413 GLY A C   1 
ATOM   443  O O   . GLY A 1 55  ? 19.464  15.937  -15.633 1.00 26.40 ? 413 GLY A O   1 
ATOM   444  N N   . ASP A 1 56  ? 17.787  17.423  -15.833 1.00 19.64 ? 414 ASP A N   1 
ATOM   445  C CA  . ASP A 1 56  ? 17.448  17.390  -14.423 1.00 21.71 ? 414 ASP A CA  1 
ATOM   446  C C   . ASP A 1 56  ? 16.947  16.006  -14.023 1.00 24.32 ? 414 ASP A C   1 
ATOM   447  O O   . ASP A 1 56  ? 16.411  15.280  -14.847 1.00 20.99 ? 414 ASP A O   1 
ATOM   448  C CB  . ASP A 1 56  ? 16.383  18.433  -14.095 1.00 22.64 ? 414 ASP A CB  1 
ATOM   449  C CG  . ASP A 1 56  ? 16.977  19.763  -13.677 1.00 27.15 ? 414 ASP A CG  1 
ATOM   450  O OD1 . ASP A 1 56  ? 18.209  19.922  -13.786 1.00 21.36 ? 414 ASP A OD1 1 
ATOM   451  O OD2 . ASP A 1 56  ? 16.205  20.640  -13.240 1.00 26.71 ? 414 ASP A OD2 1 
ATOM   452  N N   . GLU A 1 57  ? 17.142  15.641  -12.763 1.00 19.07 ? 415 GLU A N   1 
ATOM   453  C CA  . GLU A 1 57  ? 16.614  14.370  -12.279 1.00 17.96 ? 415 GLU A CA  1 
ATOM   454  C C   . GLU A 1 57  ? 15.120  14.512  -12.013 1.00 18.16 ? 415 GLU A C   1 
ATOM   455  O O   . GLU A 1 57  ? 14.681  15.451  -11.349 1.00 17.07 ? 415 GLU A O   1 
ATOM   456  C CB  . GLU A 1 57  ? 17.347  13.913  -11.010 1.00 20.02 ? 415 GLU A CB  1 
ATOM   457  C CG  . GLU A 1 57  ? 16.836  12.595  -10.438 1.00 22.06 ? 415 GLU A CG  1 
ATOM   458  C CD  . GLU A 1 57  ? 17.404  12.304  -9.070  1.00 23.36 ? 415 GLU A CD  1 
ATOM   459  O OE1 . GLU A 1 57  ? 16.965  12.938  -8.083  1.00 24.47 ? 415 GLU A OE1 1 
ATOM   460  O OE2 . GLU A 1 57  ? 18.308  11.451  -8.984  1.00 25.00 ? 415 GLU A OE2 1 
ATOM   461  N N   . ILE A 1 58  ? 14.339  13.581  -12.548 1.00 16.77 ? 416 ILE A N   1 
ATOM   462  C CA  . ILE A 1 58  ? 12.923  13.526  -12.255 1.00 12.71 ? 416 ILE A CA  1 
ATOM   463  C C   . ILE A 1 58  ? 12.635  12.324  -11.354 1.00 10.97 ? 416 ILE A C   1 
ATOM   464  O O   . ILE A 1 58  ? 13.038  11.208  -11.682 1.00 15.09 ? 416 ILE A O   1 
ATOM   465  C CB  . ILE A 1 58  ? 12.089  13.399  -13.542 1.00 13.30 ? 416 ILE A CB  1 
ATOM   466  C CG1 . ILE A 1 58  ? 12.500  14.486  -14.555 1.00 12.85 ? 416 ILE A CG1 1 
ATOM   467  C CG2 . ILE A 1 58  ? 10.606  13.487  -13.235 1.00 16.67 ? 416 ILE A CG2 1 
ATOM   468  C CD1 . ILE A 1 58  ? 12.105  15.893  -14.088 1.00 19.36 ? 416 ILE A CD1 1 
ATOM   469  N N   . THR A 1 59  ? 11.927  12.548  -10.252 1.00 12.86 ? 417 THR A N   1 
ATOM   470  C CA  . THR A 1 59  ? 11.476  11.437  -9.415  1.00 13.24 ? 417 THR A CA  1 
ATOM   471  C C   . THR A 1 59  ? 10.159  10.906  -9.973  1.00 16.65 ? 417 THR A C   1 
ATOM   472  O O   . THR A 1 59  ? 9.220   11.662  -10.228 1.00 15.70 ? 417 THR A O   1 
ATOM   473  C CB  . THR A 1 59  ? 11.308  11.838  -7.931  1.00 16.49 ? 417 THR A CB  1 
ATOM   474  O OG1 . THR A 1 59  ? 12.600  12.124  -7.373  1.00 16.43 ? 417 THR A OG1 1 
ATOM   475  C CG2 . THR A 1 59  ? 10.659  10.700  -7.129  1.00 17.34 ? 417 THR A CG2 1 
ATOM   476  N N   . VAL A 1 60  ? 10.118  9.600   -10.197 1.00 12.09 ? 418 VAL A N   1 
ATOM   477  C CA  . VAL A 1 60  ? 8.956   8.968   -10.810 1.00 11.46 ? 418 VAL A CA  1 
ATOM   478  C C   . VAL A 1 60  ? 8.312   8.117   -9.732  1.00 15.77 ? 418 VAL A C   1 
ATOM   479  O O   . VAL A 1 60  ? 8.907   7.158   -9.261  1.00 12.97 ? 418 VAL A O   1 
ATOM   480  C CB  . VAL A 1 60  ? 9.341   8.094   -12.030 1.00 10.61 ? 418 VAL A CB  1 
ATOM   481  C CG1 . VAL A 1 60  ? 8.104   7.461   -12.659 1.00 13.45 ? 418 VAL A CG1 1 
ATOM   482  C CG2 . VAL A 1 60  ? 10.147  8.939   -13.063 1.00 11.58 ? 418 VAL A CG2 1 
ATOM   483  N N   . ASN A 1 61  ? 7.112   8.507   -9.324  1.00 13.00 ? 419 ASN A N   1 
ATOM   484  C CA  . ASN A 1 61  ? 6.344   7.787   -8.310  1.00 13.21 ? 419 ASN A CA  1 
ATOM   485  C C   . ASN A 1 61  ? 5.590   6.639   -8.948  1.00 15.52 ? 419 ASN A C   1 
ATOM   486  O O   . ASN A 1 61  ? 4.663   6.862   -9.730  1.00 16.43 ? 419 ASN A O   1 
ATOM   487  C CB  . ASN A 1 61  ? 5.385   8.747   -7.607  1.00 14.62 ? 419 ASN A CB  1 
ATOM   488  C CG  . ASN A 1 61  ? 6.126   9.908   -6.944  1.00 24.06 ? 419 ASN A CG  1 
ATOM   489  O OD1 . ASN A 1 61  ? 5.806   11.087  -7.146  1.00 23.86 ? 419 ASN A OD1 1 
ATOM   490  N ND2 . ASN A 1 61  ? 7.142   9.571   -6.167  1.00 15.30 ? 419 ASN A ND2 1 
ATOM   491  N N   . VAL A 1 62  ? 6.004   5.418   -8.630  1.00 13.45 ? 420 VAL A N   1 
ATOM   492  C CA  . VAL A 1 62  ? 5.442   4.236   -9.272  1.00 9.93  ? 420 VAL A CA  1 
ATOM   493  C C   . VAL A 1 62  ? 4.517   3.544   -8.283  1.00 12.23 ? 420 VAL A C   1 
ATOM   494  O O   . VAL A 1 62  ? 4.887   3.300   -7.139  1.00 14.79 ? 420 VAL A O   1 
ATOM   495  C CB  . VAL A 1 62  ? 6.549   3.267   -9.764  1.00 14.21 ? 420 VAL A CB  1 
ATOM   496  C CG1 . VAL A 1 62  ? 5.939   2.064   -10.502 1.00 13.93 ? 420 VAL A CG1 1 
ATOM   497  C CG2 . VAL A 1 62  ? 7.506   4.011   -10.711 1.00 13.10 ? 420 VAL A CG2 1 
ATOM   498  N N   . SER A 1 63  ? 3.311   3.237   -8.727  1.00 13.92 ? 421 SER A N   1 
ATOM   499  C CA  . SER A 1 63  ? 2.328   2.585   -7.852  1.00 13.11 ? 421 SER A CA  1 
ATOM   500  C C   . SER A 1 63  ? 2.705   1.160   -7.450  1.00 16.62 ? 421 SER A C   1 
ATOM   501  O O   . SER A 1 63  ? 3.155   0.365   -8.283  1.00 14.29 ? 421 SER A O   1 
ATOM   502  C CB  . SER A 1 63  ? 0.953   2.555   -8.541  1.00 15.80 ? 421 SER A CB  1 
ATOM   503  O OG  . SER A 1 63  ? -0.015  1.959   -7.678  1.00 14.33 ? 421 SER A OG  1 
ATOM   504  N N   . THR A 1 64  ? 2.485   0.829   -6.179  1.00 13.57 ? 422 THR A N   1 
ATOM   505  C CA  . THR A 1 64  ? 2.559   -0.565  -5.726  1.00 14.80 ? 422 THR A CA  1 
ATOM   506  C C   . THR A 1 64  ? 1.150   -1.106  -5.498  1.00 16.38 ? 422 THR A C   1 
ATOM   507  O O   . THR A 1 64  ? 0.975   -2.155  -4.886  1.00 19.43 ? 422 THR A O   1 
ATOM   508  C CB  . THR A 1 64  ? 3.360   -0.695  -4.426  1.00 17.13 ? 422 THR A CB  1 
ATOM   509  O OG1 . THR A 1 64  ? 2.738   0.120   -3.426  1.00 17.65 ? 422 THR A OG1 1 
ATOM   510  C CG2 . THR A 1 64  ? 4.796   -0.210  -4.644  1.00 15.71 ? 422 THR A CG2 1 
ATOM   511  N N   . GLY A 1 65  ? 0.148   -0.393  -6.005  1.00 18.61 ? 423 GLY A N   1 
ATOM   512  C CA  . GLY A 1 65  ? -1.238  -0.772  -5.797  1.00 18.03 ? 423 GLY A CA  1 
ATOM   513  C C   . GLY A 1 65  ? -1.756  -0.232  -4.476  1.00 20.52 ? 423 GLY A C   1 
ATOM   514  O O   . GLY A 1 65  ? -1.051  0.515   -3.791  1.00 20.77 ? 423 GLY A O   1 
ATOM   515  N N   . PRO A 1 66  ? -2.990  -0.600  -4.112  1.00 22.02 ? 424 PRO A N   1 
ATOM   516  C CA  . PRO A 1 66  ? -3.599  -0.099  -2.881  1.00 27.11 ? 424 PRO A CA  1 
ATOM   517  C C   . PRO A 1 66  ? -2.745  -0.400  -1.649  1.00 24.17 ? 424 PRO A C   1 
ATOM   518  O O   . PRO A 1 66  ? -2.007  -1.389  -1.625  1.00 21.19 ? 424 PRO A O   1 
ATOM   519  C CB  . PRO A 1 66  ? -4.938  -0.852  -2.823  1.00 26.15 ? 424 PRO A CB  1 
ATOM   520  C CG  . PRO A 1 66  ? -5.269  -1.107  -4.242  1.00 29.25 ? 424 PRO A CG  1 
ATOM   521  C CD  . PRO A 1 66  ? -3.945  -1.392  -4.914  1.00 27.72 ? 424 PRO A CD  1 
ATOM   522  N N   . GLU A 1 67  ? -2.847  0.466   -0.649  1.00 23.54 ? 425 GLU A N   1 
ATOM   523  C CA  . GLU A 1 67  ? -2.065  0.331   0.568   1.00 22.31 ? 425 GLU A CA  1 
ATOM   524  C C   . GLU A 1 67  ? -2.291  -1.028  1.221   1.00 22.71 ? 425 GLU A C   1 
ATOM   525  O O   . GLU A 1 67  ? -3.431  -1.434  1.401   1.00 22.08 ? 425 GLU A O   1 
ATOM   526  C CB  . GLU A 1 67  ? -2.437  1.438   1.545   1.00 24.10 ? 425 GLU A CB  1 
ATOM   527  C CG  . GLU A 1 67  ? -1.433  1.646   2.657   1.00 40.04 ? 425 GLU A CG  1 
ATOM   528  C CD  . GLU A 1 67  ? -1.263  3.106   2.980   1.00 48.89 ? 425 GLU A CD  1 
ATOM   529  O OE1 . GLU A 1 67  ? -0.192  3.480   3.501   1.00 66.34 ? 425 GLU A OE1 1 
ATOM   530  O OE2 . GLU A 1 67  ? -2.207  3.879   2.704   1.00 49.58 ? 425 GLU A OE2 1 
ATOM   531  N N   . GLN A 1 68  ? -1.205  -1.723  1.555   1.00 21.26 ? 426 GLN A N   1 
ATOM   532  C CA  . GLN A 1 68  ? -1.279  -2.997  2.269   1.00 21.74 ? 426 GLN A CA  1 
ATOM   533  C C   . GLN A 1 68  ? -0.425  -2.949  3.525   1.00 25.88 ? 426 GLN A C   1 
ATOM   534  O O   . GLN A 1 68  ? 0.564   -2.220  3.578   1.00 24.45 ? 426 GLN A O   1 
ATOM   535  C CB  . GLN A 1 68  ? -0.798  -4.151  1.401   1.00 27.74 ? 426 GLN A CB  1 
ATOM   536  C CG  . GLN A 1 68  ? -1.604  -4.442  0.175   1.00 33.72 ? 426 GLN A CG  1 
ATOM   537  C CD  . GLN A 1 68  ? -1.088  -5.673  -0.543  1.00 40.19 ? 426 GLN A CD  1 
ATOM   538  O OE1 . GLN A 1 68  ? -0.105  -5.606  -1.277  1.00 51.16 ? 426 GLN A OE1 1 
ATOM   539  N NE2 . GLN A 1 68  ? -1.737  -6.809  -0.314  1.00 45.20 ? 426 GLN A NE2 1 
ATOM   540  N N   . ARG A 1 69  ? -0.802  -3.731  4.535   1.00 21.71 ? 427 ARG A N   1 
ATOM   541  C CA  . ARG A 1 69  ? -0.010  -3.822  5.755   1.00 21.39 ? 427 ARG A CA  1 
ATOM   542  C C   . ARG A 1 69  ? 0.089   -5.267  6.184   1.00 20.53 ? 427 ARG A C   1 
ATOM   543  O O   . ARG A 1 69  ? -0.771  -6.082  5.855   1.00 18.35 ? 427 ARG A O   1 
ATOM   544  C CB  . ARG A 1 69  ? -0.632  -3.012  6.895   1.00 28.14 ? 427 ARG A CB  1 
ATOM   545  C CG  . ARG A 1 69  ? -0.695  -1.530  6.666   1.00 24.38 ? 427 ARG A CG  1 
ATOM   546  C CD  . ARG A 1 69  ? 0.663   -0.894  6.734   1.00 31.67 ? 427 ARG A CD  1 
ATOM   547  N NE  . ARG A 1 69  ? 0.639   0.392   6.046   1.00 50.24 ? 427 ARG A NE  1 
ATOM   548  C CZ  . ARG A 1 69  ? 1.722   1.088   5.723   1.00 65.52 ? 427 ARG A CZ  1 
ATOM   549  N NH1 . ARG A 1 69  ? 2.928   0.620   6.022   1.00 67.57 ? 427 ARG A NH1 1 
ATOM   550  N NH2 . ARG A 1 69  ? 1.597   2.250   5.094   1.00 64.56 ? 427 ARG A NH2 1 
ATOM   551  N N   . GLU A 1 70  ? 1.136   -5.581  6.941   1.00 22.87 ? 428 GLU A N   1 
ATOM   552  C CA  . GLU A 1 70  ? 1.260   -6.906  7.515   1.00 21.58 ? 428 GLU A CA  1 
ATOM   553  C C   . GLU A 1 70  ? 0.275   -7.051  8.674   1.00 20.02 ? 428 GLU A C   1 
ATOM   554  O O   . GLU A 1 70  ? 0.190   -6.180  9.532   1.00 20.24 ? 428 GLU A O   1 
ATOM   555  C CB  . GLU A 1 70  ? 2.691   -7.147  7.996   1.00 23.41 ? 428 GLU A CB  1 
ATOM   556  C CG  . GLU A 1 70  ? 2.965   -8.580  8.339   1.00 26.97 ? 428 GLU A CG  1 
ATOM   557  C CD  . GLU A 1 70  ? 4.418   -8.829  8.667   1.00 36.43 ? 428 GLU A CD  1 
ATOM   558  O OE1 . GLU A 1 70  ? 5.291   -8.436  7.860   1.00 29.25 ? 428 GLU A OE1 1 
ATOM   559  O OE2 . GLU A 1 70  ? 4.683   -9.426  9.733   1.00 37.40 ? 428 GLU A OE2 1 
ATOM   560  N N   . ILE A 1 71  ? -0.479  -8.138  8.696   1.00 21.36 ? 429 ILE A N   1 
ATOM   561  C CA  . ILE A 1 71  ? -1.420  -8.373  9.799   1.00 19.37 ? 429 ILE A CA  1 
ATOM   562  C C   . ILE A 1 71  ? -0.650  -8.719  11.065  1.00 20.38 ? 429 ILE A C   1 
ATOM   563  O O   . ILE A 1 71  ? 0.066   -9.726  11.085  1.00 23.16 ? 429 ILE A O   1 
ATOM   564  C CB  . ILE A 1 71  ? -2.387  -9.533  9.498   1.00 23.08 ? 429 ILE A CB  1 
ATOM   565  C CG1 . ILE A 1 71  ? -3.215  -9.256  8.238   1.00 26.42 ? 429 ILE A CG1 1 
ATOM   566  C CG2 . ILE A 1 71  ? -3.283  -9.803  10.729  1.00 20.66 ? 429 ILE A CG2 1 
ATOM   567  C CD1 . ILE A 1 71  ? -4.443  -8.424  8.489   1.00 28.80 ? 429 ILE A CD1 1 
ATOM   568  N N   . PRO A 1 72  ? -0.791  -7.902  12.121  1.00 18.48 ? 430 PRO A N   1 
ATOM   569  C CA  . PRO A 1 72  ? -0.059  -8.235  13.342  1.00 20.83 ? 430 PRO A CA  1 
ATOM   570  C C   . PRO A 1 72  ? -0.675  -9.432  14.050  1.00 18.75 ? 430 PRO A C   1 
ATOM   571  O O   . PRO A 1 72  ? -1.887  -9.661  13.964  1.00 18.46 ? 430 PRO A O   1 
ATOM   572  C CB  . PRO A 1 72  ? -0.192  -6.970  14.186  1.00 19.14 ? 430 PRO A CB  1 
ATOM   573  C CG  . PRO A 1 72  ? -1.499  -6.401  13.786  1.00 21.45 ? 430 PRO A CG  1 
ATOM   574  C CD  . PRO A 1 72  ? -1.625  -6.702  12.293  1.00 20.47 ? 430 PRO A CD  1 
ATOM   575  N N   . ASP A 1 73  ? 0.161   -10.192 14.741  1.00 20.53 ? 431 ASP A N   1 
ATOM   576  C CA  . ASP A 1 73  ? -0.350  -11.241 15.617  1.00 17.39 ? 431 ASP A CA  1 
ATOM   577  C C   . ASP A 1 73  ? -1.149  -10.607 16.756  1.00 19.01 ? 431 ASP A C   1 
ATOM   578  O O   . ASP A 1 73  ? -0.691  -9.657  17.394  1.00 17.75 ? 431 ASP A O   1 
ATOM   579  C CB  . ASP A 1 73  ? 0.810   -12.083 16.154  1.00 23.28 ? 431 ASP A CB  1 
ATOM   580  C CG  . ASP A 1 73  ? 0.383   -13.047 17.244  1.00 29.30 ? 431 ASP A CG  1 
ATOM   581  O OD1 . ASP A 1 73  ? -0.676  -13.678 17.094  1.00 26.70 ? 431 ASP A OD1 1 
ATOM   582  O OD2 . ASP A 1 73  ? 1.110   -13.161 18.251  1.00 40.45 ? 431 ASP A OD2 1 
ATOM   583  N N   . VAL A 1 74  ? -2.358  -11.114 17.003  1.00 16.21 ? 432 VAL A N   1 
ATOM   584  C CA  . VAL A 1 74  ? -3.176  -10.619 18.114  1.00 13.08 ? 432 VAL A CA  1 
ATOM   585  C C   . VAL A 1 74  ? -3.674  -11.783 18.975  1.00 15.69 ? 432 VAL A C   1 
ATOM   586  O O   . VAL A 1 74  ? -4.623  -11.635 19.750  1.00 14.88 ? 432 VAL A O   1 
ATOM   587  C CB  . VAL A 1 74  ? -4.387  -9.773  17.608  1.00 12.92 ? 432 VAL A CB  1 
ATOM   588  C CG1 . VAL A 1 74  ? -3.895  -8.416  17.049  1.00 17.03 ? 432 VAL A CG1 1 
ATOM   589  C CG2 . VAL A 1 74  ? -5.165  -10.526 16.551  1.00 15.17 ? 432 VAL A CG2 1 
ATOM   590  N N   . SER A 1 75  ? -3.018  -12.932 18.874  1.00 15.02 ? 433 SER A N   1 
ATOM   591  C CA  . SER A 1 75  ? -3.495  -14.103 19.623  1.00 16.57 ? 433 SER A CA  1 
ATOM   592  C C   . SER A 1 75  ? -3.335  -13.922 21.143  1.00 15.47 ? 433 SER A C   1 
ATOM   593  O O   . SER A 1 75  ? -2.443  -13.209 21.618  1.00 16.06 ? 433 SER A O   1 
ATOM   594  C CB  . SER A 1 75  ? -2.792  -15.378 19.140  1.00 24.45 ? 433 SER A CB  1 
ATOM   595  O OG  . SER A 1 75  ? -1.384  -15.229 19.119  1.00 26.28 ? 433 SER A OG  1 
ATOM   596  N N   . THR A 1 76  ? -4.271  -14.564 21.855  1.00 15.01 ? 434 THR A N   1 
ATOM   597  C CA  . THR A 1 76  ? -4.534  -14.551 23.303  1.00 14.77 ? 434 THR A CA  1 
ATOM   598  C C   . THR A 1 76  ? -5.047  -13.227 23.871  1.00 14.38 ? 434 THR A C   1 
ATOM   599  O O   . THR A 1 76  ? -5.393  -13.163 25.051  1.00 15.91 ? 434 THR A O   1 
ATOM   600  C CB  . THR A 1 76  ? -3.304  -15.011 24.159  1.00 13.64 ? 434 THR A CB  1 
ATOM   601  O OG1 . THR A 1 76  ? -2.360  -13.944 24.320  1.00 16.89 ? 434 THR A OG1 1 
ATOM   602  C CG2 . THR A 1 76  ? -2.641  -16.244 23.556  1.00 15.69 ? 434 THR A CG2 1 
ATOM   603  N N   . LEU A 1 77  ? -5.134  -12.185 23.052  1.00 13.08 ? 435 LEU A N   1 
ATOM   604  C CA  . LEU A 1 77  ? -5.798  -10.953 23.473  1.00 12.69 ? 435 LEU A CA  1 
ATOM   605  C C   . LEU A 1 77  ? -7.310  -11.133 23.531  1.00 15.36 ? 435 LEU A C   1 
ATOM   606  O O   . LEU A 1 77  ? -7.858  -12.090 22.979  1.00 14.91 ? 435 LEU A O   1 
ATOM   607  C CB  . LEU A 1 77  ? -5.476  -9.801  22.514  1.00 12.45 ? 435 LEU A CB  1 
ATOM   608  C CG  . LEU A 1 77  ? -4.005  -9.401  22.395  1.00 15.27 ? 435 LEU A CG  1 
ATOM   609  C CD1 . LEU A 1 77  ? -3.838  -8.279  21.324  1.00 13.39 ? 435 LEU A CD1 1 
ATOM   610  C CD2 . LEU A 1 77  ? -3.482  -8.940  23.742  1.00 15.15 ? 435 LEU A CD2 1 
ATOM   611  N N   . THR A 1 78  ? -7.982  -10.185 24.174  1.00 15.50 ? 436 THR A N   1 
ATOM   612  C CA  . THR A 1 78  ? -9.427  -10.060 24.009  1.00 15.05 ? 436 THR A CA  1 
ATOM   613  C C   . THR A 1 78  ? -9.722  -9.498  22.626  1.00 16.91 ? 436 THR A C   1 
ATOM   614  O O   . THR A 1 78  ? -8.853  -8.894  21.973  1.00 14.73 ? 436 THR A O   1 
ATOM   615  C CB  . THR A 1 78  ? -10.053 -9.146  25.071  1.00 17.05 ? 436 THR A CB  1 
ATOM   616  O OG1 . THR A 1 78  ? -9.556  -7.815  24.895  1.00 19.09 ? 436 THR A OG1 1 
ATOM   617  C CG2 . THR A 1 78  ? -9.674  -9.634  26.468  1.00 19.91 ? 436 THR A CG2 1 
ATOM   618  N N   . TYR A 1 79  ? -10.943 -9.740  22.164  1.00 15.35 ? 437 TYR A N   1 
ATOM   619  C CA  . TYR A 1 79  ? -11.443 -9.136  20.934  1.00 14.90 ? 437 TYR A CA  1 
ATOM   620  C C   . TYR A 1 79  ? -11.229 -7.621  20.915  1.00 17.40 ? 437 TYR A C   1 
ATOM   621  O O   . TYR A 1 79  ? -10.778 -7.070  19.916  1.00 15.05 ? 437 TYR A O   1 
ATOM   622  C CB  . TYR A 1 79  ? -12.935 -9.478  20.762  1.00 16.72 ? 437 TYR A CB  1 
ATOM   623  C CG  . TYR A 1 79  ? -13.506 -8.938  19.477  1.00 14.64 ? 437 TYR A CG  1 
ATOM   624  C CD1 . TYR A 1 79  ? -13.487 -9.692  18.307  1.00 16.08 ? 437 TYR A CD1 1 
ATOM   625  C CD2 . TYR A 1 79  ? -14.067 -7.670  19.436  1.00 18.15 ? 437 TYR A CD2 1 
ATOM   626  C CE1 . TYR A 1 79  ? -14.006 -9.176  17.127  1.00 15.94 ? 437 TYR A CE1 1 
ATOM   627  C CE2 . TYR A 1 79  ? -14.578 -7.151  18.271  1.00 18.74 ? 437 TYR A CE2 1 
ATOM   628  C CZ  . TYR A 1 79  ? -14.542 -7.900  17.122  1.00 22.58 ? 437 TYR A CZ  1 
ATOM   629  O OH  . TYR A 1 79  ? -15.063 -7.348  15.969  1.00 23.48 ? 437 TYR A OH  1 
ATOM   630  N N   . ALA A 1 80  ? -11.531 -6.946  22.021  1.00 17.97 ? 438 ALA A N   1 
ATOM   631  C CA  . ALA A 1 80  ? -11.402 -5.489  22.082  1.00 14.76 ? 438 ALA A CA  1 
ATOM   632  C C   . ALA A 1 80  ? -9.944  -5.048  21.908  1.00 16.04 ? 438 ALA A C   1 
ATOM   633  O O   . ALA A 1 80  ? -9.651  -4.092  21.194  1.00 17.46 ? 438 ALA A O   1 
ATOM   634  C CB  . ALA A 1 80  ? -11.965 -4.960  23.405  1.00 15.90 ? 438 ALA A CB  1 
ATOM   635  N N   . GLU A 1 81  ? -9.034  -5.748  22.573  1.00 15.39 ? 439 GLU A N   1 
ATOM   636  C CA  . GLU A 1 81  ? -7.610  -5.470  22.420  1.00 16.97 ? 439 GLU A CA  1 
ATOM   637  C C   . GLU A 1 81  ? -7.134  -5.749  21.009  1.00 16.34 ? 439 GLU A C   1 
ATOM   638  O O   . GLU A 1 81  ? -6.339  -4.988  20.442  1.00 17.32 ? 439 GLU A O   1 
ATOM   639  C CB  . GLU A 1 81  ? -6.808  -6.307  23.408  1.00 15.84 ? 439 GLU A CB  1 
ATOM   640  C CG  . GLU A 1 81  ? -6.809  -5.776  24.825  1.00 18.79 ? 439 GLU A CG  1 
ATOM   641  C CD  . GLU A 1 81  ? -6.193  -6.789  25.768  1.00 21.85 ? 439 GLU A CD  1 
ATOM   642  O OE1 . GLU A 1 81  ? -6.638  -7.953  25.738  1.00 19.53 ? 439 GLU A OE1 1 
ATOM   643  O OE2 . GLU A 1 81  ? -5.230  -6.448  26.495  1.00 20.86 ? 439 GLU A OE2 1 
ATOM   644  N N   . ALA A 1 82  ? -7.623  -6.842  20.433  1.00 16.23 ? 440 ALA A N   1 
ATOM   645  C CA  . ALA A 1 82  ? -7.228  -7.204  19.076  1.00 14.23 ? 440 ALA A CA  1 
ATOM   646  C C   . ALA A 1 82  ? -7.648  -6.119  18.088  1.00 15.63 ? 440 ALA A C   1 
ATOM   647  O O   . ALA A 1 82  ? -6.898  -5.777  17.167  1.00 16.20 ? 440 ALA A O   1 
ATOM   648  C CB  . ALA A 1 82  ? -7.836  -8.564  18.691  1.00 14.30 ? 440 ALA A CB  1 
ATOM   649  N N   . VAL A 1 83  ? -8.839  -5.561  18.284  1.00 12.41 ? 441 VAL A N   1 
ATOM   650  C CA  . VAL A 1 83  ? -9.322  -4.504  17.394  1.00 12.60 ? 441 VAL A CA  1 
ATOM   651  C C   . VAL A 1 83  ? -8.433  -3.274  17.516  1.00 16.86 ? 441 VAL A C   1 
ATOM   652  O O   . VAL A 1 83  ? -8.049  -2.659  16.504  1.00 18.46 ? 441 VAL A O   1 
ATOM   653  C CB  . VAL A 1 83  ? -10.790 -4.145  17.707  1.00 19.33 ? 441 VAL A CB  1 
ATOM   654  C CG1 . VAL A 1 83  ? -11.181 -2.817  17.072  1.00 17.29 ? 441 VAL A CG1 1 
ATOM   655  C CG2 . VAL A 1 83  ? -11.730 -5.284  17.251  1.00 17.87 ? 441 VAL A CG2 1 
ATOM   656  N N   . LYS A 1 84  ? -8.080  -2.920  18.749  1.00 17.57 ? 442 LYS A N   1 
ATOM   657  C CA  . LYS A 1 84  ? -7.189  -1.781  18.959  1.00 18.08 ? 442 LYS A CA  1 
ATOM   658  C C   . LYS A 1 84  ? -5.850  -2.000  18.264  1.00 17.15 ? 442 LYS A C   1 
ATOM   659  O O   . LYS A 1 84  ? -5.340  -1.096  17.621  1.00 18.35 ? 442 LYS A O   1 
ATOM   660  C CB  . LYS A 1 84  ? -6.970  -1.519  20.451  1.00 19.37 ? 442 LYS A CB  1 
ATOM   661  C CG  . LYS A 1 84  ? -8.229  -1.068  21.183  1.00 30.54 ? 442 LYS A CG  1 
ATOM   662  C CD  . LYS A 1 84  ? -7.913  -0.512  22.568  1.00 45.01 ? 442 LYS A CD  1 
ATOM   663  C CE  . LYS A 1 84  ? -9.188  -0.189  23.335  1.00 57.27 ? 442 LYS A CE  1 
ATOM   664  N NZ  . LYS A 1 84  ? -8.944  0.709   24.497  1.00 65.70 ? 442 LYS A NZ  1 
ATOM   665  N N   . LYS A 1 85  ? -5.283  -3.200  18.375  1.00 14.32 ? 443 LYS A N   1 
ATOM   666  C CA  . LYS A 1 85  ? -3.956  -3.445  17.799  1.00 17.28 ? 443 LYS A CA  1 
ATOM   667  C C   . LYS A 1 85  ? -4.009  -3.502  16.267  1.00 24.64 ? 443 LYS A C   1 
ATOM   668  O O   . LYS A 1 85  ? -3.122  -2.971  15.575  1.00 16.24 ? 443 LYS A O   1 
ATOM   669  C CB  . LYS A 1 85  ? -3.353  -4.731  18.376  1.00 19.83 ? 443 LYS A CB  1 
ATOM   670  C CG  . LYS A 1 85  ? -1.914  -4.992  17.977  1.00 17.29 ? 443 LYS A CG  1 
ATOM   671  C CD  . LYS A 1 85  ? -1.335  -6.206  18.711  1.00 19.29 ? 443 LYS A CD  1 
ATOM   672  C CE  . LYS A 1 85  ? 0.131   -6.403  18.356  1.00 23.86 ? 443 LYS A CE  1 
ATOM   673  N NZ  . LYS A 1 85  ? 0.786   -7.462  19.166  1.00 21.93 ? 443 LYS A NZ  1 
ATOM   674  N N   . LEU A 1 86  ? -5.047  -4.137  15.727  1.00 16.65 ? 444 LEU A N   1 
ATOM   675  C CA  . LEU A 1 86  ? -5.228  -4.163  14.274  1.00 14.54 ? 444 LEU A CA  1 
ATOM   676  C C   . LEU A 1 86  ? -5.463  -2.763  13.717  1.00 17.32 ? 444 LEU A C   1 
ATOM   677  O O   . LEU A 1 86  ? -4.977  -2.430  12.637  1.00 18.62 ? 444 LEU A O   1 
ATOM   678  C CB  . LEU A 1 86  ? -6.402  -5.066  13.895  1.00 14.54 ? 444 LEU A CB  1 
ATOM   679  C CG  . LEU A 1 86  ? -6.086  -6.542  14.089  1.00 15.86 ? 444 LEU A CG  1 
ATOM   680  C CD1 . LEU A 1 86  ? -7.370  -7.349  14.191  1.00 14.58 ? 444 LEU A CD1 1 
ATOM   681  C CD2 . LEU A 1 86  ? -5.201  -7.056  12.938  1.00 16.56 ? 444 LEU A CD2 1 
ATOM   682  N N   . THR A 1 87  ? -6.209  -1.953  14.465  1.00 15.55 ? 445 THR A N   1 
ATOM   683  C CA  . THR A 1 87  ? -6.451  -0.559  14.094  1.00 15.55 ? 445 THR A CA  1 
ATOM   684  C C   . THR A 1 87  ? -5.147  0.248   14.057  1.00 25.26 ? 445 THR A C   1 
ATOM   685  O O   . THR A 1 87  ? -4.885  0.996   13.101  1.00 19.06 ? 445 THR A O   1 
ATOM   686  C CB  . THR A 1 87  ? -7.454  0.103   15.059  1.00 19.52 ? 445 THR A CB  1 
ATOM   687  O OG1 . THR A 1 87  ? -8.741  -0.521  14.909  1.00 19.59 ? 445 THR A OG1 1 
ATOM   688  C CG2 . THR A 1 87  ? -7.593  1.580   14.753  1.00 24.74 ? 445 THR A CG2 1 
ATOM   689  N N   . ALA A 1 88  ? -4.324  0.083   15.090  1.00 22.03 ? 446 ALA A N   1 
ATOM   690  C CA  . ALA A 1 88  ? -3.015  0.730   15.134  1.00 25.41 ? 446 ALA A CA  1 
ATOM   691  C C   . ALA A 1 88  ? -2.156  0.369   13.920  1.00 26.60 ? 446 ALA A C   1 
ATOM   692  O O   . ALA A 1 88  ? -1.333  1.172   13.483  1.00 24.71 ? 446 ALA A O   1 
ATOM   693  C CB  . ALA A 1 88  ? -2.285  0.361   16.424  1.00 26.46 ? 446 ALA A CB  1 
ATOM   694  N N   . ALA A 1 89  ? -2.350  -0.831  13.380  1.00 25.05 ? 447 ALA A N   1 
ATOM   695  C CA  . ALA A 1 89  ? -1.597  -1.291  12.207  1.00 25.53 ? 447 ALA A CA  1 
ATOM   696  C C   . ALA A 1 89  ? -2.169  -0.775  10.880  1.00 30.18 ? 447 ALA A C   1 
ATOM   697  O O   . ALA A 1 89  ? -1.544  -0.932  9.820   1.00 26.20 ? 447 ALA A O   1 
ATOM   698  C CB  . ALA A 1 89  ? -1.536  -2.816  12.185  1.00 24.87 ? 447 ALA A CB  1 
ATOM   699  N N   . GLY A 1 90  ? -3.352  -0.169  10.929  1.00 20.89 ? 448 GLY A N   1 
ATOM   700  C CA  . GLY A 1 90  ? -3.925  0.447   9.744   1.00 20.95 ? 448 GLY A CA  1 
ATOM   701  C C   . GLY A 1 90  ? -5.234  -0.148  9.263   1.00 25.20 ? 448 GLY A C   1 
ATOM   702  O O   . GLY A 1 90  ? -5.852  0.374   8.338   1.00 20.97 ? 448 GLY A O   1 
ATOM   703  N N   . PHE A 1 91  ? -5.682  -1.234  9.889   1.00 18.45 ? 449 PHE A N   1 
ATOM   704  C CA  . PHE A 1 91  ? -6.929  -1.855  9.457   1.00 17.98 ? 449 PHE A CA  1 
ATOM   705  C C   . PHE A 1 91  ? -8.082  -1.205  10.188  1.00 19.20 ? 449 PHE A C   1 
ATOM   706  O O   . PHE A 1 91  ? -7.863  -0.461  11.141  1.00 20.67 ? 449 PHE A O   1 
ATOM   707  C CB  . PHE A 1 91  ? -6.902  -3.366  9.697   1.00 17.68 ? 449 PHE A CB  1 
ATOM   708  C CG  . PHE A 1 91  ? -5.800  -4.051  8.956   1.00 18.14 ? 449 PHE A CG  1 
ATOM   709  C CD1 . PHE A 1 91  ? -5.999  -4.520  7.661   1.00 18.50 ? 449 PHE A CD1 1 
ATOM   710  C CD2 . PHE A 1 91  ? -4.552  -4.205  9.544   1.00 19.82 ? 449 PHE A CD2 1 
ATOM   711  C CE1 . PHE A 1 91  ? -4.969  -5.123  6.974   1.00 16.22 ? 449 PHE A CE1 1 
ATOM   712  C CE2 . PHE A 1 91  ? -3.518  -4.821  8.860   1.00 19.74 ? 449 PHE A CE2 1 
ATOM   713  C CZ  . PHE A 1 91  ? -3.726  -5.275  7.579   1.00 19.15 ? 449 PHE A CZ  1 
ATOM   714  N N   . GLY A 1 92  ? -9.305  -1.470  9.733   1.00 21.45 ? 450 GLY A N   1 
ATOM   715  C CA  . GLY A 1 92  ? -10.466 -0.797  10.295  1.00 22.06 ? 450 GLY A CA  1 
ATOM   716  C C   . GLY A 1 92  ? -11.790 -1.521  10.163  1.00 18.95 ? 450 GLY A C   1 
ATOM   717  O O   . GLY A 1 92  ? -12.793 -1.070  10.700  1.00 20.99 ? 450 GLY A O   1 
ATOM   718  N N   . ARG A 1 93  ? -11.807 -2.640  9.450   1.00 17.12 ? 451 ARG A N   1 
ATOM   719  C CA  . ARG A 1 93  ? -13.060 -3.350  9.210   1.00 15.47 ? 451 ARG A CA  1 
ATOM   720  C C   . ARG A 1 93  ? -12.929 -4.734  9.786   1.00 17.23 ? 451 ARG A C   1 
ATOM   721  O O   . ARG A 1 93  ? -12.087 -5.512  9.333   1.00 18.95 ? 451 ARG A O   1 
ATOM   722  C CB  . ARG A 1 93  ? -13.372 -3.402  7.720   1.00 18.60 ? 451 ARG A CB  1 
ATOM   723  C CG  . ARG A 1 93  ? -13.529 -2.006  7.127   1.00 19.94 ? 451 ARG A CG  1 
ATOM   724  C CD  . ARG A 1 93  ? -13.585 -2.038  5.607   1.00 19.40 ? 451 ARG A CD  1 
ATOM   725  N NE  . ARG A 1 93  ? -13.943 -0.724  5.084   1.00 23.39 ? 451 ARG A NE  1 
ATOM   726  C CZ  . ARG A 1 93  ? -13.778 -0.370  3.814   1.00 29.54 ? 451 ARG A CZ  1 
ATOM   727  N NH1 . ARG A 1 93  ? -13.259 -1.234  2.950   1.00 22.85 ? 451 ARG A NH1 1 
ATOM   728  N NH2 . ARG A 1 93  ? -14.128 0.847   3.410   1.00 31.03 ? 451 ARG A NH2 1 
ATOM   729  N N   . PHE A 1 94  ? -13.741 -5.032  10.798  1.00 16.12 ? 452 PHE A N   1 
ATOM   730  C CA  . PHE A 1 94  ? -13.555 -6.261  11.577  1.00 17.66 ? 452 PHE A CA  1 
ATOM   731  C C   . PHE A 1 94  ? -14.840 -7.053  11.721  1.00 21.75 ? 452 PHE A C   1 
ATOM   732  O O   . PHE A 1 94  ? -15.927 -6.484  11.737  1.00 17.78 ? 452 PHE A O   1 
ATOM   733  C CB  . PHE A 1 94  ? -12.999 -5.926  12.963  1.00 17.14 ? 452 PHE A CB  1 
ATOM   734  C CG  . PHE A 1 94  ? -11.742 -5.121  12.908  1.00 13.81 ? 452 PHE A CG  1 
ATOM   735  C CD1 . PHE A 1 94  ? -10.588 -5.666  12.369  1.00 18.32 ? 452 PHE A CD1 1 
ATOM   736  C CD2 . PHE A 1 94  ? -11.726 -3.800  13.329  1.00 17.41 ? 452 PHE A CD2 1 
ATOM   737  C CE1 . PHE A 1 94  ? -9.420  -4.903  12.262  1.00 19.82 ? 452 PHE A CE1 1 
ATOM   738  C CE2 . PHE A 1 94  ? -10.564 -3.028  13.223  1.00 20.71 ? 452 PHE A CE2 1 
ATOM   739  C CZ  . PHE A 1 94  ? -9.411  -3.586  12.709  1.00 20.39 ? 452 PHE A CZ  1 
ATOM   740  N N   . LYS A 1 95  ? -14.694 -8.369  11.810  1.00 16.36 ? 453 LYS A N   1 
ATOM   741  C CA  . LYS A 1 95  ? -15.793 -9.251  12.168  1.00 17.22 ? 453 LYS A CA  1 
ATOM   742  C C   . LYS A 1 95  ? -15.293 -10.257 13.184  1.00 20.36 ? 453 LYS A C   1 
ATOM   743  O O   . LYS A 1 95  ? -14.119 -10.608 13.200  1.00 18.52 ? 453 LYS A O   1 
ATOM   744  C CB  . LYS A 1 95  ? -16.342 -9.998  10.951  1.00 19.02 ? 453 LYS A CB  1 
ATOM   745  C CG  . LYS A 1 95  ? -17.151 -9.172  9.956   1.00 27.51 ? 453 LYS A CG  1 
ATOM   746  C CD  . LYS A 1 95  ? -17.752 -10.136 8.946   1.00 29.78 ? 453 LYS A CD  1 
ATOM   747  C CE  . LYS A 1 95  ? -18.645 -9.479  7.921   1.00 42.58 ? 453 LYS A CE  1 
ATOM   748  N NZ  . LYS A 1 95  ? -19.309 -10.555 7.118   1.00 32.38 ? 453 LYS A NZ  1 
ATOM   749  N N   A GLN A 1 96  ? -16.197 -10.742 14.013  0.65 17.94 ? 454 GLN A N   1 
ATOM   750  N N   B GLN A 1 96  ? -16.186 -10.738 14.040  0.35 17.97 ? 454 GLN A N   1 
ATOM   751  C CA  A GLN A 1 96  ? -15.841 -11.774 14.968  0.65 18.66 ? 454 GLN A CA  1 
ATOM   752  C CA  B GLN A 1 96  ? -15.814 -11.790 14.983  0.35 19.07 ? 454 GLN A CA  1 
ATOM   753  C C   A GLN A 1 96  ? -16.227 -13.163 14.448  0.65 20.37 ? 454 GLN A C   1 
ATOM   754  C C   B GLN A 1 96  ? -16.223 -13.162 14.456  0.35 20.45 ? 454 GLN A C   1 
ATOM   755  O O   A GLN A 1 96  ? -17.276 -13.324 13.824  0.65 22.94 ? 454 GLN A O   1 
ATOM   756  O O   B GLN A 1 96  ? -17.284 -13.311 13.847  0.35 23.01 ? 454 GLN A O   1 
ATOM   757  C CB  A GLN A 1 96  ? -16.525 -11.488 16.298  0.65 21.53 ? 454 GLN A CB  1 
ATOM   758  C CB  B GLN A 1 96  ? -16.454 -11.557 16.354  0.35 21.52 ? 454 GLN A CB  1 
ATOM   759  C CG  A GLN A 1 96  ? -16.301 -12.540 17.333  0.65 25.77 ? 454 GLN A CG  1 
ATOM   760  C CG  B GLN A 1 96  ? -15.901 -12.472 17.445  0.35 23.76 ? 454 GLN A CG  1 
ATOM   761  C CD  A GLN A 1 96  ? -17.596 -12.961 17.969  0.65 27.19 ? 454 GLN A CD  1 
ATOM   762  C CD  B GLN A 1 96  ? -16.945 -12.857 18.479  0.35 23.13 ? 454 GLN A CD  1 
ATOM   763  O OE1 A GLN A 1 96  ? -18.612 -12.254 17.874  0.65 28.20 ? 454 GLN A OE1 1 
ATOM   764  O OE1 B GLN A 1 96  ? -18.141 -12.647 18.276  0.35 33.52 ? 454 GLN A OE1 1 
ATOM   765  N NE2 A GLN A 1 96  ? -17.581 -14.111 18.615  0.65 18.69 ? 454 GLN A NE2 1 
ATOM   766  N NE2 B GLN A 1 96  ? -16.496 -13.413 19.593  0.35 19.21 ? 454 GLN A NE2 1 
ATOM   767  N N   . ALA A 1 97  ? -15.378 -14.163 14.685  1.00 18.90 ? 455 ALA A N   1 
ATOM   768  C CA  . ALA A 1 97  ? -15.754 -15.560 14.424  1.00 21.26 ? 455 ALA A CA  1 
ATOM   769  C C   . ALA A 1 97  ? -15.484 -16.375 15.677  1.00 20.08 ? 455 ALA A C   1 
ATOM   770  O O   . ALA A 1 97  ? -14.630 -16.005 16.473  1.00 19.85 ? 455 ALA A O   1 
ATOM   771  C CB  . ALA A 1 97  ? -14.990 -16.141 13.222  1.00 20.94 ? 455 ALA A CB  1 
ATOM   772  N N   . ASN A 1 98  ? -16.222 -17.467 15.872  1.00 13.51 ? 456 ASN A N   1 
ATOM   773  C CA  . ASN A 1 98  ? -15.923 -18.389 16.965  1.00 17.30 ? 456 ASN A CA  1 
ATOM   774  C C   . ASN A 1 98  ? -15.353 -19.680 16.390  1.00 19.19 ? 456 ASN A C   1 
ATOM   775  O O   . ASN A 1 98  ? -15.757 -20.102 15.303  1.00 21.66 ? 456 ASN A O   1 
ATOM   776  C CB  . ASN A 1 98  ? -17.171 -18.706 17.801  1.00 19.24 ? 456 ASN A CB  1 
ATOM   777  C CG  . ASN A 1 98  ? -17.621 -17.536 18.639  1.00 26.02 ? 456 ASN A CG  1 
ATOM   778  O OD1 . ASN A 1 98  ? -16.808 -16.864 19.271  1.00 29.34 ? 456 ASN A OD1 1 
ATOM   779  N ND2 . ASN A 1 98  ? -18.909 -17.250 18.606  1.00 25.18 ? 456 ASN A ND2 1 
ATOM   780  N N   . SER A 1 99  ? -14.431 -20.295 17.122  1.00 16.79 ? 457 SER A N   1 
ATOM   781  C CA  . SER A 1 99  ? -13.856 -21.591 16.755  1.00 16.51 ? 457 SER A CA  1 
ATOM   782  C C   . SER A 1 99  ? -13.396 -22.314 18.029  1.00 19.69 ? 457 SER A C   1 
ATOM   783  O O   . SER A 1 99  ? -12.879 -21.681 18.961  1.00 16.95 ? 457 SER A O   1 
ATOM   784  C CB  . SER A 1 99  ? -12.696 -21.397 15.767  1.00 20.92 ? 457 SER A CB  1 
ATOM   785  O OG  . SER A 1 99  ? -12.348 -22.621 15.134  1.00 23.64 ? 457 SER A OG  1 
ATOM   786  N N   . PRO A 1 100 ? -13.600 -23.643 18.098  1.00 19.41 ? 458 PRO A N   1 
ATOM   787  C CA  . PRO A 1 100 ? -13.302 -24.360 19.347  1.00 16.88 ? 458 PRO A CA  1 
ATOM   788  C C   . PRO A 1 100 ? -11.857 -24.183 19.778  1.00 20.92 ? 458 PRO A C   1 
ATOM   789  O O   . PRO A 1 100 ? -10.950 -24.208 18.945  1.00 20.71 ? 458 PRO A O   1 
ATOM   790  C CB  . PRO A 1 100 ? -13.587 -25.829 18.998  1.00 20.06 ? 458 PRO A CB  1 
ATOM   791  C CG  . PRO A 1 100 ? -14.575 -25.745 17.868  1.00 24.23 ? 458 PRO A CG  1 
ATOM   792  C CD  . PRO A 1 100 ? -14.162 -24.534 17.070  1.00 23.03 ? 458 PRO A CD  1 
ATOM   793  N N   . SER A 1 101 ? -11.656 -23.970 21.072  1.00 18.92 ? 459 SER A N   1 
ATOM   794  C CA  . SER A 1 101 ? -10.315 -23.858 21.631  1.00 21.65 ? 459 SER A CA  1 
ATOM   795  C C   . SER A 1 101 ? -10.209 -24.636 22.938  1.00 25.58 ? 459 SER A C   1 
ATOM   796  O O   . SER A 1 101 ? -11.205 -25.139 23.465  1.00 22.01 ? 459 SER A O   1 
ATOM   797  C CB  . SER A 1 101 ? -9.955  -22.391 21.891  1.00 20.71 ? 459 SER A CB  1 
ATOM   798  O OG  . SER A 1 101 ? -10.737 -21.892 22.975  1.00 20.03 ? 459 SER A OG  1 
ATOM   799  N N   . THR A 1 102 ? -8.991  -24.702 23.467  1.00 24.33 ? 460 THR A N   1 
ATOM   800  C CA  . THR A 1 102 ? -8.766  -25.167 24.825  1.00 28.08 ? 460 THR A CA  1 
ATOM   801  C C   . THR A 1 102 ? -9.424  -24.203 25.817  1.00 27.70 ? 460 THR A C   1 
ATOM   802  O O   . THR A 1 102 ? -9.661  -23.031 25.487  1.00 23.45 ? 460 THR A O   1 
ATOM   803  C CB  . THR A 1 102 ? -7.270  -25.282 25.118  1.00 27.98 ? 460 THR A CB  1 
ATOM   804  O OG1 . THR A 1 102 ? -6.652  -24.011 24.894  1.00 30.14 ? 460 THR A OG1 1 
ATOM   805  C CG2 . THR A 1 102 ? -6.630  -26.311 24.204  1.00 28.14 ? 460 THR A CG2 1 
ATOM   806  N N   . PRO A 1 103 ? -9.719  -24.684 27.039  1.00 26.05 ? 461 PRO A N   1 
ATOM   807  C CA  . PRO A 1 103 ? -10.407 -23.850 28.036  1.00 26.29 ? 461 PRO A CA  1 
ATOM   808  C C   . PRO A 1 103 ? -9.766  -22.477 28.290  1.00 22.27 ? 461 PRO A C   1 
ATOM   809  O O   . PRO A 1 103 ? -10.486 -21.492 28.459  1.00 24.99 ? 461 PRO A O   1 
ATOM   810  C CB  . PRO A 1 103 ? -10.345 -24.711 29.302  1.00 28.93 ? 461 PRO A CB  1 
ATOM   811  C CG  . PRO A 1 103 ? -10.347 -26.117 28.774  1.00 29.46 ? 461 PRO A CG  1 
ATOM   812  C CD  . PRO A 1 103 ? -9.583  -26.085 27.492  1.00 30.04 ? 461 PRO A CD  1 
ATOM   813  N N   . GLU A 1 104 ? -8.440  -22.417 28.312  1.00 23.50 ? 462 GLU A N   1 
ATOM   814  C CA  . GLU A 1 104 ? -7.756  -21.186 28.676  1.00 26.15 ? 462 GLU A CA  1 
ATOM   815  C C   . GLU A 1 104 ? -7.665  -20.220 27.501  1.00 27.80 ? 462 GLU A C   1 
ATOM   816  O O   . GLU A 1 104 ? -7.154  -19.121 27.651  1.00 21.23 ? 462 GLU A O   1 
ATOM   817  C CB  . GLU A 1 104 ? -6.353  -21.479 29.216  1.00 33.01 ? 462 GLU A CB  1 
ATOM   818  C CG  . GLU A 1 104 ? -5.342  -21.880 28.159  1.00 34.51 ? 462 GLU A CG  1 
ATOM   819  C CD  . GLU A 1 104 ? -5.488  -23.320 27.715  1.00 45.17 ? 462 GLU A CD  1 
ATOM   820  O OE1 . GLU A 1 104 ? -6.252  -24.072 28.359  1.00 54.06 ? 462 GLU A OE1 1 
ATOM   821  O OE2 . GLU A 1 104 ? -4.832  -23.701 26.717  1.00 55.13 ? 462 GLU A OE2 1 
ATOM   822  N N   . LEU A 1 105 ? -8.158  -20.625 26.335  1.00 22.70 ? 463 LEU A N   1 
ATOM   823  C CA  . LEU A 1 105 ? -8.223  -19.703 25.203  1.00 17.77 ? 463 LEU A CA  1 
ATOM   824  C C   . LEU A 1 105 ? -9.660  -19.341 24.870  1.00 20.03 ? 463 LEU A C   1 
ATOM   825  O O   . LEU A 1 105 ? -9.919  -18.531 23.976  1.00 18.34 ? 463 LEU A O   1 
ATOM   826  C CB  . LEU A 1 105 ? -7.540  -20.300 23.973  1.00 20.24 ? 463 LEU A CB  1 
ATOM   827  C CG  . LEU A 1 105 ? -6.040  -20.530 24.129  1.00 22.28 ? 463 LEU A CG  1 
ATOM   828  C CD1 . LEU A 1 105 ? -5.463  -21.217 22.883  1.00 25.29 ? 463 LEU A CD1 1 
ATOM   829  C CD2 . LEU A 1 105 ? -5.335  -19.214 24.420  1.00 25.20 ? 463 LEU A CD2 1 
ATOM   830  N N   . VAL A 1 106 ? -10.611 -19.966 25.560  1.00 17.83 ? 464 VAL A N   1 
ATOM   831  C CA  . VAL A 1 106 ? -11.997 -19.603 25.370  1.00 16.36 ? 464 VAL A CA  1 
ATOM   832  C C   . VAL A 1 106 ? -12.200 -18.120 25.668  1.00 17.26 ? 464 VAL A C   1 
ATOM   833  O O   . VAL A 1 106 ? -11.828 -17.640 26.747  1.00 18.07 ? 464 VAL A O   1 
ATOM   834  C CB  . VAL A 1 106 ? -12.900 -20.476 26.258  1.00 19.14 ? 464 VAL A CB  1 
ATOM   835  C CG1 . VAL A 1 106 ? -14.321 -19.971 26.217  1.00 19.06 ? 464 VAL A CG1 1 
ATOM   836  C CG2 . VAL A 1 106 ? -12.826 -21.895 25.761  1.00 19.45 ? 464 VAL A CG2 1 
ATOM   837  N N   . GLY A 1 107 ? -12.752 -17.399 24.701  1.00 15.84 ? 465 GLY A N   1 
ATOM   838  C CA  . GLY A 1 107 ? -12.957 -15.967 24.835  1.00 15.77 ? 465 GLY A CA  1 
ATOM   839  C C   . GLY A 1 107 ? -11.737 -15.137 24.478  1.00 18.02 ? 465 GLY A C   1 
ATOM   840  O O   . GLY A 1 107 ? -11.761 -13.900 24.568  1.00 17.95 ? 465 GLY A O   1 
ATOM   841  N N   . LYS A 1 108 ? -10.677 -15.805 24.041  1.00 17.64 ? 466 LYS A N   1 
ATOM   842  C CA  . LYS A 1 108 ? -9.464  -15.108 23.604  1.00 16.39 ? 466 LYS A CA  1 
ATOM   843  C C   . LYS A 1 108 ? -9.212  -15.315 22.121  1.00 19.71 ? 466 LYS A C   1 
ATOM   844  O O   . LYS A 1 108 ? -9.667  -16.295 21.526  1.00 17.53 ? 466 LYS A O   1 
ATOM   845  C CB  . LYS A 1 108 ? -8.262  -15.582 24.413  1.00 16.29 ? 466 LYS A CB  1 
ATOM   846  C CG  . LYS A 1 108 ? -8.478  -15.435 25.921  1.00 15.12 ? 466 LYS A CG  1 
ATOM   847  C CD  . LYS A 1 108 ? -7.314  -16.006 26.707  1.00 22.32 ? 466 LYS A CD  1 
ATOM   848  C CE  . LYS A 1 108 ? -7.499  -15.777 28.221  1.00 21.53 ? 466 LYS A CE  1 
ATOM   849  N NZ  . LYS A 1 108 ? -8.884  -16.008 28.713  1.00 31.86 ? 466 LYS A NZ  1 
ATOM   850  N N   . VAL A 1 109 ? -8.490  -14.389 21.510  1.00 15.90 ? 467 VAL A N   1 
ATOM   851  C CA  . VAL A 1 109 ? -8.246  -14.512 20.092  1.00 12.66 ? 467 VAL A CA  1 
ATOM   852  C C   . VAL A 1 109 ? -7.291  -15.665 19.802  1.00 15.02 ? 467 VAL A C   1 
ATOM   853  O O   . VAL A 1 109 ? -6.217  -15.751 20.391  1.00 18.73 ? 467 VAL A O   1 
ATOM   854  C CB  . VAL A 1 109 ? -7.685  -13.201 19.522  1.00 15.42 ? 467 VAL A CB  1 
ATOM   855  C CG1 . VAL A 1 109 ? -7.377  -13.376 18.061  1.00 14.87 ? 467 VAL A CG1 1 
ATOM   856  C CG2 . VAL A 1 109 ? -8.696  -12.089 19.739  1.00 16.21 ? 467 VAL A CG2 1 
ATOM   857  N N   . ILE A 1 110 ? -7.680  -16.564 18.904  1.00 15.49 ? 468 ILE A N   1 
ATOM   858  C CA  . ILE A 1 110 ? -6.799  -17.673 18.554  1.00 14.05 ? 468 ILE A CA  1 
ATOM   859  C C   . ILE A 1 110 ? -6.178  -17.519 17.168  1.00 17.73 ? 468 ILE A C   1 
ATOM   860  O O   . ILE A 1 110 ? -5.314  -18.308 16.764  1.00 23.47 ? 468 ILE A O   1 
ATOM   861  C CB  . ILE A 1 110 ? -7.542  -19.010 18.655  1.00 17.69 ? 468 ILE A CB  1 
ATOM   862  C CG1 . ILE A 1 110 ? -8.803  -19.004 17.786  1.00 19.19 ? 468 ILE A CG1 1 
ATOM   863  C CG2 . ILE A 1 110 ? -7.881  -19.303 20.142  1.00 22.04 ? 468 ILE A CG2 1 
ATOM   864  C CD1 . ILE A 1 110 ? -9.526  -20.363 17.731  1.00 25.70 ? 468 ILE A CD1 1 
ATOM   865  N N   . GLY A 1 111 ? -6.595  -16.492 16.442  1.00 13.99 ? 469 GLY A N   1 
ATOM   866  C CA  . GLY A 1 111 ? -6.062  -16.249 15.116  1.00 16.75 ? 469 GLY A CA  1 
ATOM   867  C C   . GLY A 1 111 ? -6.900  -15.237 14.366  1.00 19.82 ? 469 GLY A C   1 
ATOM   868  O O   . GLY A 1 111 ? -7.940  -14.805 14.856  1.00 18.25 ? 469 GLY A O   1 
ATOM   869  N N   . THR A 1 112 ? -6.430  -14.836 13.184  1.00 16.30 ? 470 THR A N   1 
ATOM   870  C CA  . THR A 1 112 ? -7.212  -13.969 12.316  1.00 17.12 ? 470 THR A CA  1 
ATOM   871  C C   . THR A 1 112 ? -7.299  -14.552 10.911  1.00 19.62 ? 470 THR A C   1 
ATOM   872  O O   . THR A 1 112 ? -6.541  -15.463 10.533  1.00 18.95 ? 470 THR A O   1 
ATOM   873  C CB  . THR A 1 112 ? -6.617  -12.557 12.216  1.00 16.15 ? 470 THR A CB  1 
ATOM   874  O OG1 . THR A 1 112 ? -5.246  -12.654 11.797  1.00 17.29 ? 470 THR A OG1 1 
ATOM   875  C CG2 . THR A 1 112 ? -6.689  -11.827 13.574  1.00 16.03 ? 470 THR A CG2 1 
ATOM   876  N N   . ASN A 1 113 ? -8.237  -14.028 10.140  1.00 17.49 ? 471 ASN A N   1 
ATOM   877  C CA  . ASN A 1 113 ? -8.309  -14.331 8.719   1.00 16.70 ? 471 ASN A CA  1 
ATOM   878  C C   . ASN A 1 113 ? -8.540  -13.021 7.981   1.00 19.35 ? 471 ASN A C   1 
ATOM   879  O O   . ASN A 1 113 ? -9.619  -12.450 8.080   1.00 20.27 ? 471 ASN A O   1 
ATOM   880  C CB  . ASN A 1 113 ? -9.413  -15.347 8.418   1.00 18.85 ? 471 ASN A CB  1 
ATOM   881  C CG  . ASN A 1 113 ? -9.353  -15.841 6.988   1.00 32.13 ? 471 ASN A CG  1 
ATOM   882  O OD1 . ASN A 1 113 ? -8.461  -15.452 6.240   1.00 27.18 ? 471 ASN A OD1 1 
ATOM   883  N ND2 . ASN A 1 113 ? -10.282 -16.704 6.606   1.00 29.84 ? 471 ASN A ND2 1 
ATOM   884  N N   . PRO A 1 114 ? -7.525  -12.531 7.244   1.00 22.51 ? 472 PRO A N   1 
ATOM   885  C CA  . PRO A 1 114 ? -6.245  -13.191 6.946   1.00 21.49 ? 472 PRO A CA  1 
ATOM   886  C C   . PRO A 1 114 ? -5.363  -13.399 8.169   1.00 19.06 ? 472 PRO A C   1 
ATOM   887  O O   . PRO A 1 114 ? -5.454  -12.635 9.128   1.00 21.03 ? 472 PRO A O   1 
ATOM   888  C CB  . PRO A 1 114 ? -5.566  -12.219 5.959   1.00 22.41 ? 472 PRO A CB  1 
ATOM   889  C CG  . PRO A 1 114 ? -6.661  -11.318 5.477   1.00 28.43 ? 472 PRO A CG  1 
ATOM   890  C CD  . PRO A 1 114 ? -7.572  -11.181 6.657   1.00 22.42 ? 472 PRO A CD  1 
ATOM   891  N N   . PRO A 1 115 ? -4.516  -14.439 8.138   1.00 24.09 ? 473 PRO A N   1 
ATOM   892  C CA  . PRO A 1 115 ? -3.700  -14.820 9.297   1.00 25.03 ? 473 PRO A CA  1 
ATOM   893  C C   . PRO A 1 115 ? -2.545  -13.868 9.611   1.00 24.89 ? 473 PRO A C   1 
ATOM   894  O O   . PRO A 1 115 ? -2.136  -13.070 8.767   1.00 22.89 ? 473 PRO A O   1 
ATOM   895  C CB  . PRO A 1 115 ? -3.169  -16.204 8.899   1.00 25.57 ? 473 PRO A CB  1 
ATOM   896  C CG  . PRO A 1 115 ? -3.121  -16.158 7.411   1.00 28.64 ? 473 PRO A CG  1 
ATOM   897  C CD  . PRO A 1 115 ? -4.334  -15.370 7.006   1.00 26.91 ? 473 PRO A CD  1 
ATOM   898  N N   . ALA A 1 116 ? -2.040  -13.964 10.838  1.00 25.46 ? 474 ALA A N   1 
ATOM   899  C CA  . ALA A 1 116 ? -0.929  -13.150 11.310  1.00 20.23 ? 474 ALA A CA  1 
ATOM   900  C C   . ALA A 1 116 ? 0.226   -13.162 10.317  1.00 22.32 ? 474 ALA A C   1 
ATOM   901  O O   . ALA A 1 116 ? 0.510   -14.191 9.710   1.00 23.66 ? 474 ALA A O   1 
ATOM   902  C CB  . ALA A 1 116 ? -0.453  -13.636 12.678  1.00 25.37 ? 474 ALA A CB  1 
ATOM   903  N N   . ASN A 1 117 ? 0.838   -11.993 10.152  1.00 25.66 ? 475 ASN A N   1 
ATOM   904  C CA  . ASN A 1 117 ? 2.033   -11.773 9.329   1.00 29.87 ? 475 ASN A CA  1 
ATOM   905  C C   . ASN A 1 117 ? 1.796   -11.814 7.824   1.00 31.32 ? 475 ASN A C   1 
ATOM   906  O O   . ASN A 1 117 ? 2.718   -11.571 7.048   1.00 31.36 ? 475 ASN A O   1 
ATOM   907  C CB  . ASN A 1 117 ? 3.125   -12.774 9.699   1.00 29.93 ? 475 ASN A CB  1 
ATOM   908  C CG  . ASN A 1 117 ? 3.465   -12.722 11.165  1.00 29.99 ? 475 ASN A CG  1 
ATOM   909  O OD1 . ASN A 1 117 ? 3.764   -11.654 11.703  1.00 37.75 ? 475 ASN A OD1 1 
ATOM   910  N ND2 . ASN A 1 117 ? 3.389   -13.869 11.834  1.00 33.91 ? 475 ASN A ND2 1 
ATOM   911  N N   . GLN A 1 118 ? 0.570   -12.115 7.409   1.00 26.46 ? 476 GLN A N   1 
ATOM   912  C CA  . GLN A 1 118 ? 0.210   -12.005 6.000   1.00 26.47 ? 476 GLN A CA  1 
ATOM   913  C C   . GLN A 1 118 ? 0.013   -10.539 5.625   1.00 31.85 ? 476 GLN A C   1 
ATOM   914  O O   . GLN A 1 118 ? -0.501  -9.740  6.419   1.00 22.72 ? 476 GLN A O   1 
ATOM   915  C CB  . GLN A 1 118 ? -1.051  -12.816 5.706   1.00 28.79 ? 476 GLN A CB  1 
ATOM   916  C CG  . GLN A 1 118 ? -1.494  -12.820 4.253   1.00 39.23 ? 476 GLN A CG  1 
ATOM   917  C CD  . GLN A 1 118 ? -2.295  -14.063 3.908   1.00 44.45 ? 476 GLN A CD  1 
ATOM   918  O OE1 . GLN A 1 118 ? -1.835  -15.185 4.120   1.00 56.13 ? 476 GLN A OE1 1 
ATOM   919  N NE2 . GLN A 1 118 ? -3.502  -13.871 3.386   1.00 43.84 ? 476 GLN A NE2 1 
ATOM   920  N N   . THR A 1 119 ? 0.426   -10.173 4.414   1.00 23.87 ? 477 THR A N   1 
ATOM   921  C CA  . THR A 1 119 ? 0.209   -8.814  3.951   1.00 22.79 ? 477 THR A CA  1 
ATOM   922  C C   . THR A 1 119 ? -1.182  -8.719  3.354   1.00 24.67 ? 477 THR A C   1 
ATOM   923  O O   . THR A 1 119 ? -1.594  -9.592  2.580   1.00 28.41 ? 477 THR A O   1 
ATOM   924  C CB  . THR A 1 119 ? 1.269   -8.389  2.920   1.00 30.20 ? 477 THR A CB  1 
ATOM   925  O OG1 . THR A 1 119 ? 2.556   -8.330  3.558   1.00 32.36 ? 477 THR A OG1 1 
ATOM   926  C CG2 . THR A 1 119 ? 0.945   -7.020  2.364   1.00 29.69 ? 477 THR A CG2 1 
ATOM   927  N N   . SER A 1 120 ? -1.917  -7.670  3.719   1.00 23.06 ? 478 SER A N   1 
ATOM   928  C CA  . SER A 1 120 ? -3.279  -7.515  3.233   1.00 18.60 ? 478 SER A CA  1 
ATOM   929  C C   . SER A 1 120 ? -3.640  -6.047  2.969   1.00 19.14 ? 478 SER A C   1 
ATOM   930  O O   . SER A 1 120 ? -3.168  -5.142  3.660   1.00 18.51 ? 478 SER A O   1 
ATOM   931  C CB  . SER A 1 120 ? -4.267  -8.119  4.237   1.00 22.88 ? 478 SER A CB  1 
ATOM   932  O OG  . SER A 1 120 ? -5.585  -8.130  3.712   1.00 25.66 ? 478 SER A OG  1 
ATOM   933  N N   . ALA A 1 121 ? -4.474  -5.813  1.963   1.00 20.54 ? 479 ALA A N   1 
ATOM   934  C CA  . ALA A 1 121 ? -4.989  -4.467  1.719   1.00 18.60 ? 479 ALA A CA  1 
ATOM   935  C C   . ALA A 1 121 ? -5.689  -3.994  2.985   1.00 19.25 ? 479 ALA A C   1 
ATOM   936  O O   . ALA A 1 121 ? -6.424  -4.773  3.594   1.00 18.37 ? 479 ALA A O   1 
ATOM   937  C CB  . ALA A 1 121 ? -5.948  -4.459  0.536   1.00 19.51 ? 479 ALA A CB  1 
ATOM   938  N N   . ILE A 1 122 ? -5.467  -2.748  3.394   1.00 21.58 ? 480 ILE A N   1 
ATOM   939  C CA  . ILE A 1 122 ? -6.087  -2.270  4.641   1.00 20.46 ? 480 ILE A CA  1 
ATOM   940  C C   . ILE A 1 122 ? -7.599  -2.036  4.515   1.00 23.11 ? 480 ILE A C   1 
ATOM   941  O O   . ILE A 1 122 ? -8.283  -1.787  5.520   1.00 24.37 ? 480 ILE A O   1 
ATOM   942  C CB  . ILE A 1 122 ? -5.425  -0.990  5.142   1.00 21.15 ? 480 ILE A CB  1 
ATOM   943  C CG1 . ILE A 1 122 ? -5.428  0.087   4.052   1.00 24.27 ? 480 ILE A CG1 1 
ATOM   944  C CG2 . ILE A 1 122 ? -4.009  -1.280  5.570   1.00 24.30 ? 480 ILE A CG2 1 
ATOM   945  C CD1 . ILE A 1 122 ? -4.823  1.395   4.524   1.00 29.15 ? 480 ILE A CD1 1 
ATOM   946  N N   . THR A 1 123 ? -8.126  -2.163  3.299   1.00 19.38 ? 481 THR A N   1 
ATOM   947  C CA  . THR A 1 123 ? -9.569  -2.100  3.066   1.00 22.18 ? 481 THR A CA  1 
ATOM   948  C C   . THR A 1 123 ? -10.244 -3.431  3.366   1.00 25.10 ? 481 THR A C   1 
ATOM   949  O O   . THR A 1 123 ? -11.469 -3.508  3.442   1.00 22.30 ? 481 THR A O   1 
ATOM   950  C CB  . THR A 1 123 ? -9.897  -1.722  1.598   1.00 25.33 ? 481 THR A CB  1 
ATOM   951  O OG1 . THR A 1 123 ? -9.188  -2.599  0.714   1.00 23.89 ? 481 THR A OG1 1 
ATOM   952  C CG2 . THR A 1 123 ? -9.497  -0.287  1.309   1.00 27.91 ? 481 THR A CG2 1 
ATOM   953  N N   . ASN A 1 124 ? -9.446  -4.487  3.511   1.00 20.00 ? 482 ASN A N   1 
ATOM   954  C CA  . ASN A 1 124 ? -10.007 -5.822  3.663   1.00 23.76 ? 482 ASN A CA  1 
ATOM   955  C C   . ASN A 1 124 ? -10.600 -6.003  5.054   1.00 23.04 ? 482 ASN A C   1 
ATOM   956  O O   . ASN A 1 124 ? -10.101 -5.422  6.019   1.00 18.26 ? 482 ASN A O   1 
ATOM   957  C CB  . ASN A 1 124 ? -8.945  -6.903  3.414   1.00 23.77 ? 482 ASN A CB  1 
ATOM   958  C CG  . ASN A 1 124 ? -8.661  -7.121  1.929   1.00 35.66 ? 482 ASN A CG  1 
ATOM   959  O OD1 . ASN A 1 124 ? -9.531  -6.921  1.071   1.00 32.97 ? 482 ASN A OD1 1 
ATOM   960  N ND2 . ASN A 1 124 ? -7.440  -7.551  1.622   1.00 28.20 ? 482 ASN A ND2 1 
ATOM   961  N N   . VAL A 1 125 ? -11.673 -6.782  5.150   1.00 19.85 ? 483 VAL A N   1 
ATOM   962  C CA  . VAL A 1 125 ? -12.192 -7.172  6.452   1.00 18.03 ? 483 VAL A CA  1 
ATOM   963  C C   . VAL A 1 125 ? -11.229 -8.168  7.077   1.00 23.34 ? 483 VAL A C   1 
ATOM   964  O O   . VAL A 1 125 ? -10.780 -9.111  6.417   1.00 22.11 ? 483 VAL A O   1 
ATOM   965  C CB  . VAL A 1 125 ? -13.597 -7.799  6.350   1.00 22.20 ? 483 VAL A CB  1 
ATOM   966  C CG1 . VAL A 1 125 ? -14.052 -8.348  7.708   1.00 20.17 ? 483 VAL A CG1 1 
ATOM   967  C CG2 . VAL A 1 125 ? -14.587 -6.776  5.791   1.00 28.27 ? 483 VAL A CG2 1 
ATOM   968  N N   . VAL A 1 126 ? -10.896 -7.951  8.343   1.00 20.85 ? 484 VAL A N   1 
ATOM   969  C CA  . VAL A 1 126 ? -10.091 -8.918  9.074   1.00 17.37 ? 484 VAL A CA  1 
ATOM   970  C C   . VAL A 1 126 ? -11.016 -9.644  10.035  1.00 15.90 ? 484 VAL A C   1 
ATOM   971  O O   . VAL A 1 126 ? -11.639 -9.030  10.904  1.00 15.07 ? 484 VAL A O   1 
ATOM   972  C CB  . VAL A 1 126 ? -8.932  -8.266  9.843   1.00 20.40 ? 484 VAL A CB  1 
ATOM   973  C CG1 . VAL A 1 126 ? -8.109  -9.330  10.565  1.00 16.78 ? 484 VAL A CG1 1 
ATOM   974  C CG2 . VAL A 1 126 ? -8.036  -7.472  8.883   1.00 17.95 ? 484 VAL A CG2 1 
ATOM   975  N N   A ILE A 1 127 ? -11.132 -10.950 9.852   0.51 15.52 ? 485 ILE A N   1 
ATOM   976  N N   B ILE A 1 127 ? -11.115 -10.952 9.856   0.49 15.58 ? 485 ILE A N   1 
ATOM   977  C CA  A ILE A 1 127 ? -11.922 -11.761 10.765  0.51 14.32 ? 485 ILE A CA  1 
ATOM   978  C CA  B ILE A 1 127 ? -11.901 -11.797 10.744  0.49 14.79 ? 485 ILE A CA  1 
ATOM   979  C C   A ILE A 1 127 ? -11.063 -12.092 11.968  0.51 16.52 ? 485 ILE A C   1 
ATOM   980  C C   B ILE A 1 127 ? -11.069 -12.130 11.971  0.49 16.51 ? 485 ILE A C   1 
ATOM   981  O O   A ILE A 1 127 ? -9.951  -12.593 11.825  0.51 15.86 ? 485 ILE A O   1 
ATOM   982  O O   B ILE A 1 127 ? -9.974  -12.670 11.847  0.49 15.70 ? 485 ILE A O   1 
ATOM   983  C CB  A ILE A 1 127 ? -12.426 -13.061 10.120  0.51 16.95 ? 485 ILE A CB  1 
ATOM   984  C CB  B ILE A 1 127 ? -12.348 -13.089 10.038  0.49 16.95 ? 485 ILE A CB  1 
ATOM   985  C CG1 A ILE A 1 127 ? -13.025 -12.781 8.740   0.51 17.82 ? 485 ILE A CG1 1 
ATOM   986  C CG1 B ILE A 1 127 ? -13.245 -12.748 8.845   0.49 17.79 ? 485 ILE A CG1 1 
ATOM   987  C CG2 A ILE A 1 127 ? -13.438 -13.739 11.036  0.51 16.29 ? 485 ILE A CG2 1 
ATOM   988  C CG2 B ILE A 1 127 ? -13.047 -14.024 11.022  0.49 16.14 ? 485 ILE A CG2 1 
ATOM   989  C CD1 A ILE A 1 127 ? -14.130 -11.758 8.753   0.51 20.75 ? 485 ILE A CD1 1 
ATOM   990  C CD1 B ILE A 1 127 ? -13.666 -13.940 8.024   0.49 21.64 ? 485 ILE A CD1 1 
ATOM   991  N N   . ILE A 1 128 ? -11.588 -11.792 13.147  1.00 15.63 ? 486 ILE A N   1 
ATOM   992  C CA  . ILE A 1 128 ? -10.894 -12.048 14.404  1.00 12.47 ? 486 ILE A CA  1 
ATOM   993  C C   . ILE A 1 128 ? -11.522 -13.290 15.015  1.00 16.17 ? 486 ILE A C   1 
ATOM   994  O O   . ILE A 1 128 ? -12.709 -13.298 15.332  1.00 16.90 ? 486 ILE A O   1 
ATOM   995  C CB  . ILE A 1 128 ? -11.010 -10.833 15.332  1.00 13.55 ? 486 ILE A CB  1 
ATOM   996  C CG1 . ILE A 1 128 ? -10.378 -9.619  14.651  1.00 12.53 ? 486 ILE A CG1 1 
ATOM   997  C CG2 . ILE A 1 128 ? -10.348 -11.094 16.674  1.00 15.57 ? 486 ILE A CG2 1 
ATOM   998  C CD1 . ILE A 1 128 ? -10.547 -8.323  15.434  1.00 16.46 ? 486 ILE A CD1 1 
ATOM   999  N N   . ILE A 1 129 ? -10.743 -14.358 15.114  1.00 13.97 ? 487 ILE A N   1 
ATOM   1000 C CA  . ILE A 1 129 ? -11.291 -15.652 15.532  1.00 14.26 ? 487 ILE A CA  1 
ATOM   1001 C C   . ILE A 1 129 ? -11.085 -15.831 17.027  1.00 15.83 ? 487 ILE A C   1 
ATOM   1002 O O   . ILE A 1 129 ? -9.953  -15.776 17.509  1.00 15.87 ? 487 ILE A O   1 
ATOM   1003 C CB  . ILE A 1 129 ? -10.621 -16.806 14.774  1.00 14.78 ? 487 ILE A CB  1 
ATOM   1004 C CG1 . ILE A 1 129 ? -10.633 -16.525 13.260  1.00 15.32 ? 487 ILE A CG1 1 
ATOM   1005 C CG2 . ILE A 1 129 ? -11.284 -18.131 15.120  1.00 16.49 ? 487 ILE A CG2 1 
ATOM   1006 C CD1 . ILE A 1 129 ? -9.582  -17.311 12.507  1.00 18.77 ? 487 ILE A CD1 1 
ATOM   1007 N N   . VAL A 1 130 ? -12.177 -16.072 17.752  1.00 13.18 ? 488 VAL A N   1 
ATOM   1008 C CA  . VAL A 1 130 ? -12.158 -16.112 19.212  1.00 13.42 ? 488 VAL A CA  1 
ATOM   1009 C C   . VAL A 1 130 ? -12.491 -17.533 19.662  1.00 16.37 ? 488 VAL A C   1 
ATOM   1010 O O   . VAL A 1 130 ? -13.401 -18.144 19.113  1.00 14.34 ? 488 VAL A O   1 
ATOM   1011 C CB  . VAL A 1 130 ? -13.177 -15.111 19.814  1.00 17.63 ? 488 VAL A CB  1 
ATOM   1012 C CG1 . VAL A 1 130 ? -13.216 -15.213 21.326  1.00 18.22 ? 488 VAL A CG1 1 
ATOM   1013 C CG2 . VAL A 1 130 ? -12.883 -13.649 19.354  1.00 14.20 ? 488 VAL A CG2 1 
ATOM   1014 N N   . GLY A 1 131 ? -11.750 -18.057 20.635  1.00 14.62 ? 489 GLY A N   1 
ATOM   1015 C CA  . GLY A 1 131 ? -11.962 -19.416 21.105  1.00 14.31 ? 489 GLY A CA  1 
ATOM   1016 C C   . GLY A 1 131 ? -13.333 -19.616 21.738  1.00 17.85 ? 489 GLY A C   1 
ATOM   1017 O O   . GLY A 1 131 ? -13.822 -18.758 22.475  1.00 14.51 ? 489 GLY A O   1 
ATOM   1018 N N   . SER A 1 132 ? -13.968 -20.749 21.445  1.00 14.53 ? 490 SER A N   1 
ATOM   1019 C CA  . SER A 1 132 ? -15.237 -21.093 22.080  1.00 14.35 ? 490 SER A CA  1 
ATOM   1020 C C   . SER A 1 132 ? -15.150 -22.512 22.629  1.00 17.58 ? 490 SER A C   1 
ATOM   1021 O O   . SER A 1 132 ? -14.261 -23.268 22.254  1.00 17.05 ? 490 SER A O   1 
ATOM   1022 C CB  . SER A 1 132 ? -16.400 -20.974 21.091  1.00 19.76 ? 490 SER A CB  1 
ATOM   1023 O OG  . SER A 1 132 ? -16.179 -21.790 19.952  1.00 18.91 ? 490 SER A OG  1 
ATOM   1024 N N   . GLY A 1 133 ? -16.052 -22.870 23.531  1.00 17.53 ? 491 GLY A N   1 
ATOM   1025 C CA  . GLY A 1 133 ? -16.106 -24.248 24.004  1.00 23.23 ? 491 GLY A CA  1 
ATOM   1026 C C   . GLY A 1 133 ? -15.970 -24.411 25.502  1.00 31.12 ? 491 GLY A C   1 
ATOM   1027 O O   . GLY A 1 133 ? -16.215 -23.485 26.263  1.00 20.62 ? 491 GLY A O   1 
ATOM   1028 O OXT . GLY A 1 133 ? -15.623 -25.488 25.994  1.00 33.45 ? 491 GLY A OXT 1 
HETATM 1029 O O   . HOH B 2 .   ? -20.095 -10.903 16.988  1.00 28.86 ? 501 HOH A O   1 
HETATM 1030 O O   . HOH B 2 .   ? 19.149  9.859   -10.448 1.00 31.67 ? 502 HOH A O   1 
HETATM 1031 O O   . HOH B 2 .   ? 9.510   11.735  -25.208 1.00 38.54 ? 503 HOH A O   1 
HETATM 1032 O O   . HOH B 2 .   ? -11.125 -15.422 28.353  1.00 15.15 ? 504 HOH A O   1 
HETATM 1033 O O   . HOH B 2 .   ? 17.327  23.638  -20.042 1.00 30.21 ? 505 HOH A O   1 
HETATM 1034 O O   . HOH B 2 .   ? -16.003 -5.096  16.018  1.00 34.74 ? 506 HOH A O   1 
HETATM 1035 O O   . HOH B 2 .   ? -16.329 -17.115 21.730  1.00 20.99 ? 507 HOH A O   1 
HETATM 1036 O O   . HOH B 2 .   ? -12.559 -11.909 23.205  1.00 26.80 ? 508 HOH A O   1 
HETATM 1037 O O   . HOH B 2 .   ? -6.365  -9.245  27.917  1.00 18.57 ? 509 HOH A O   1 
HETATM 1038 O O   . HOH B 2 .   ? -10.563 -4.826  0.017   1.00 37.35 ? 510 HOH A O   1 
HETATM 1039 O O   . HOH B 2 .   ? 5.612   -0.979  -8.235  1.00 16.58 ? 511 HOH A O   1 
HETATM 1040 O O   . HOH B 2 .   ? 8.535   2.118   -23.960 1.00 39.29 ? 512 HOH A O   1 
HETATM 1041 O O   . HOH B 2 .   ? -15.111 -23.392 28.607  1.00 31.65 ? 513 HOH A O   1 
HETATM 1042 O O   . HOH B 2 .   ? -7.783  -1.687  -1.277  1.00 24.44 ? 514 HOH A O   1 
HETATM 1043 O O   . HOH B 2 .   ? -0.596  10.879  -18.290 1.00 25.56 ? 515 HOH A O   1 
HETATM 1044 O O   . HOH B 2 .   ? -6.403  -12.125 27.247  1.00 21.08 ? 516 HOH A O   1 
HETATM 1045 O O   . HOH B 2 .   ? -4.052  0.877   -7.207  1.00 24.32 ? 517 HOH A O   1 
HETATM 1046 O O   . HOH B 2 .   ? -10.526 -24.270 16.342  1.00 28.03 ? 518 HOH A O   1 
HETATM 1047 O O   . HOH B 2 .   ? 5.241   -1.363  -20.783 1.00 41.13 ? 519 HOH A O   1 
HETATM 1048 O O   . HOH B 2 .   ? 6.131   18.515  -7.205  1.00 36.50 ? 520 HOH A O   1 
HETATM 1049 O O   . HOH B 2 .   ? -4.120  -4.112  25.892  1.00 37.08 ? 521 HOH A O   1 
HETATM 1050 O O   . HOH B 2 .   ? -0.449  7.718   -4.219  1.00 23.25 ? 522 HOH A O   1 
HETATM 1051 O O   . HOH B 2 .   ? 10.631  -0.261  -15.038 1.00 17.85 ? 523 HOH A O   1 
HETATM 1052 O O   . HOH B 2 .   ? -9.657  -3.121  7.368   1.00 20.03 ? 524 HOH A O   1 
HETATM 1053 O O   . HOH B 2 .   ? 3.214   -2.605  -16.148 1.00 28.28 ? 525 HOH A O   1 
HETATM 1054 O O   . HOH B 2 .   ? 14.386  2.907   -20.907 1.00 33.75 ? 526 HOH A O   1 
HETATM 1055 O O   . HOH B 2 .   ? 9.680   17.602  -23.006 1.00 24.53 ? 527 HOH A O   1 
HETATM 1056 O O   . HOH B 2 .   ? -3.245  -12.119 13.495  1.00 21.28 ? 528 HOH A O   1 
HETATM 1057 O O   . HOH B 2 .   ? -5.461  1.546   18.054  1.00 34.97 ? 529 HOH A O   1 
HETATM 1058 O O   . HOH B 2 .   ? 7.196   -1.664  -10.451 1.00 18.41 ? 530 HOH A O   1 
HETATM 1059 O O   . HOH B 2 .   ? 3.448   14.694  -8.471  1.00 35.07 ? 531 HOH A O   1 
HETATM 1060 O O   . HOH B 2 .   ? 4.856   13.781  -15.253 1.00 18.24 ? 532 HOH A O   1 
HETATM 1061 O O   . HOH B 2 .   ? -0.417  -11.892 20.420  1.00 24.43 ? 533 HOH A O   1 
HETATM 1062 O O   . HOH B 2 .   ? 0.840   -1.088  -1.918  1.00 25.46 ? 534 HOH A O   1 
HETATM 1063 O O   . HOH B 2 .   ? 3.475   -8.539  11.996  1.00 36.06 ? 535 HOH A O   1 
HETATM 1064 O O   . HOH B 2 .   ? 14.233  20.084  -11.454 1.00 35.82 ? 536 HOH A O   1 
HETATM 1065 O O   . HOH B 2 .   ? 15.269  17.851  -10.207 1.00 25.06 ? 537 HOH A O   1 
HETATM 1066 O O   . HOH B 2 .   ? -3.212  9.231   -7.491  1.00 26.86 ? 538 HOH A O   1 
HETATM 1067 O O   . HOH B 2 .   ? 1.026   10.067  -4.270  1.00 37.78 ? 539 HOH A O   1 
HETATM 1068 O O   . HOH B 2 .   ? 2.375   2.398   -20.658 1.00 21.72 ? 540 HOH A O   1 
HETATM 1069 O O   . HOH B 2 .   ? 1.887   8.083   -23.083 1.00 37.99 ? 541 HOH A O   1 
HETATM 1070 O O   . HOH B 2 .   ? 2.703   15.642  -21.357 1.00 30.25 ? 542 HOH A O   1 
HETATM 1071 O O   . HOH B 2 .   ? -10.558 -18.687 28.958  1.00 23.86 ? 543 HOH A O   1 
HETATM 1072 O O   . HOH B 2 .   ? -4.416  6.750   -3.000  1.00 40.90 ? 544 HOH A O   1 
HETATM 1073 O O   . HOH B 2 .   ? 7.172   -1.418  -16.793 1.00 18.08 ? 545 HOH A O   1 
HETATM 1074 O O   . HOH B 2 .   ? -0.521  -3.872  -13.056 1.00 37.67 ? 546 HOH A O   1 
HETATM 1075 O O   . HOH B 2 .   ? 12.466  1.938   -19.999 1.00 26.34 ? 547 HOH A O   1 
HETATM 1076 O O   . HOH B 2 .   ? 9.045   9.105   -26.262 1.00 41.36 ? 548 HOH A O   1 
HETATM 1077 O O   . HOH B 2 .   ? -10.433 -10.101 3.841   1.00 41.39 ? 549 HOH A O   1 
HETATM 1078 O O   . HOH B 2 .   ? 18.796  14.174  -6.384  1.00 41.46 ? 550 HOH A O   1 
HETATM 1079 O O   . HOH B 2 .   ? 18.790  17.109  -11.060 1.00 23.94 ? 551 HOH A O   1 
HETATM 1080 O O   . HOH B 2 .   ? -2.793  -18.238 15.570  1.00 45.21 ? 552 HOH A O   1 
HETATM 1081 O O   . HOH B 2 .   ? 1.136   -1.367  10.466  1.00 41.11 ? 553 HOH A O   1 
HETATM 1082 O O   . HOH B 2 .   ? 11.446  12.306  -3.107  1.00 39.27 ? 554 HOH A O   1 
HETATM 1083 O O   . HOH B 2 .   ? -5.976  -0.480  0.764   1.00 24.31 ? 555 HOH A O   1 
HETATM 1084 O O   . HOH B 2 .   ? 7.077   25.392  -14.870 1.00 36.64 ? 556 HOH A O   1 
HETATM 1085 O O   . HOH B 2 .   ? -17.325 -24.218 20.720  1.00 28.23 ? 557 HOH A O   1 
HETATM 1086 O O   . HOH B 2 .   ? 15.799  17.126  -20.066 1.00 23.99 ? 558 HOH A O   1 
HETATM 1087 O O   . HOH B 2 .   ? -16.215 -20.212 12.539  1.00 38.95 ? 559 HOH A O   1 
HETATM 1088 O O   . HOH B 2 .   ? -12.545 -25.735 25.860  1.00 33.93 ? 560 HOH A O   1 
HETATM 1089 O O   . HOH B 2 .   ? 14.376  14.080  -8.332  1.00 25.77 ? 561 HOH A O   1 
HETATM 1090 O O   . HOH B 2 .   ? 19.671  15.770  -21.450 1.00 44.87 ? 562 HOH A O   1 
HETATM 1091 O O   . HOH B 2 .   ? -0.437  12.893  -10.453 1.00 35.36 ? 563 HOH A O   1 
HETATM 1092 O O   . HOH B 2 .   ? -5.250  -7.880  -0.171  1.00 36.11 ? 564 HOH A O   1 
HETATM 1093 O O   . HOH B 2 .   ? -4.268  2.888   -1.169  1.00 29.40 ? 565 HOH A O   1 
HETATM 1094 O O   . HOH B 2 .   ? 2.355   12.765  -14.252 1.00 18.76 ? 566 HOH A O   1 
HETATM 1095 O O   . HOH B 2 .   ? 1.813   9.882   -1.299  1.00 55.57 ? 567 HOH A O   1 
HETATM 1096 O O   . HOH B 2 .   ? 9.574   6.407   -27.325 1.00 41.25 ? 568 HOH A O   1 
HETATM 1097 O O   . HOH B 2 .   ? 0.899   7.097   -1.215  1.00 35.71 ? 569 HOH A O   1 
HETATM 1098 O O   . HOH B 2 .   ? -7.086  -24.310 21.353  1.00 35.34 ? 570 HOH A O   1 
HETATM 1099 O O   . HOH B 2 .   ? -0.280  -2.663  15.885  1.00 27.96 ? 571 HOH A O   1 
HETATM 1100 O O   . HOH B 2 .   ? -7.239  2.347   10.902  1.00 30.27 ? 572 HOH A O   1 
HETATM 1101 O O   . HOH B 2 .   ? 16.986  7.839   -4.237  1.00 35.97 ? 573 HOH A O   1 
HETATM 1102 O O   . HOH B 2 .   ? -0.465  -9.739  20.432  1.00 23.48 ? 574 HOH A O   1 
HETATM 1103 O O   . HOH B 2 .   ? 3.154   11.940  -7.925  1.00 23.61 ? 575 HOH A O   1 
HETATM 1104 O O   . HOH B 2 .   ? 14.404  17.399  -24.682 1.00 25.28 ? 576 HOH A O   1 
HETATM 1105 O O   . HOH B 2 .   ? -15.285 -2.833  11.891  1.00 24.82 ? 577 HOH A O   1 
HETATM 1106 O O   . HOH B 2 .   ? 8.596   11.940  -4.725  1.00 37.97 ? 578 HOH A O   1 
HETATM 1107 O O   . HOH B 2 .   ? -18.600 -17.646 14.201  1.00 27.98 ? 579 HOH A O   1 
HETATM 1108 O O   . HOH B 2 .   ? -12.624 -8.143  2.749   1.00 30.79 ? 580 HOH A O   1 
HETATM 1109 O O   . HOH B 2 .   ? 0.867   -16.950 19.836  1.00 27.57 ? 581 HOH A O   1 
HETATM 1110 O O   . HOH B 2 .   ? -5.279  3.161   7.651   1.00 42.99 ? 582 HOH A O   1 
HETATM 1111 O O   . HOH B 2 .   ? 15.420  15.325  -26.363 1.00 40.82 ? 583 HOH A O   1 
HETATM 1112 O O   . HOH B 2 .   ? 0.919   18.895  -12.979 1.00 35.18 ? 584 HOH A O   1 
HETATM 1113 O O   . HOH B 2 .   ? -8.282  -16.074 31.587  1.00 27.53 ? 585 HOH A O   1 
HETATM 1114 O O   . HOH B 2 .   ? -4.447  -3.543  22.163  1.00 31.82 ? 586 HOH A O   1 
HETATM 1115 O O   . HOH B 2 .   ? 3.020   14.732  -12.121 1.00 19.10 ? 587 HOH A O   1 
HETATM 1116 O O   . HOH B 2 .   ? -18.662 -9.216  14.575  1.00 36.30 ? 588 HOH A O   1 
HETATM 1117 O O   . HOH B 2 .   ? -5.851  -18.168 11.516  1.00 38.44 ? 589 HOH A O   1 
HETATM 1118 O O   . HOH B 2 .   ? -0.405  -3.630  -16.300 1.00 47.40 ? 590 HOH A O   1 
HETATM 1119 O O   . HOH B 2 .   ? -13.922 -4.861  2.474   1.00 39.05 ? 591 HOH A O   1 
HETATM 1120 O O   . HOH B 2 .   ? -18.646 -14.923 11.657  1.00 35.73 ? 592 HOH A O   1 
HETATM 1121 O O   . HOH B 2 .   ? 6.443   20.166  -8.990  1.00 35.42 ? 593 HOH A O   1 
HETATM 1122 O O   . HOH B 2 .   ? -3.580  -15.810 12.718  1.00 25.41 ? 594 HOH A O   1 
HETATM 1123 O O   . HOH B 2 .   ? -8.945  -5.759  -1.687  1.00 43.86 ? 595 HOH A O   1 
HETATM 1124 O O   . HOH B 2 .   ? -3.326  -13.790 15.565  1.00 19.92 ? 596 HOH A O   1 
HETATM 1125 O O   . HOH B 2 .   ? 4.677   -10.103 4.882   1.00 41.05 ? 597 HOH A O   1 
HETATM 1126 O O   . HOH B 2 .   ? 12.250  9.904   -0.856  1.00 32.35 ? 598 HOH A O   1 
HETATM 1127 O O   . HOH B 2 .   ? 3.249   -10.102 14.499  1.00 38.57 ? 599 HOH A O   1 
HETATM 1128 O O   . HOH B 2 .   ? -20.117 -13.287 15.125  1.00 39.61 ? 600 HOH A O   1 
HETATM 1129 O O   . HOH B 2 .   ? 1.579   -0.590  0.757   1.00 34.40 ? 601 HOH A O   1 
HETATM 1130 O O   . HOH B 2 .   ? -13.502 -27.070 22.562  1.00 41.68 ? 602 HOH A O   1 
HETATM 1131 O O   . HOH B 2 .   ? 16.362  23.661  -22.532 1.00 29.06 ? 603 HOH A O   1 
HETATM 1132 O O   . HOH B 2 .   ? -1.546  15.274  -20.129 1.00 42.69 ? 604 HOH A O   1 
HETATM 1133 O O   . HOH B 2 .   ? 4.917   0.653   -1.209  1.00 33.26 ? 605 HOH A O   1 
HETATM 1134 O O   . HOH B 2 .   ? 9.140   0.268   -11.115 1.00 28.17 ? 606 HOH A O   1 
HETATM 1135 O O   . HOH B 2 .   ? 18.742  10.520  -21.447 1.00 36.45 ? 607 HOH A O   1 
HETATM 1136 O O   . HOH B 2 .   ? -15.911 -0.756  9.735   1.00 39.80 ? 608 HOH A O   1 
HETATM 1137 O O   . HOH B 2 .   ? -3.154  12.732  -16.699 1.00 34.55 ? 609 HOH A O   1 
HETATM 1138 O O   . HOH B 2 .   ? 3.196   -14.615 15.100  1.00 45.65 ? 610 HOH A O   1 
HETATM 1139 O O   . HOH B 2 .   ? -18.331 -6.960  15.200  1.00 46.11 ? 611 HOH A O   1 
HETATM 1140 O O   . HOH B 2 .   ? -2.291  -15.825 14.946  1.00 33.42 ? 612 HOH A O   1 
HETATM 1141 O O   . HOH B 2 .   ? 6.812   18.924  -4.638  1.00 45.50 ? 613 HOH A O   1 
HETATM 1142 O O   . HOH B 2 .   ? 4.722   -11.876 15.172  1.00 47.47 ? 614 HOH A O   1 
HETATM 1143 O O   . HOH B 2 .   ? 19.155  24.530  -19.628 1.00 43.10 ? 615 HOH A O   1 
HETATM 1144 O O   . HOH B 2 .   ? 2.983   0.435   2.196   1.00 49.52 ? 616 HOH A O   1 
HETATM 1145 O O   . HOH B 2 .   ? -9.098  -12.326 28.266  1.00 23.23 ? 617 HOH A O   1 
HETATM 1146 O O   . HOH B 2 .   ? 22.642  15.814  -12.560 1.00 40.31 ? 618 HOH A O   1 
HETATM 1147 O O   . HOH B 2 .   ? -11.135 -12.578 4.632   1.00 43.08 ? 619 HOH A O   1 
HETATM 1148 O O   . HOH B 2 .   ? -2.929  5.424   -0.919  1.00 40.41 ? 620 HOH A O   1 
HETATM 1149 O O   . HOH B 2 .   ? -12.463 -1.564  21.740  1.00 41.51 ? 621 HOH A O   1 
HETATM 1150 O O   . HOH B 2 .   ? 18.301  17.195  -23.783 1.00 43.68 ? 622 HOH A O   1 
HETATM 1151 O O   . HOH B 2 .   ? -12.228 -28.122 25.914  1.00 46.49 ? 623 HOH A O   1 
HETATM 1152 O O   . HOH B 2 .   ? 1.781   15.206  -9.918  1.00 39.80 ? 624 HOH A O   1 
HETATM 1153 O O   . HOH B 2 .   ? -6.277  1.968   0.853   1.00 40.83 ? 625 HOH A O   1 
HETATM 1154 O O   . HOH B 2 .   ? -16.133 -26.731 21.372  1.00 41.25 ? 626 HOH A O   1 
HETATM 1155 O O   . HOH B 2 .   ? -5.095  -1.253  -8.523  1.00 32.86 ? 627 HOH A O   1 
HETATM 1156 O O   . HOH B 2 .   ? -3.717  -17.980 12.340  1.00 39.93 ? 628 HOH A O   1 
HETATM 1157 O O   . HOH B 2 .   ? -7.016  -3.738  -2.782  1.00 34.43 ? 629 HOH A O   1 
HETATM 1158 O O   . HOH B 2 .   ? -6.783  -23.374 19.517  1.00 46.33 ? 630 HOH A O   1 
HETATM 1159 O O   . HOH B 2 .   ? 16.837  18.923  -24.597 0.50 31.71 ? 631 HOH A O   1 
HETATM 1160 O O   . HOH B 2 .   ? -4.639  -4.786  -3.036  1.00 39.27 ? 632 HOH A O   1 
HETATM 1161 O O   . HOH B 2 .   ? 0.289   15.108  -22.011 1.00 36.52 ? 633 HOH A O   1 
HETATM 1162 O O   . HOH B 2 .   ? -4.119  -3.801  -7.648  1.00 40.13 ? 634 HOH A O   1 
HETATM 1163 O O   . HOH B 2 .   ? 1.887   -4.010  14.978  1.00 47.16 ? 635 HOH A O   1 
# 
